data_5VTR
#
_entry.id   5VTR
#
_cell.length_a   210.047
_cell.length_b   131.062
_cell.length_c   72.303
_cell.angle_alpha   90.00
_cell.angle_beta   98.63
_cell.angle_gamma   90.00
#
_symmetry.space_group_name_H-M   'C 1 2 1'
#
loop_
_entity.id
_entity.type
_entity.pdbx_description
1 polymer 'Hemagglutinin HA1 chain'
2 polymer 'Hemagglutinin HA2 chain'
3 branched beta-D-mannopyranose-(1-4)-2-acetamido-2-deoxy-beta-D-glucopyranose-(1-4)-2-acetamido-2-deoxy-beta-D-glucopyranose
4 branched 2-acetamido-2-deoxy-beta-D-glucopyranose-(1-4)-2-acetamido-2-deoxy-beta-D-glucopyranose
5 branched 'N-acetyl-alpha-neuraminic acid-(2-6)-beta-D-galactopyranose-(1-4)-2-acetamido-2-deoxy-beta-D-glucopyranose'
6 branched alpha-D-mannopyranose-(1-3)-[alpha-D-mannopyranose-(1-6)]beta-D-mannopyranose-(1-4)-2-acetamido-2-deoxy-beta-D-glucopyranose-(1-4)-2-acetamido-2-deoxy-beta-D-glucopyranose
7 non-polymer 2-acetamido-2-deoxy-beta-D-glucopyranose
8 non-polymer 'N-acetyl-alpha-neuraminic acid'
9 water water
#
loop_
_entity_poly.entity_id
_entity_poly.type
_entity_poly.pdbx_seq_one_letter_code
_entity_poly.pdbx_strand_id
1 'polypeptide(L)'
;ADPGATLCLGHHAVPNGTLVKTITDDQIEVTNATELVQSSSTGKICNNPHRILDGIDCTLIDALLGDPHCDVFQNETWDL
FVERSKAFSNCYPYDVPDYASLRSLVASSGTLEFITEGFTWTGVTQNGGSNACKRGPGSGFFSRLNWLTKSGSTYPVLNV
TMPNNDNFDKLYIWGVHHPSTNQEQTSLYVQASGRVTVSTRRSQQTIIPNIGSRPWVRLSSSRISIYWTIVKPGDVLVIN
SNGNLIAPRGYFKMRTGKSSIMRSDAPIDTCISECITPNGSIPNDKPFQNVNKITYGACPKYVKQNTLKLATGMRNVPEK
QTR
;
A,C,E
2 'polypeptide(L)'
;GLFGAIAGFIENGWEGMIDGWYGFRHQNSEGTGQAADLKSTQAAIDQINGKLNRVIEKTNEKFHQIEKEFSEVEGRIQDL
EKYVEDTKIDLWSYNAELLVALENQHTIDLTDSEMNKLFEKTGRQLRENAEDMGNGCFKIYHKCDNACIESIRNGTYDHD
VYRDEALNNRFQIK
;
B,D,F
#
loop_
_chem_comp.id
_chem_comp.type
_chem_comp.name
_chem_comp.formula
BMA D-saccharide, beta linking beta-D-mannopyranose 'C6 H12 O6'
GAL D-saccharide, beta linking beta-D-galactopyranose 'C6 H12 O6'
MAN D-saccharide, alpha linking alpha-D-mannopyranose 'C6 H12 O6'
NAG D-saccharide, beta linking 2-acetamido-2-deoxy-beta-D-glucopyranose 'C8 H15 N O6'
SIA D-saccharide, alpha linking 'N-acetyl-alpha-neuraminic acid' 'C11 H19 N O9'
#
# COMPACT_ATOMS: atom_id res chain seq x y z
N PRO A 3 -19.15 -33.38 58.11
CA PRO A 3 -18.17 -32.36 57.74
C PRO A 3 -17.12 -32.89 56.75
N GLY A 4 -17.18 -32.41 55.51
CA GLY A 4 -16.27 -32.83 54.43
C GLY A 4 -15.18 -31.82 54.09
N ALA A 5 -15.15 -31.34 52.84
CA ALA A 5 -14.13 -30.41 52.38
C ALA A 5 -14.58 -29.65 51.14
N THR A 6 -14.05 -28.44 50.95
CA THR A 6 -14.27 -27.65 49.74
C THR A 6 -12.94 -27.43 49.00
N LEU A 7 -12.97 -27.50 47.66
CA LEU A 7 -11.80 -27.29 46.80
C LEU A 7 -12.13 -26.24 45.76
N CYS A 8 -11.59 -25.03 45.94
CA CYS A 8 -11.82 -23.90 45.05
C CYS A 8 -10.74 -23.79 43.98
N LEU A 9 -11.19 -23.68 42.73
CA LEU A 9 -10.34 -23.37 41.59
C LEU A 9 -10.31 -21.85 41.37
N GLY A 10 -9.17 -21.34 40.95
CA GLY A 10 -9.02 -19.92 40.70
C GLY A 10 -7.79 -19.55 39.92
N HIS A 11 -7.56 -18.25 39.81
CA HIS A 11 -6.46 -17.70 39.01
C HIS A 11 -5.89 -16.48 39.73
N HIS A 12 -4.68 -16.09 39.33
CA HIS A 12 -4.00 -14.98 39.99
C HIS A 12 -4.58 -13.63 39.59
N ALA A 13 -4.14 -12.63 40.33
CA ALA A 13 -4.36 -11.23 40.00
C ALA A 13 -3.17 -10.47 40.54
N VAL A 14 -3.07 -9.20 40.14
CA VAL A 14 -1.94 -8.37 40.54
C VAL A 14 -2.48 -7.04 41.05
N PRO A 15 -1.68 -6.34 41.88
CA PRO A 15 -2.13 -5.04 42.34
C PRO A 15 -2.12 -3.99 41.23
N ASN A 16 -1.10 -4.02 40.35
CA ASN A 16 -1.00 -3.01 39.28
C ASN A 16 -1.05 -3.62 37.86
N GLY A 17 -2.25 -3.68 37.29
CA GLY A 17 -2.50 -4.16 35.92
C GLY A 17 -2.26 -3.10 34.85
N THR A 18 -2.35 -3.49 33.58
CA THR A 18 -2.25 -2.54 32.46
C THR A 18 -3.48 -2.61 31.58
N LEU A 19 -3.88 -1.47 31.02
CA LEU A 19 -4.99 -1.39 30.07
C LEU A 19 -4.55 -1.73 28.65
N VAL A 20 -5.35 -2.53 27.95
CA VAL A 20 -5.12 -2.87 26.56
C VAL A 20 -6.40 -2.78 25.75
N LYS A 21 -6.23 -2.79 24.43
CA LYS A 21 -7.34 -2.73 23.48
C LYS A 21 -7.60 -4.12 22.94
N THR A 22 -8.88 -4.41 22.70
CA THR A 22 -9.33 -5.70 22.17
C THR A 22 -10.34 -5.48 21.04
N ILE A 23 -10.97 -6.56 20.56
CA ILE A 23 -12.06 -6.46 19.58
C ILE A 23 -13.25 -5.70 20.19
N THR A 24 -13.57 -6.03 21.44
CA THR A 24 -14.78 -5.49 22.09
C THR A 24 -14.54 -4.28 22.99
N ASP A 25 -13.30 -4.06 23.43
CA ASP A 25 -13.01 -3.01 24.39
C ASP A 25 -11.87 -2.12 23.95
N ASP A 26 -12.07 -0.82 24.00
CA ASP A 26 -10.98 0.12 23.72
C ASP A 26 -10.01 0.23 24.91
N GLN A 27 -10.45 -0.03 26.13
CA GLN A 27 -9.58 -0.17 27.30
C GLN A 27 -10.13 -1.29 28.18
N ILE A 28 -9.30 -2.27 28.51
CA ILE A 28 -9.63 -3.29 29.49
C ILE A 28 -8.36 -3.84 30.15
N GLU A 29 -8.45 -4.22 31.42
CA GLU A 29 -7.27 -4.46 32.26
C GLU A 29 -6.79 -5.91 32.22
N VAL A 30 -5.50 -6.08 31.93
CA VAL A 30 -4.84 -7.39 31.99
C VAL A 30 -3.68 -7.34 32.99
N THR A 31 -3.14 -8.51 33.34
CA THR A 31 -2.07 -8.61 34.33
C THR A 31 -0.76 -8.01 33.87
N ASN A 32 -0.47 -8.12 32.58
CA ASN A 32 0.75 -7.55 32.04
C ASN A 32 0.60 -7.32 30.54
N ALA A 33 1.43 -6.44 30.00
CA ALA A 33 1.51 -6.22 28.58
C ALA A 33 2.89 -5.71 28.23
N THR A 34 3.19 -5.70 26.94
CA THR A 34 4.48 -5.26 26.44
C THR A 34 4.29 -4.31 25.27
N GLU A 35 5.18 -3.32 25.18
CA GLU A 35 5.10 -2.23 24.22
C GLU A 35 5.62 -2.70 22.86
N LEU A 36 4.81 -2.48 21.81
CA LEU A 36 5.20 -2.83 20.43
C LEU A 36 5.70 -1.65 19.58
N VAL A 37 5.62 -0.41 20.11
CA VAL A 37 6.09 0.77 19.37
C VAL A 37 7.32 1.39 20.03
N GLN A 38 8.43 1.39 19.30
CA GLN A 38 9.62 2.11 19.72
C GLN A 38 9.38 3.61 19.56
N SER A 39 9.39 4.35 20.66
CA SER A 39 9.10 5.79 20.61
C SER A 39 10.26 6.68 21.03
N SER A 40 11.43 6.09 21.27
CA SER A 40 12.61 6.86 21.69
C SER A 40 13.87 6.44 20.97
N SER A 41 14.83 7.37 20.96
CA SER A 41 16.16 7.20 20.38
C SER A 41 17.16 7.73 21.37
N THR A 42 18.40 7.24 21.31
CA THR A 42 19.50 7.85 22.09
C THR A 42 19.84 9.26 21.65
N GLY A 43 19.49 9.64 20.42
CA GLY A 43 19.89 10.93 19.87
C GLY A 43 21.21 10.88 19.12
N LYS A 44 21.77 9.68 18.99
CA LYS A 44 23.09 9.46 18.43
C LYS A 44 23.03 8.34 17.40
N ILE A 45 23.79 8.52 16.31
CA ILE A 45 23.91 7.51 15.26
C ILE A 45 25.10 6.59 15.57
N CYS A 46 24.81 5.32 15.78
CA CYS A 46 25.86 4.35 16.05
C CYS A 46 26.76 4.12 14.83
N ASN A 47 28.07 4.10 15.07
CA ASN A 47 29.05 3.91 14.01
C ASN A 47 29.23 2.48 13.50
N ASN A 48 28.60 1.50 14.17
CA ASN A 48 28.53 0.12 13.70
C ASN A 48 27.07 -0.37 13.69
N PRO A 49 26.72 -1.35 12.83
CA PRO A 49 27.62 -2.05 11.92
C PRO A 49 27.72 -1.47 10.51
N HIS A 50 27.00 -0.39 10.22
CA HIS A 50 27.04 0.21 8.90
C HIS A 50 28.17 1.24 8.84
N ARG A 51 28.85 1.30 7.71
CA ARG A 51 29.86 2.32 7.45
C ARG A 51 29.19 3.71 7.26
N ILE A 52 29.30 4.54 8.30
CA ILE A 52 28.71 5.88 8.31
C ILE A 52 29.78 6.85 7.86
N LEU A 53 29.44 7.73 6.92
CA LEU A 53 30.34 8.80 6.50
C LEU A 53 29.67 10.11 6.79
N ASP A 54 30.23 10.85 7.73
CA ASP A 54 29.81 12.16 8.10
C ASP A 54 30.26 13.14 7.02
N GLY A 55 29.31 13.81 6.40
CA GLY A 55 29.62 14.81 5.36
C GLY A 55 30.20 16.09 5.89
N ILE A 56 30.06 16.31 7.20
CA ILE A 56 30.53 17.52 7.89
C ILE A 56 30.02 18.78 7.17
N ASP A 57 30.92 19.53 6.52
CA ASP A 57 30.59 20.77 5.83
C ASP A 57 30.15 20.54 4.39
N CYS A 58 30.04 19.27 3.96
CA CYS A 58 29.86 18.96 2.54
C CYS A 58 28.60 18.16 2.22
N THR A 59 27.87 18.58 1.19
CA THR A 59 26.85 17.75 0.58
C THR A 59 27.57 16.68 -0.20
N LEU A 60 26.88 15.57 -0.47
CA LEU A 60 27.42 14.53 -1.35
C LEU A 60 27.78 15.12 -2.71
N ILE A 61 26.95 16.01 -3.24
CA ILE A 61 27.23 16.59 -4.57
C ILE A 61 28.53 17.41 -4.57
N ASP A 62 28.77 18.20 -3.52
CA ASP A 62 30.03 18.97 -3.45
C ASP A 62 31.28 18.08 -3.30
N ALA A 63 31.13 16.96 -2.59
CA ALA A 63 32.20 15.97 -2.52
C ALA A 63 32.40 15.32 -3.88
N LEU A 64 31.30 15.01 -4.57
CA LEU A 64 31.36 14.45 -5.93
C LEU A 64 32.13 15.38 -6.85
N LEU A 65 31.71 16.63 -6.90
CA LEU A 65 32.28 17.58 -7.86
C LEU A 65 33.72 17.92 -7.51
N GLY A 66 34.02 17.94 -6.22
CA GLY A 66 35.35 18.24 -5.74
C GLY A 66 35.56 19.70 -5.38
N ASP A 67 34.55 20.28 -4.72
CA ASP A 67 34.66 21.56 -4.00
C ASP A 67 35.88 21.42 -3.04
N PRO A 68 36.85 22.37 -3.05
CA PRO A 68 38.09 22.18 -2.27
C PRO A 68 37.95 21.83 -0.79
N HIS A 69 37.07 22.52 -0.05
CA HIS A 69 36.85 22.15 1.36
C HIS A 69 36.25 20.75 1.52
N CYS A 70 35.83 20.11 0.42
CA CYS A 70 35.39 18.71 0.39
C CYS A 70 36.40 17.73 -0.22
N ASP A 71 37.61 18.19 -0.48
CA ASP A 71 38.66 17.30 -1.01
C ASP A 71 38.95 16.08 -0.16
N VAL A 72 38.74 16.20 1.15
CA VAL A 72 38.93 15.07 2.07
C VAL A 72 38.01 13.87 1.76
N PHE A 73 36.95 14.09 1.00
CA PHE A 73 36.04 13.01 0.59
C PHE A 73 36.43 12.27 -0.70
N GLN A 74 37.54 12.65 -1.34
CA GLN A 74 37.97 11.96 -2.54
C GLN A 74 38.06 10.45 -2.33
N ASN A 75 37.47 9.69 -3.26
CA ASN A 75 37.50 8.23 -3.21
C ASN A 75 36.84 7.57 -2.00
N GLU A 76 36.03 8.31 -1.24
CA GLU A 76 35.40 7.74 -0.04
C GLU A 76 34.31 6.74 -0.41
N THR A 77 33.94 5.91 0.54
CA THR A 77 32.84 4.98 0.38
C THR A 77 31.96 5.03 1.62
N TRP A 78 30.76 4.48 1.51
CA TRP A 78 29.81 4.52 2.63
C TRP A 78 28.70 3.52 2.43
N ASP A 79 28.09 3.09 3.54
CA ASP A 79 26.75 2.50 3.52
C ASP A 79 25.75 3.64 3.68
N LEU A 80 26.05 4.59 4.57
CA LEU A 80 25.17 5.73 4.78
C LEU A 80 25.97 7.00 4.83
N PHE A 81 25.73 7.87 3.86
CA PHE A 81 26.30 9.22 3.83
C PHE A 81 25.33 10.14 4.56
N VAL A 82 25.86 10.92 5.50
CA VAL A 82 25.03 11.76 6.35
C VAL A 82 25.29 13.22 5.99
N GLU A 83 24.29 13.90 5.45
CA GLU A 83 24.39 15.33 5.16
C GLU A 83 23.90 16.16 6.33
N ARG A 84 24.68 17.18 6.69
CA ARG A 84 24.42 18.03 7.84
C ARG A 84 23.80 19.35 7.41
N SER A 85 22.95 19.92 8.27
CA SER A 85 22.31 21.21 7.96
C SER A 85 23.33 22.38 7.85
N LYS A 86 24.47 22.24 8.50
CA LYS A 86 25.57 23.23 8.40
C LYS A 86 26.36 23.19 7.08
N ALA A 87 26.12 22.22 6.19
CA ALA A 87 26.88 22.15 4.95
C ALA A 87 26.73 23.40 4.10
N PHE A 88 27.79 23.75 3.38
CA PHE A 88 27.83 24.89 2.48
C PHE A 88 28.68 24.60 1.25
N SER A 89 28.36 25.26 0.14
CA SER A 89 29.19 25.21 -1.06
C SER A 89 30.19 26.36 -1.02
N ASN A 90 31.39 26.16 -1.55
CA ASN A 90 32.41 27.21 -1.57
C ASN A 90 33.31 27.15 -2.81
N CYS A 91 32.69 26.93 -3.96
CA CYS A 91 33.41 26.86 -5.21
C CYS A 91 32.60 27.71 -6.21
N TYR A 92 32.77 27.46 -7.51
CA TYR A 92 32.03 28.22 -8.51
C TYR A 92 30.55 27.94 -8.34
N PRO A 93 29.70 28.95 -8.52
CA PRO A 93 28.28 28.69 -8.33
C PRO A 93 27.74 27.83 -9.49
N TYR A 94 26.84 26.92 -9.13
CA TYR A 94 26.39 25.90 -10.03
C TYR A 94 24.97 25.47 -9.73
N ASP A 95 24.32 24.87 -10.71
CA ASP A 95 23.08 24.12 -10.48
C ASP A 95 23.21 22.74 -11.12
N VAL A 96 22.36 21.83 -10.66
CA VAL A 96 22.23 20.52 -11.27
C VAL A 96 20.76 20.34 -11.63
N PRO A 97 20.44 20.44 -12.93
CA PRO A 97 19.10 19.99 -13.33
C PRO A 97 18.91 18.53 -12.90
N ASP A 98 17.82 18.25 -12.22
CA ASP A 98 17.62 16.92 -11.65
C ASP A 98 18.70 16.59 -10.58
N TYR A 99 19.03 17.58 -9.79
CA TYR A 99 19.88 17.42 -8.59
C TYR A 99 19.51 16.15 -7.80
N ALA A 100 18.21 15.99 -7.54
CA ALA A 100 17.75 14.89 -6.70
C ALA A 100 18.15 13.53 -7.27
N SER A 101 18.03 13.36 -8.59
CA SER A 101 18.42 12.10 -9.23
C SER A 101 19.93 11.84 -9.16
N LEU A 102 20.74 12.86 -9.40
CA LEU A 102 22.21 12.65 -9.36
C LEU A 102 22.64 12.29 -7.96
N ARG A 103 22.09 13.02 -6.99
CA ARG A 103 22.34 12.73 -5.57
C ARG A 103 21.89 11.31 -5.20
N SER A 104 20.74 10.90 -5.72
CA SER A 104 20.23 9.57 -5.45
C SER A 104 21.13 8.48 -6.04
N LEU A 105 21.48 8.60 -7.30
CA LEU A 105 22.22 7.53 -7.95
C LEU A 105 23.62 7.40 -7.35
N VAL A 106 24.25 8.53 -7.00
CA VAL A 106 25.56 8.48 -6.38
C VAL A 106 25.43 7.89 -4.98
N ALA A 107 24.45 8.36 -4.20
CA ALA A 107 24.23 7.85 -2.84
C ALA A 107 24.06 6.33 -2.81
N SER A 108 23.33 5.84 -3.79
CA SER A 108 23.03 4.43 -3.94
C SER A 108 24.23 3.61 -4.41
N SER A 109 25.08 4.23 -5.22
CA SER A 109 26.30 3.59 -5.68
C SER A 109 27.27 3.34 -4.50
N GLY A 110 27.32 4.25 -3.54
CA GLY A 110 28.06 4.06 -2.30
C GLY A 110 29.56 4.36 -2.38
N THR A 111 29.99 5.00 -3.46
CA THR A 111 31.39 5.31 -3.68
C THR A 111 31.60 6.57 -4.52
N LEU A 112 32.72 7.26 -4.24
CA LEU A 112 33.25 8.37 -5.04
C LEU A 112 34.59 8.03 -5.71
N GLU A 113 34.94 6.74 -5.76
CA GLU A 113 36.12 6.28 -6.51
C GLU A 113 36.19 6.88 -7.91
N PHE A 114 37.24 7.65 -8.19
CA PHE A 114 37.43 8.36 -9.45
C PHE A 114 38.68 7.83 -10.18
N ILE A 115 38.52 7.54 -11.46
CA ILE A 115 39.60 7.04 -12.31
C ILE A 115 39.84 8.12 -13.37
N THR A 116 41.04 8.70 -13.35
CA THR A 116 41.42 9.74 -14.29
C THR A 116 41.68 9.12 -15.66
N GLU A 117 41.24 9.80 -16.72
CA GLU A 117 41.40 9.33 -18.12
C GLU A 117 42.08 10.43 -18.92
N GLY A 118 42.98 10.05 -19.82
CA GLY A 118 43.77 11.01 -20.57
C GLY A 118 43.04 11.57 -21.78
N PHE A 119 42.05 12.42 -21.53
CA PHE A 119 41.36 13.15 -22.61
C PHE A 119 42.32 14.14 -23.29
N THR A 120 42.24 14.21 -24.62
CA THR A 120 43.05 15.13 -25.41
C THR A 120 42.20 16.29 -25.93
N TRP A 121 42.43 17.48 -25.37
CA TRP A 121 41.70 18.68 -25.73
C TRP A 121 42.63 19.55 -26.57
N THR A 122 42.61 19.31 -27.88
CA THR A 122 43.53 20.00 -28.78
C THR A 122 43.09 21.45 -29.04
N GLY A 123 44.01 22.39 -28.77
CA GLY A 123 43.84 23.80 -29.14
C GLY A 123 43.02 24.62 -28.16
N VAL A 124 42.94 24.17 -26.91
CA VAL A 124 42.33 24.97 -25.84
C VAL A 124 43.22 24.99 -24.61
N THR A 125 42.96 25.93 -23.72
CA THR A 125 43.65 26.05 -22.45
C THR A 125 42.88 25.23 -21.44
N GLN A 126 43.61 24.48 -20.62
CA GLN A 126 43.01 23.62 -19.61
C GLN A 126 43.20 24.18 -18.23
N ASN A 127 42.53 23.55 -17.27
CA ASN A 127 42.70 23.81 -15.85
C ASN A 127 42.34 25.24 -15.43
N GLY A 128 41.33 25.81 -16.08
CA GLY A 128 40.84 27.13 -15.69
C GLY A 128 40.36 27.11 -14.25
N GLY A 129 40.54 28.24 -13.57
CA GLY A 129 40.12 28.40 -12.19
C GLY A 129 39.47 29.76 -11.95
N SER A 130 39.03 29.96 -10.71
CA SER A 130 38.36 31.18 -10.31
C SER A 130 38.61 31.45 -8.85
N ASN A 131 38.54 32.73 -8.49
CA ASN A 131 38.64 33.16 -7.10
C ASN A 131 37.39 32.81 -6.31
N ALA A 132 36.30 32.45 -7.00
CA ALA A 132 35.13 31.86 -6.34
C ALA A 132 35.40 30.50 -5.70
N CYS A 133 36.47 29.84 -6.17
CA CYS A 133 36.80 28.47 -5.77
C CYS A 133 38.30 28.36 -5.44
N LYS A 134 38.70 29.00 -4.34
CA LYS A 134 40.09 29.00 -3.89
C LYS A 134 40.58 27.63 -3.45
N ARG A 135 41.83 27.37 -3.81
CA ARG A 135 42.53 26.12 -3.53
C ARG A 135 43.93 26.55 -3.10
N GLY A 136 44.20 26.46 -1.80
CA GLY A 136 45.34 27.14 -1.23
C GLY A 136 45.14 28.64 -1.38
N PRO A 137 46.22 29.39 -1.66
CA PRO A 137 46.08 30.84 -1.79
C PRO A 137 45.47 31.33 -3.11
N GLY A 138 45.60 30.53 -4.18
CA GLY A 138 45.25 31.00 -5.53
C GLY A 138 43.90 30.51 -5.99
N SER A 139 43.53 30.91 -7.19
CA SER A 139 42.28 30.52 -7.78
C SER A 139 42.31 29.01 -8.09
N GLY A 140 41.14 28.41 -8.13
CA GLY A 140 41.01 26.98 -8.32
C GLY A 140 39.67 26.61 -8.89
N PHE A 141 39.34 25.33 -8.78
CA PHE A 141 38.16 24.78 -9.41
C PHE A 141 37.82 23.43 -8.81
N PHE A 142 36.64 22.93 -9.17
CA PHE A 142 36.22 21.57 -8.80
C PHE A 142 37.30 20.58 -9.22
N SER A 143 37.75 19.72 -8.32
CA SER A 143 38.85 18.79 -8.62
C SER A 143 38.59 17.86 -9.80
N ARG A 144 37.32 17.48 -10.02
CA ARG A 144 36.97 16.49 -11.06
C ARG A 144 36.55 17.06 -12.41
N LEU A 145 36.59 18.37 -12.53
CA LEU A 145 36.21 19.07 -13.73
C LEU A 145 37.36 19.91 -14.23
N ASN A 146 37.34 20.13 -15.54
CA ASN A 146 38.42 20.78 -16.26
C ASN A 146 37.83 21.90 -17.09
N TRP A 147 38.00 23.13 -16.61
CA TRP A 147 37.46 24.31 -17.28
C TRP A 147 38.34 24.64 -18.48
N LEU A 148 37.77 24.49 -19.68
CA LEU A 148 38.47 24.76 -20.92
C LEU A 148 38.08 26.13 -21.46
N THR A 149 39.09 26.89 -21.89
CA THR A 149 38.91 28.19 -22.51
C THR A 149 39.83 28.27 -23.74
N LYS A 150 39.76 29.36 -24.48
CA LYS A 150 40.56 29.54 -25.69
C LYS A 150 42.07 29.43 -25.44
N SER A 151 42.77 29.01 -26.49
CA SER A 151 44.22 29.05 -26.58
C SER A 151 44.57 30.04 -27.68
N GLY A 152 45.40 31.02 -27.37
CA GLY A 152 45.63 32.16 -28.26
C GLY A 152 44.33 32.93 -28.49
N SER A 153 43.83 32.88 -29.72
CA SER A 153 42.59 33.58 -30.10
C SER A 153 41.55 32.67 -30.79
N THR A 154 41.64 31.37 -30.52
CA THR A 154 40.77 30.37 -31.13
C THR A 154 40.30 29.36 -30.07
N TYR A 155 39.07 28.87 -30.27
CA TYR A 155 38.53 27.71 -29.57
C TYR A 155 37.97 26.83 -30.67
N PRO A 156 38.70 25.76 -31.05
CA PRO A 156 38.25 24.92 -32.16
C PRO A 156 37.08 24.01 -31.76
N VAL A 157 36.52 23.29 -32.72
CA VAL A 157 35.54 22.25 -32.42
C VAL A 157 36.27 21.13 -31.71
N LEU A 158 35.94 20.92 -30.44
CA LEU A 158 36.46 19.80 -29.68
C LEU A 158 35.65 18.59 -30.04
N ASN A 159 36.33 17.50 -30.34
CA ASN A 159 35.68 16.24 -30.69
C ASN A 159 36.54 15.10 -30.14
N VAL A 160 36.14 14.54 -29.00
CA VAL A 160 36.92 13.46 -28.36
C VAL A 160 36.09 12.25 -28.02
N THR A 161 36.79 11.12 -27.89
CA THR A 161 36.17 9.84 -27.61
C THR A 161 36.84 9.17 -26.43
N MET A 162 36.07 8.41 -25.67
CA MET A 162 36.60 7.55 -24.62
C MET A 162 35.75 6.29 -24.59
N PRO A 163 36.28 5.17 -25.13
CA PRO A 163 35.50 3.94 -25.12
C PRO A 163 35.60 3.28 -23.75
N ASN A 164 34.56 2.51 -23.41
CA ASN A 164 34.55 1.72 -22.19
C ASN A 164 34.83 0.28 -22.57
N ASN A 165 36.09 -0.13 -22.41
CA ASN A 165 36.49 -1.50 -22.63
C ASN A 165 36.68 -2.25 -21.31
N ASP A 166 36.16 -1.68 -20.23
CA ASP A 166 36.09 -2.39 -18.96
C ASP A 166 34.79 -3.20 -18.90
N ASN A 167 34.62 -3.96 -17.82
CA ASN A 167 33.41 -4.76 -17.57
C ASN A 167 32.49 -4.14 -16.50
N PHE A 168 32.62 -2.84 -16.26
CA PHE A 168 31.78 -2.13 -15.30
C PHE A 168 31.25 -0.86 -15.95
N ASP A 169 30.26 -0.23 -15.33
CA ASP A 169 29.71 1.02 -15.85
C ASP A 169 30.56 2.20 -15.40
N LYS A 170 30.69 3.18 -16.28
CA LYS A 170 31.38 4.42 -15.97
C LYS A 170 30.35 5.53 -15.81
N LEU A 171 30.50 6.34 -14.75
CA LEU A 171 29.69 7.56 -14.56
C LEU A 171 30.55 8.80 -14.83
N TYR A 172 30.20 9.54 -15.87
CA TYR A 172 30.89 10.77 -16.19
C TYR A 172 30.08 11.98 -15.74
N ILE A 173 30.74 12.88 -15.01
CA ILE A 173 30.17 14.14 -14.58
C ILE A 173 30.82 15.23 -15.41
N TRP A 174 30.00 16.11 -15.98
CA TRP A 174 30.48 17.18 -16.84
C TRP A 174 29.57 18.37 -16.67
N GLY A 175 29.87 19.46 -17.38
CA GLY A 175 29.08 20.66 -17.21
C GLY A 175 29.17 21.62 -18.36
N VAL A 176 28.39 22.69 -18.21
CA VAL A 176 28.28 23.75 -19.20
C VAL A 176 28.32 25.08 -18.47
N HIS A 177 29.16 25.99 -18.95
CA HIS A 177 29.30 27.31 -18.38
C HIS A 177 28.32 28.29 -19.02
N HIS A 178 27.55 28.98 -18.19
CA HIS A 178 26.63 30.01 -18.60
C HIS A 178 27.22 31.37 -18.22
N PRO A 179 27.83 32.10 -19.18
CA PRO A 179 28.37 33.42 -18.86
C PRO A 179 27.30 34.49 -18.65
N SER A 180 27.65 35.55 -17.92
CA SER A 180 26.71 36.63 -17.64
C SER A 180 26.57 37.63 -18.77
N THR A 181 27.62 37.83 -19.57
CA THR A 181 27.65 38.81 -20.66
C THR A 181 28.19 38.20 -21.95
N ASN A 182 27.83 38.81 -23.09
CA ASN A 182 28.38 38.41 -24.40
C ASN A 182 29.89 38.64 -24.46
N GLN A 183 30.34 39.70 -23.79
CA GLN A 183 31.75 40.03 -23.68
C GLN A 183 32.51 38.86 -23.04
N GLU A 184 31.97 38.34 -21.94
CA GLU A 184 32.56 37.17 -21.25
C GLU A 184 32.58 35.91 -22.14
N GLN A 185 31.45 35.61 -22.77
CA GLN A 185 31.33 34.49 -23.71
C GLN A 185 32.43 34.50 -24.76
N THR A 186 32.53 35.60 -25.51
CA THR A 186 33.50 35.70 -26.62
C THR A 186 34.94 35.76 -26.11
N SER A 187 35.13 36.42 -24.97
CA SER A 187 36.44 36.53 -24.34
C SER A 187 37.03 35.17 -23.92
N LEU A 188 36.18 34.28 -23.40
CA LEU A 188 36.60 32.94 -22.99
C LEU A 188 36.53 31.89 -24.09
N TYR A 189 35.54 31.97 -24.98
CA TYR A 189 35.30 30.88 -25.93
C TYR A 189 35.29 31.29 -27.42
N VAL A 190 35.58 32.56 -27.71
CA VAL A 190 35.60 33.11 -29.08
C VAL A 190 34.22 33.15 -29.73
N GLN A 191 33.65 31.97 -30.01
CA GLN A 191 32.32 31.87 -30.60
C GLN A 191 31.25 32.56 -29.74
N ALA A 192 30.29 33.20 -30.39
CA ALA A 192 29.25 33.99 -29.72
C ALA A 192 28.20 33.14 -29.00
N SER A 193 28.01 31.92 -29.48
CA SER A 193 27.16 30.94 -28.81
C SER A 193 27.88 29.58 -28.79
N GLY A 194 28.06 29.03 -27.60
CA GLY A 194 28.65 27.70 -27.45
C GLY A 194 27.63 26.61 -27.64
N ARG A 195 28.07 25.38 -27.38
CA ARG A 195 27.21 24.19 -27.47
C ARG A 195 28.01 23.01 -26.91
N VAL A 196 27.34 22.15 -26.15
CA VAL A 196 27.94 20.92 -25.67
C VAL A 196 27.01 19.76 -26.01
N THR A 197 27.57 18.79 -26.73
CA THR A 197 26.87 17.56 -27.09
C THR A 197 27.69 16.39 -26.53
N VAL A 198 27.08 15.64 -25.61
CA VAL A 198 27.69 14.46 -25.02
C VAL A 198 26.78 13.27 -25.35
N SER A 199 27.36 12.23 -25.96
CA SER A 199 26.57 11.12 -26.49
C SER A 199 27.23 9.78 -26.29
N THR A 200 26.40 8.74 -26.32
CA THR A 200 26.82 7.36 -26.41
C THR A 200 26.11 6.77 -27.63
N ARG A 201 26.25 5.46 -27.85
CA ARG A 201 25.50 4.81 -28.94
C ARG A 201 23.98 4.97 -28.83
N ARG A 202 23.46 4.95 -27.62
CA ARG A 202 22.01 4.85 -27.37
C ARG A 202 21.34 6.17 -26.95
N SER A 203 22.12 7.11 -26.39
CA SER A 203 21.56 8.36 -25.87
C SER A 203 22.41 9.55 -26.31
N GLN A 204 21.83 10.73 -26.18
CA GLN A 204 22.56 11.98 -26.43
C GLN A 204 21.95 13.12 -25.61
N GLN A 205 22.81 14.06 -25.22
CA GLN A 205 22.40 15.28 -24.52
C GLN A 205 23.04 16.44 -25.26
N THR A 206 22.24 17.43 -25.66
CA THR A 206 22.80 18.69 -26.19
C THR A 206 22.35 19.86 -25.31
N ILE A 207 23.31 20.64 -24.85
CA ILE A 207 23.00 21.79 -24.00
C ILE A 207 23.54 23.02 -24.68
N ILE A 208 22.67 24.02 -24.84
CA ILE A 208 23.06 25.31 -25.37
C ILE A 208 23.24 26.21 -24.14
N PRO A 209 24.38 26.90 -24.03
CA PRO A 209 24.49 27.85 -22.95
C PRO A 209 23.58 29.05 -23.12
N ASN A 210 23.44 29.80 -22.04
CA ASN A 210 22.54 30.92 -21.96
C ASN A 210 23.27 32.09 -21.32
N ILE A 211 23.34 33.19 -22.03
CA ILE A 211 24.04 34.36 -21.53
C ILE A 211 23.06 35.23 -20.74
N GLY A 212 23.50 35.72 -19.58
CA GLY A 212 22.67 36.56 -18.70
C GLY A 212 23.11 36.53 -17.24
N SER A 213 22.86 37.61 -16.50
CA SER A 213 23.15 37.63 -15.08
C SER A 213 22.19 36.74 -14.30
N ARG A 214 22.77 36.02 -13.36
CA ARG A 214 22.05 35.36 -12.24
C ARG A 214 22.44 36.10 -10.96
N PRO A 215 21.86 35.72 -9.80
CA PRO A 215 22.28 36.44 -8.59
C PRO A 215 23.72 36.22 -8.25
N TRP A 216 24.34 37.23 -7.62
CA TRP A 216 25.77 37.19 -7.31
C TRP A 216 25.97 36.19 -6.18
N VAL A 217 26.76 35.15 -6.45
CA VAL A 217 27.08 34.14 -5.46
C VAL A 217 28.57 33.93 -5.51
N ARG A 218 29.23 34.14 -4.36
CA ARG A 218 30.66 33.91 -4.24
C ARG A 218 31.44 34.48 -5.43
N LEU A 219 31.25 35.78 -5.64
CA LEU A 219 32.01 36.57 -6.64
C LEU A 219 31.58 36.44 -8.11
N SER A 220 30.46 35.78 -8.40
CA SER A 220 30.09 35.54 -9.78
C SER A 220 28.60 35.58 -10.05
N SER A 221 28.25 36.22 -11.17
CA SER A 221 26.90 36.20 -11.73
C SER A 221 26.74 35.07 -12.73
N SER A 222 27.83 34.38 -13.06
CA SER A 222 27.76 33.29 -14.02
C SER A 222 27.41 32.01 -13.28
N ARG A 223 27.12 30.98 -14.05
CA ARG A 223 26.81 29.66 -13.50
C ARG A 223 27.41 28.52 -14.31
N ILE A 224 27.57 27.40 -13.65
CA ILE A 224 27.86 26.15 -14.32
C ILE A 224 26.68 25.22 -14.06
N SER A 225 26.22 24.53 -15.11
CA SER A 225 25.16 23.53 -14.94
C SER A 225 25.80 22.17 -15.07
N ILE A 226 25.48 21.28 -14.14
CA ILE A 226 26.08 19.95 -14.10
C ILE A 226 25.17 18.89 -14.69
N TYR A 227 25.76 18.03 -15.52
CA TYR A 227 25.09 16.90 -16.15
C TYR A 227 25.91 15.63 -15.96
N TRP A 228 25.25 14.50 -16.21
CA TRP A 228 25.89 13.21 -16.08
C TRP A 228 25.50 12.27 -17.23
N THR A 229 26.38 11.32 -17.51
CA THR A 229 26.21 10.33 -18.55
C THR A 229 26.84 9.04 -18.08
N ILE A 230 26.08 7.96 -18.10
CA ILE A 230 26.62 6.63 -17.80
C ILE A 230 26.96 5.90 -19.08
N VAL A 231 28.15 5.30 -19.13
CA VAL A 231 28.62 4.56 -20.29
C VAL A 231 28.78 3.09 -19.91
N LYS A 232 28.07 2.21 -20.60
CA LYS A 232 28.07 0.78 -20.27
C LYS A 232 29.24 0.09 -20.99
N PRO A 233 29.62 -1.13 -20.52
CA PRO A 233 30.64 -1.90 -21.22
C PRO A 233 30.32 -2.10 -22.69
N GLY A 234 31.30 -1.81 -23.54
CA GLY A 234 31.15 -1.95 -24.98
C GLY A 234 30.64 -0.69 -25.67
N ASP A 235 30.22 0.30 -24.89
CA ASP A 235 29.69 1.55 -25.42
C ASP A 235 30.84 2.55 -25.44
N VAL A 236 30.58 3.76 -25.94
CA VAL A 236 31.63 4.76 -26.09
C VAL A 236 31.08 6.16 -25.81
N LEU A 237 31.87 6.99 -25.14
CA LEU A 237 31.51 8.37 -24.85
C LEU A 237 32.10 9.25 -25.94
N VAL A 238 31.30 10.17 -26.48
CA VAL A 238 31.82 11.19 -27.38
C VAL A 238 31.40 12.54 -26.83
N ILE A 239 32.33 13.48 -26.85
CA ILE A 239 32.07 14.83 -26.39
C ILE A 239 32.41 15.76 -27.54
N ASN A 240 31.43 16.53 -27.97
CA ASN A 240 31.56 17.47 -29.08
C ASN A 240 31.16 18.87 -28.61
N SER A 241 32.05 19.84 -28.76
CA SER A 241 31.77 21.20 -28.28
C SER A 241 32.56 22.25 -29.02
N ASN A 242 31.90 23.37 -29.31
CA ASN A 242 32.57 24.55 -29.86
C ASN A 242 32.59 25.71 -28.84
N GLY A 243 32.50 25.38 -27.56
CA GLY A 243 32.55 26.39 -26.52
C GLY A 243 31.73 26.02 -25.31
N ASN A 244 32.17 26.52 -24.14
CA ASN A 244 31.44 26.45 -22.85
C ASN A 244 31.45 25.08 -22.16
N LEU A 245 32.25 24.14 -22.68
CA LEU A 245 32.38 22.82 -22.08
C LEU A 245 33.16 22.93 -20.79
N ILE A 246 32.58 22.35 -19.74
CA ILE A 246 33.29 22.02 -18.51
C ILE A 246 33.52 20.52 -18.55
N ALA A 247 34.74 20.12 -18.89
CA ALA A 247 35.06 18.73 -19.26
C ALA A 247 35.27 17.82 -18.04
N PRO A 248 34.96 16.52 -18.19
CA PRO A 248 35.31 15.56 -17.15
C PRO A 248 36.79 15.26 -17.20
N ARG A 249 37.38 14.93 -16.05
CA ARG A 249 38.77 14.47 -15.99
C ARG A 249 38.87 12.96 -15.98
N GLY A 250 37.74 12.27 -16.10
CA GLY A 250 37.68 10.84 -15.85
C GLY A 250 36.26 10.45 -15.51
N TYR A 251 36.11 9.30 -14.86
CA TYR A 251 34.82 8.74 -14.53
C TYR A 251 34.81 8.25 -13.12
N PHE A 252 33.60 8.17 -12.56
CA PHE A 252 33.38 7.54 -11.28
C PHE A 252 32.96 6.10 -11.49
N LYS A 253 33.47 5.23 -10.63
CA LYS A 253 33.09 3.84 -10.64
C LYS A 253 31.72 3.71 -9.97
N MET A 254 30.84 2.93 -10.55
CA MET A 254 29.51 2.65 -9.99
C MET A 254 29.47 1.28 -9.36
N ARG A 255 28.80 1.16 -8.22
CA ARG A 255 28.46 -0.13 -7.59
C ARG A 255 26.98 -0.20 -7.39
N THR A 256 26.50 -1.39 -7.06
CA THR A 256 25.14 -1.56 -6.59
C THR A 256 25.29 -2.26 -5.26
N GLY A 257 24.32 -2.07 -4.38
CA GLY A 257 24.45 -2.50 -2.99
C GLY A 257 23.49 -1.77 -2.10
N LYS A 258 23.84 -1.68 -0.83
CA LYS A 258 22.97 -1.22 0.24
C LYS A 258 23.18 0.25 0.64
N SER A 259 23.89 1.01 -0.18
CA SER A 259 24.27 2.36 0.21
C SER A 259 23.11 3.33 0.06
N SER A 260 23.09 4.36 0.91
CA SER A 260 22.08 5.42 0.83
C SER A 260 22.63 6.72 1.45
N ILE A 261 21.72 7.67 1.67
CA ILE A 261 22.05 8.96 2.17
C ILE A 261 20.94 9.39 3.11
N MET A 262 21.28 10.17 4.13
CA MET A 262 20.32 10.64 5.11
C MET A 262 20.67 12.06 5.56
N ARG A 263 19.66 12.89 5.74
CA ARG A 263 19.80 14.23 6.34
C ARG A 263 19.62 14.11 7.84
N SER A 264 20.63 14.50 8.61
CA SER A 264 20.59 14.38 10.07
C SER A 264 21.66 15.23 10.71
N ASP A 265 21.32 15.79 11.86
CA ASP A 265 22.30 16.48 12.67
C ASP A 265 22.71 15.68 13.92
N ALA A 266 22.32 14.41 14.00
CA ALA A 266 22.66 13.59 15.16
C ALA A 266 24.18 13.33 15.17
N PRO A 267 24.81 13.45 16.33
CA PRO A 267 26.23 13.08 16.35
C PRO A 267 26.44 11.56 16.18
N ILE A 268 27.56 11.18 15.57
CA ILE A 268 27.93 9.77 15.44
C ILE A 268 28.69 9.35 16.71
N ASP A 269 28.37 8.17 17.23
CA ASP A 269 28.90 7.69 18.50
C ASP A 269 29.35 6.24 18.34
N THR A 270 30.16 5.74 19.26
CA THR A 270 30.61 4.34 19.25
C THR A 270 29.59 3.43 19.96
N CYS A 271 28.80 2.73 19.15
CA CYS A 271 27.82 1.76 19.61
C CYS A 271 27.41 0.89 18.42
N ILE A 272 26.52 -0.06 18.66
CA ILE A 272 26.06 -0.97 17.64
C ILE A 272 24.53 -0.86 17.55
N SER A 273 24.04 -0.47 16.37
CA SER A 273 22.61 -0.46 16.11
C SER A 273 22.32 -0.68 14.63
N GLU A 274 21.49 -1.69 14.35
CA GLU A 274 21.10 -1.99 12.99
C GLU A 274 20.28 -0.86 12.36
N CYS A 275 19.42 -0.22 13.15
CA CYS A 275 18.47 0.77 12.65
C CYS A 275 18.90 2.21 12.95
N ILE A 276 18.84 3.05 11.93
CA ILE A 276 19.25 4.44 12.01
C ILE A 276 18.09 5.32 11.54
N THR A 277 17.83 6.38 12.29
CA THR A 277 16.88 7.40 11.88
C THR A 277 17.60 8.73 11.95
N PRO A 278 17.03 9.78 11.35
CA PRO A 278 17.60 11.12 11.53
C PRO A 278 17.69 11.61 13.00
N ASN A 279 16.81 11.07 13.85
CA ASN A 279 16.82 11.38 15.28
C ASN A 279 17.95 10.67 16.01
N GLY A 280 18.54 9.67 15.36
CA GLY A 280 19.56 8.81 15.95
C GLY A 280 19.18 7.37 15.73
N SER A 281 20.01 6.47 16.22
CA SER A 281 19.75 5.05 16.13
C SER A 281 18.63 4.67 17.07
N ILE A 282 17.90 3.63 16.71
CA ILE A 282 16.86 3.09 17.58
C ILE A 282 17.01 1.58 17.66
N PRO A 283 16.60 1.00 18.79
CA PRO A 283 16.56 -0.46 18.82
C PRO A 283 15.51 -1.04 17.85
N ASN A 284 15.70 -2.29 17.46
CA ASN A 284 14.78 -3.00 16.58
C ASN A 284 14.16 -4.27 17.19
N ASP A 285 14.05 -4.34 18.51
CA ASP A 285 13.37 -5.50 19.14
C ASP A 285 11.86 -5.43 18.95
N LYS A 286 11.32 -4.22 18.83
CA LYS A 286 9.88 -4.04 18.62
C LYS A 286 9.51 -3.99 17.13
N PRO A 287 8.30 -4.46 16.78
CA PRO A 287 7.92 -4.54 15.37
C PRO A 287 7.50 -3.19 14.76
N PHE A 288 7.10 -2.23 15.59
CA PHE A 288 6.69 -0.90 15.13
C PHE A 288 7.49 0.21 15.78
N GLN A 289 7.45 1.40 15.16
CA GLN A 289 8.14 2.58 15.70
C GLN A 289 7.46 3.86 15.24
N ASN A 290 7.59 4.88 16.08
CA ASN A 290 6.94 6.18 15.93
C ASN A 290 7.99 7.31 15.92
N VAL A 291 9.27 6.96 15.71
CA VAL A 291 10.33 7.93 15.82
C VAL A 291 10.43 8.74 14.53
N ASN A 292 10.53 8.06 13.41
CA ASN A 292 10.66 8.75 12.13
C ASN A 292 10.38 7.80 11.00
N LYS A 293 9.67 8.32 10.01
CA LYS A 293 9.34 7.54 8.81
C LYS A 293 10.58 7.37 7.93
N ILE A 294 11.59 8.22 8.11
CA ILE A 294 12.87 8.04 7.47
C ILE A 294 13.68 7.08 8.31
N THR A 295 14.02 5.93 7.73
CA THR A 295 14.90 4.97 8.39
C THR A 295 15.89 4.37 7.39
N TYR A 296 16.95 3.79 7.94
CA TYR A 296 17.94 3.00 7.21
C TYR A 296 18.28 1.78 8.07
N GLY A 297 18.30 0.60 7.45
CA GLY A 297 18.66 -0.65 8.08
C GLY A 297 17.49 -1.50 8.50
N ALA A 298 17.76 -2.48 9.34
CA ALA A 298 16.75 -3.37 9.85
C ALA A 298 15.98 -2.65 10.94
N CYS A 299 14.81 -2.11 10.56
CA CYS A 299 14.05 -1.22 11.40
C CYS A 299 12.65 -1.71 11.65
N PRO A 300 12.08 -1.37 12.84
CA PRO A 300 10.63 -1.51 12.99
C PRO A 300 9.92 -0.67 11.94
N LYS A 301 8.70 -1.05 11.61
CA LYS A 301 7.90 -0.35 10.62
C LYS A 301 7.30 0.91 11.26
N TYR A 302 7.39 2.03 10.56
CA TYR A 302 6.83 3.27 11.06
C TYR A 302 5.29 3.25 11.06
N VAL A 303 4.72 3.63 12.21
CA VAL A 303 3.27 3.76 12.42
C VAL A 303 2.97 5.07 13.16
N LYS A 304 1.71 5.48 13.13
CA LYS A 304 1.29 6.75 13.71
C LYS A 304 1.07 6.69 15.23
N GLN A 305 0.77 5.51 15.76
CA GLN A 305 0.52 5.37 17.19
C GLN A 305 1.84 5.53 17.94
N ASN A 306 1.83 6.26 19.05
CA ASN A 306 3.03 6.30 19.92
C ASN A 306 3.07 5.15 20.95
N THR A 307 1.95 4.45 21.13
CA THR A 307 1.93 3.24 21.95
C THR A 307 0.92 2.20 21.44
N LEU A 308 1.34 0.94 21.45
CA LEU A 308 0.43 -0.20 21.27
C LEU A 308 0.84 -1.32 22.21
N LYS A 309 -0.09 -1.74 23.08
CA LYS A 309 0.20 -2.74 24.11
C LYS A 309 -0.32 -4.11 23.71
N LEU A 310 0.58 -5.08 23.70
CA LEU A 310 0.22 -6.48 23.49
C LEU A 310 0.08 -7.13 24.85
N ALA A 311 -1.12 -7.64 25.15
CA ALA A 311 -1.38 -8.32 26.38
C ALA A 311 -0.50 -9.56 26.48
N THR A 312 0.18 -9.70 27.62
CA THR A 312 1.01 -10.86 27.93
C THR A 312 0.49 -11.56 29.19
N GLY A 313 -0.77 -11.31 29.53
CA GLY A 313 -1.41 -12.05 30.61
C GLY A 313 -2.92 -12.03 30.53
N MET A 314 -3.54 -12.76 31.45
CA MET A 314 -4.99 -12.85 31.55
C MET A 314 -5.62 -11.54 32.00
N ARG A 315 -6.94 -11.50 31.94
CA ARG A 315 -7.73 -10.41 32.51
C ARG A 315 -7.42 -10.27 34.02
N ASN A 316 -7.17 -9.05 34.48
CA ASN A 316 -6.85 -8.79 35.88
C ASN A 316 -8.12 -8.37 36.64
N VAL A 317 -8.55 -9.21 37.57
CA VAL A 317 -9.82 -9.04 38.29
C VAL A 317 -9.47 -8.94 39.77
N PRO A 318 -9.35 -7.69 40.29
CA PRO A 318 -9.15 -7.59 41.75
C PRO A 318 -10.42 -7.97 42.52
N GLU A 319 -10.27 -8.41 43.77
CA GLU A 319 -11.44 -8.72 44.60
C GLU A 319 -12.21 -7.41 44.86
N LYS A 320 -13.53 -7.42 44.62
CA LYS A 320 -14.40 -6.24 44.78
C LYS A 320 -14.06 -5.54 46.09
N GLN A 321 -13.71 -4.26 46.06
CA GLN A 321 -13.23 -3.67 47.30
C GLN A 321 -14.29 -2.88 48.03
N THR A 322 -14.13 -2.87 49.35
CA THR A 322 -15.07 -2.32 50.31
C THR A 322 -14.93 -0.83 50.45
N ARG A 323 -13.91 -0.26 49.82
CA ARG A 323 -13.71 1.17 49.83
C ARG A 323 -13.33 1.59 48.44
N GLY B 1 -14.77 -13.14 28.74
CA GLY B 1 -14.24 -14.05 27.70
C GLY B 1 -15.21 -15.13 27.29
N LEU B 2 -14.86 -15.85 26.23
CA LEU B 2 -15.75 -16.83 25.61
C LEU B 2 -16.14 -17.99 26.51
N PHE B 3 -15.29 -18.32 27.50
CA PHE B 3 -15.56 -19.47 28.38
C PHE B 3 -16.27 -19.15 29.68
N GLY B 4 -16.25 -17.88 30.08
CA GLY B 4 -17.02 -17.42 31.24
C GLY B 4 -16.46 -17.77 32.59
N ALA B 5 -15.19 -18.15 32.65
CA ALA B 5 -14.57 -18.48 33.94
C ALA B 5 -14.00 -17.20 34.54
N ILE B 6 -12.96 -16.66 33.91
CA ILE B 6 -12.27 -15.49 34.41
C ILE B 6 -13.19 -14.29 34.21
N ALA B 7 -13.43 -13.53 35.27
CA ALA B 7 -14.43 -12.46 35.27
C ALA B 7 -15.84 -12.98 34.98
N GLY B 8 -16.08 -14.24 35.31
CA GLY B 8 -17.36 -14.88 35.04
C GLY B 8 -17.83 -15.59 36.29
N PHE B 9 -17.88 -16.93 36.25
CA PHE B 9 -18.34 -17.71 37.40
C PHE B 9 -17.30 -17.74 38.54
N ILE B 10 -16.04 -17.43 38.21
CA ILE B 10 -15.01 -17.17 39.22
C ILE B 10 -15.00 -15.67 39.49
N GLU B 11 -15.46 -15.31 40.70
CA GLU B 11 -15.72 -13.92 41.08
C GLU B 11 -14.54 -13.00 40.90
N ASN B 12 -13.37 -13.46 41.31
CA ASN B 12 -12.17 -12.67 41.14
C ASN B 12 -10.89 -13.49 41.25
N GLY B 13 -9.78 -12.82 40.93
CA GLY B 13 -8.46 -13.40 41.07
C GLY B 13 -7.92 -13.37 42.49
N TRP B 14 -6.75 -13.98 42.65
CA TRP B 14 -6.08 -14.07 43.92
C TRP B 14 -4.75 -13.33 43.80
N GLU B 15 -4.69 -12.12 44.38
CA GLU B 15 -3.41 -11.42 44.53
C GLU B 15 -2.37 -12.24 45.31
N GLY B 16 -2.85 -13.04 46.26
CA GLY B 16 -2.01 -13.90 47.07
C GLY B 16 -1.25 -15.01 46.36
N MET B 17 -1.76 -15.45 45.20
CA MET B 17 -1.08 -16.50 44.44
C MET B 17 0.06 -15.94 43.60
N ILE B 18 1.27 -16.01 44.15
CA ILE B 18 2.46 -15.42 43.53
C ILE B 18 3.37 -16.45 42.85
N ASP B 19 3.04 -17.74 42.96
CA ASP B 19 3.88 -18.83 42.40
C ASP B 19 3.25 -19.50 41.16
N GLY B 20 2.20 -18.89 40.60
CA GLY B 20 1.53 -19.46 39.42
C GLY B 20 0.35 -18.63 38.97
N TRP B 21 -0.21 -19.00 37.82
CA TRP B 21 -1.30 -18.27 37.17
C TRP B 21 -2.66 -18.84 37.53
N TYR B 22 -2.74 -20.16 37.65
CA TYR B 22 -3.95 -20.85 38.05
C TYR B 22 -3.63 -21.77 39.21
N GLY B 23 -4.64 -22.05 40.03
CA GLY B 23 -4.43 -23.00 41.12
C GLY B 23 -5.59 -23.21 42.05
N PHE B 24 -5.26 -23.84 43.19
CA PHE B 24 -6.23 -24.43 44.09
C PHE B 24 -6.22 -23.73 45.45
N ARG B 25 -7.41 -23.50 46.00
CA ARG B 25 -7.59 -23.20 47.43
C ARG B 25 -8.53 -24.23 48.04
N HIS B 26 -8.17 -24.76 49.21
CA HIS B 26 -8.95 -25.79 49.89
C HIS B 26 -9.28 -25.44 51.33
N GLN B 27 -10.36 -26.03 51.82
CA GLN B 27 -10.65 -26.10 53.26
C GLN B 27 -11.00 -27.55 53.59
N ASN B 28 -10.32 -28.13 54.58
CA ASN B 28 -10.58 -29.48 55.07
C ASN B 28 -10.46 -29.50 56.59
N SER B 29 -10.54 -30.69 57.19
CA SER B 29 -10.34 -30.89 58.63
C SER B 29 -9.05 -30.25 59.20
N GLU B 30 -7.95 -30.36 58.44
CA GLU B 30 -6.64 -29.85 58.89
C GLU B 30 -6.41 -28.34 58.75
N GLY B 31 -7.31 -27.61 58.08
CA GLY B 31 -7.21 -26.14 57.92
C GLY B 31 -7.38 -25.72 56.47
N THR B 32 -6.77 -24.58 56.12
CA THR B 32 -6.81 -24.06 54.74
C THR B 32 -5.41 -23.95 54.14
N GLY B 33 -5.36 -23.92 52.80
CA GLY B 33 -4.10 -23.83 52.06
C GLY B 33 -4.24 -23.49 50.59
N GLN B 34 -3.12 -23.16 49.97
CA GLN B 34 -3.07 -22.71 48.59
C GLN B 34 -1.93 -23.36 47.82
N ALA B 35 -2.19 -23.74 46.57
CA ALA B 35 -1.15 -24.25 45.69
C ALA B 35 -1.44 -23.97 44.21
N ALA B 36 -0.40 -23.58 43.49
CA ALA B 36 -0.47 -23.31 42.06
C ALA B 36 -0.48 -24.60 41.26
N ASP B 37 -1.25 -24.63 40.17
CA ASP B 37 -1.17 -25.70 39.18
C ASP B 37 -0.15 -25.31 38.12
N LEU B 38 0.87 -26.13 37.94
CA LEU B 38 1.97 -25.84 37.03
C LEU B 38 1.60 -26.05 35.55
N LYS B 39 0.86 -27.11 35.25
CA LYS B 39 0.55 -27.46 33.87
C LYS B 39 -0.28 -26.40 33.15
N SER B 40 -1.34 -25.94 33.80
CA SER B 40 -2.22 -24.91 33.21
C SER B 40 -1.48 -23.58 33.13
N THR B 41 -0.75 -23.23 34.19
CA THR B 41 0.08 -22.04 34.20
C THR B 41 1.04 -22.04 33.01
N GLN B 42 1.72 -23.16 32.80
CA GLN B 42 2.72 -23.27 31.73
C GLN B 42 2.08 -23.28 30.31
N ALA B 43 0.93 -23.93 30.17
CA ALA B 43 0.17 -23.91 28.92
C ALA B 43 -0.18 -22.48 28.45
N ALA B 44 -0.60 -21.64 29.38
CA ALA B 44 -0.92 -20.24 29.10
C ALA B 44 0.34 -19.50 28.71
N ILE B 45 1.36 -19.60 29.55
CA ILE B 45 2.64 -18.92 29.35
C ILE B 45 3.28 -19.33 28.01
N ASP B 46 3.29 -20.63 27.71
CA ASP B 46 3.85 -21.12 26.44
C ASP B 46 3.13 -20.56 25.23
N GLN B 47 1.80 -20.50 25.30
CA GLN B 47 1.01 -19.92 24.20
C GLN B 47 1.24 -18.42 24.05
N ILE B 48 1.42 -17.73 25.18
CA ILE B 48 1.69 -16.28 25.14
C ILE B 48 3.11 -16.01 24.67
N ASN B 49 4.07 -16.81 25.12
CA ASN B 49 5.44 -16.72 24.59
C ASN B 49 5.47 -16.96 23.09
N GLY B 50 4.69 -17.94 22.64
CA GLY B 50 4.57 -18.27 21.22
C GLY B 50 4.14 -17.10 20.38
N LYS B 51 3.03 -16.45 20.76
CA LYS B 51 2.54 -15.27 20.02
C LYS B 51 3.46 -14.04 20.12
N LEU B 52 4.06 -13.84 21.29
CA LEU B 52 5.08 -12.80 21.46
C LEU B 52 6.24 -12.98 20.46
N ASN B 53 6.81 -14.19 20.39
CA ASN B 53 7.92 -14.42 19.47
C ASN B 53 7.53 -14.31 17.99
N ARG B 54 6.30 -14.68 17.66
CA ARG B 54 5.77 -14.48 16.30
C ARG B 54 5.65 -12.99 15.97
N VAL B 55 5.11 -12.21 16.89
CA VAL B 55 4.93 -10.77 16.70
C VAL B 55 6.24 -9.99 16.62
N ILE B 56 7.21 -10.30 17.47
CA ILE B 56 8.49 -9.55 17.50
C ILE B 56 9.57 -10.11 16.55
N GLU B 57 9.12 -10.84 15.54
CA GLU B 57 9.98 -11.49 14.57
C GLU B 57 10.43 -10.40 13.59
N LYS B 58 11.73 -10.14 13.59
CA LYS B 58 12.29 -9.08 12.77
C LYS B 58 12.13 -9.51 11.30
N THR B 59 11.43 -8.70 10.50
CA THR B 59 11.11 -9.08 9.11
C THR B 59 11.26 -8.01 8.04
N ASN B 60 11.90 -6.87 8.33
CA ASN B 60 12.14 -5.91 7.26
C ASN B 60 13.40 -5.08 7.48
N GLU B 61 14.23 -5.10 6.45
CA GLU B 61 15.49 -4.39 6.38
C GLU B 61 15.45 -3.62 5.06
N LYS B 62 15.53 -2.30 5.15
CA LYS B 62 15.41 -1.39 4.01
C LYS B 62 16.56 -0.43 3.97
N PHE B 63 17.07 -0.17 2.77
CA PHE B 63 18.26 0.66 2.58
C PHE B 63 17.89 1.93 1.81
N HIS B 64 18.31 2.09 0.56
CA HIS B 64 17.90 3.26 -0.22
C HIS B 64 16.42 3.16 -0.61
N GLN B 65 15.70 4.24 -0.35
CA GLN B 65 14.25 4.31 -0.51
C GLN B 65 13.94 5.61 -1.26
N ILE B 66 12.80 6.22 -1.01
CA ILE B 66 12.49 7.56 -1.53
C ILE B 66 12.68 8.58 -0.41
N GLU B 67 12.89 9.83 -0.82
CA GLU B 67 12.93 10.96 0.09
C GLU B 67 11.51 11.20 0.62
N LYS B 68 11.45 11.66 1.87
CA LYS B 68 10.20 11.82 2.61
C LYS B 68 9.98 13.19 3.23
N GLU B 69 11.00 14.03 3.20
CA GLU B 69 10.92 15.44 3.56
C GLU B 69 11.52 16.24 2.43
N PHE B 70 11.04 17.46 2.23
CA PHE B 70 11.38 18.25 1.04
C PHE B 70 11.58 19.70 1.43
N SER B 71 12.62 20.34 0.93
CA SER B 71 12.89 21.73 1.28
C SER B 71 12.28 22.73 0.27
N GLU B 72 11.88 22.24 -0.89
CA GLU B 72 11.34 23.04 -1.99
C GLU B 72 9.95 22.54 -2.39
N VAL B 73 9.08 23.46 -2.78
CA VAL B 73 7.81 23.10 -3.42
C VAL B 73 8.11 22.68 -4.86
N GLU B 74 7.60 21.52 -5.27
CA GLU B 74 7.85 21.00 -6.63
C GLU B 74 6.60 20.57 -7.43
N GLY B 75 5.52 20.23 -6.75
CA GLY B 75 4.28 19.85 -7.40
C GLY B 75 4.08 18.35 -7.58
N ARG B 76 3.74 17.95 -8.80
CA ARG B 76 3.23 16.61 -9.12
C ARG B 76 4.07 15.43 -8.58
N ILE B 77 5.35 15.42 -8.88
CA ILE B 77 6.23 14.33 -8.44
C ILE B 77 6.30 14.24 -6.92
N GLN B 78 6.44 15.38 -6.26
CA GLN B 78 6.48 15.43 -4.80
C GLN B 78 5.13 15.05 -4.20
N ASP B 79 4.03 15.47 -4.80
CA ASP B 79 2.70 15.07 -4.33
C ASP B 79 2.58 13.56 -4.27
N LEU B 80 3.08 12.91 -5.31
CA LEU B 80 3.02 11.45 -5.41
C LEU B 80 3.94 10.74 -4.38
N GLU B 81 5.17 11.21 -4.27
CA GLU B 81 6.11 10.73 -3.25
C GLU B 81 5.49 10.82 -1.84
N LYS B 82 4.92 11.97 -1.49
CA LYS B 82 4.25 12.12 -0.18
C LYS B 82 3.07 11.19 -0.01
N TYR B 83 2.25 11.11 -1.04
CA TYR B 83 1.03 10.28 -1.01
C TYR B 83 1.37 8.82 -0.89
N VAL B 84 2.40 8.37 -1.61
CA VAL B 84 2.87 6.99 -1.48
C VAL B 84 3.24 6.69 -0.01
N GLU B 85 4.02 7.57 0.62
CA GLU B 85 4.47 7.33 2.00
C GLU B 85 3.31 7.41 2.98
N ASP B 86 2.46 8.40 2.79
CA ASP B 86 1.29 8.56 3.65
C ASP B 86 0.35 7.35 3.54
N THR B 87 0.18 6.82 2.33
CA THR B 87 -0.62 5.61 2.10
C THR B 87 -0.04 4.40 2.85
N LYS B 88 1.26 4.23 2.73
CA LYS B 88 1.98 3.13 3.37
C LYS B 88 1.82 3.19 4.88
N ILE B 89 2.08 4.36 5.42
CA ILE B 89 2.04 4.55 6.88
C ILE B 89 0.65 4.26 7.43
N ASP B 90 -0.39 4.71 6.71
CA ASP B 90 -1.75 4.47 7.15
C ASP B 90 -2.06 2.99 7.16
N LEU B 91 -1.66 2.28 6.11
CA LEU B 91 -1.88 0.82 6.03
C LEU B 91 -1.14 0.08 7.14
N TRP B 92 0.13 0.45 7.37
CA TRP B 92 0.87 -0.16 8.47
C TRP B 92 0.26 0.18 9.83
N SER B 93 -0.13 1.44 10.04
CA SER B 93 -0.81 1.83 11.29
C SER B 93 -2.08 0.99 11.52
N TYR B 94 -2.86 0.75 10.46
CA TYR B 94 -4.04 -0.11 10.56
C TYR B 94 -3.67 -1.55 10.92
N ASN B 95 -2.70 -2.13 10.23
CA ASN B 95 -2.26 -3.47 10.54
C ASN B 95 -1.89 -3.60 12.00
N ALA B 96 -1.16 -2.62 12.51
CA ALA B 96 -0.71 -2.64 13.88
C ALA B 96 -1.90 -2.60 14.86
N GLU B 97 -2.84 -1.71 14.61
CA GLU B 97 -4.06 -1.62 15.43
C GLU B 97 -4.87 -2.92 15.44
N LEU B 98 -5.11 -3.48 14.26
CA LEU B 98 -5.84 -4.76 14.13
C LEU B 98 -5.09 -5.88 14.84
N LEU B 99 -3.78 -5.94 14.63
CA LEU B 99 -2.97 -7.01 15.20
C LEU B 99 -3.16 -7.07 16.71
N VAL B 100 -3.03 -5.92 17.39
CA VAL B 100 -3.09 -5.97 18.84
C VAL B 100 -4.51 -6.30 19.30
N ALA B 101 -5.50 -5.75 18.62
CA ALA B 101 -6.90 -6.06 18.93
C ALA B 101 -7.18 -7.56 18.87
N LEU B 102 -6.82 -8.19 17.76
CA LEU B 102 -7.04 -9.63 17.59
C LEU B 102 -6.24 -10.44 18.61
N GLU B 103 -4.95 -10.11 18.71
CA GLU B 103 -4.07 -10.80 19.65
C GLU B 103 -4.63 -10.73 21.07
N ASN B 104 -5.06 -9.55 21.50
CA ASN B 104 -5.48 -9.33 22.89
C ASN B 104 -6.83 -9.99 23.19
N GLN B 105 -7.77 -9.89 22.27
CA GLN B 105 -9.01 -10.65 22.40
C GLN B 105 -8.72 -12.14 22.60
N HIS B 106 -7.89 -12.68 21.73
CA HIS B 106 -7.50 -14.09 21.79
C HIS B 106 -6.76 -14.46 23.07
N THR B 107 -5.86 -13.58 23.53
CA THR B 107 -5.11 -13.83 24.76
C THR B 107 -6.05 -13.95 25.97
N ILE B 108 -7.03 -13.05 26.03
CA ILE B 108 -8.05 -13.10 27.08
C ILE B 108 -8.87 -14.39 26.95
N ASP B 109 -9.30 -14.74 25.74
CA ASP B 109 -10.07 -15.97 25.54
C ASP B 109 -9.29 -17.24 25.86
N LEU B 110 -7.98 -17.26 25.61
CA LEU B 110 -7.20 -18.48 25.82
C LEU B 110 -6.84 -18.64 27.30
N THR B 111 -6.67 -17.53 28.02
CA THR B 111 -6.44 -17.59 29.45
C THR B 111 -7.71 -18.02 30.16
N ASP B 112 -8.84 -17.47 29.73
CA ASP B 112 -10.17 -17.88 30.19
C ASP B 112 -10.36 -19.37 29.93
N SER B 113 -10.02 -19.82 28.72
CA SER B 113 -10.07 -21.23 28.34
C SER B 113 -9.25 -22.14 29.24
N GLU B 114 -8.01 -21.75 29.54
CA GLU B 114 -7.15 -22.58 30.37
C GLU B 114 -7.67 -22.73 31.79
N MET B 115 -8.25 -21.66 32.34
CA MET B 115 -8.94 -21.74 33.64
C MET B 115 -10.03 -22.80 33.57
N ASN B 116 -10.88 -22.68 32.55
CA ASN B 116 -11.98 -23.60 32.33
C ASN B 116 -11.50 -25.05 32.14
N LYS B 117 -10.41 -25.24 31.40
CA LYS B 117 -9.84 -26.59 31.18
C LYS B 117 -9.42 -27.25 32.50
N LEU B 118 -8.80 -26.48 33.39
CA LEU B 118 -8.40 -26.99 34.71
C LEU B 118 -9.61 -27.37 35.55
N PHE B 119 -10.62 -26.50 35.53
CA PHE B 119 -11.87 -26.75 36.23
C PHE B 119 -12.61 -28.02 35.78
N GLU B 120 -12.73 -28.22 34.47
CA GLU B 120 -13.40 -29.40 33.93
C GLU B 120 -12.60 -30.68 34.22
N LYS B 121 -11.28 -30.57 34.19
CA LYS B 121 -10.40 -31.70 34.49
C LYS B 121 -10.56 -32.16 35.95
N THR B 122 -10.63 -31.18 36.85
CA THR B 122 -10.81 -31.42 38.27
C THR B 122 -12.18 -32.09 38.51
N GLY B 123 -13.23 -31.48 37.97
CA GLY B 123 -14.59 -32.05 38.02
C GLY B 123 -14.65 -33.51 37.60
N ARG B 124 -13.91 -33.86 36.54
CA ARG B 124 -13.83 -35.22 36.03
C ARG B 124 -13.06 -36.19 36.91
N GLN B 125 -12.00 -35.72 37.56
CA GLN B 125 -11.29 -36.50 38.59
C GLN B 125 -12.21 -36.98 39.71
N LEU B 126 -12.97 -36.02 40.25
CA LEU B 126 -13.82 -36.24 41.41
C LEU B 126 -15.06 -37.09 41.14
N ARG B 127 -15.38 -37.36 39.87
CA ARG B 127 -16.47 -38.26 39.50
C ARG B 127 -17.72 -37.93 40.32
N GLU B 128 -18.22 -38.85 41.15
CA GLU B 128 -19.44 -38.65 41.91
C GLU B 128 -19.18 -38.27 43.38
N ASN B 129 -17.91 -38.02 43.73
CA ASN B 129 -17.55 -37.73 45.12
C ASN B 129 -17.57 -36.23 45.45
N ALA B 130 -18.04 -35.39 44.52
CA ALA B 130 -18.14 -33.93 44.75
C ALA B 130 -19.19 -33.28 43.88
N GLU B 131 -19.53 -32.04 44.21
CA GLU B 131 -20.50 -31.25 43.44
C GLU B 131 -20.01 -29.82 43.19
N ASP B 132 -20.31 -29.33 41.99
CA ASP B 132 -19.99 -27.97 41.57
C ASP B 132 -20.90 -26.95 42.29
N MET B 133 -20.34 -26.17 43.22
CA MET B 133 -21.11 -25.09 43.88
C MET B 133 -21.50 -23.96 42.91
N GLY B 134 -20.78 -23.82 41.80
CA GLY B 134 -21.10 -22.83 40.75
C GLY B 134 -20.25 -21.56 40.75
N ASN B 135 -19.26 -21.51 41.65
CA ASN B 135 -18.42 -20.34 41.85
C ASN B 135 -16.93 -20.71 41.74
N GLY B 136 -16.65 -21.79 41.03
CA GLY B 136 -15.29 -22.33 40.95
C GLY B 136 -14.92 -23.30 42.05
N CYS B 137 -15.83 -23.55 43.00
CA CYS B 137 -15.54 -24.43 44.15
C CYS B 137 -16.34 -25.71 44.12
N PHE B 138 -15.64 -26.82 44.32
CA PHE B 138 -16.28 -28.12 44.53
C PHE B 138 -16.47 -28.35 46.02
N LYS B 139 -17.67 -28.73 46.41
CA LYS B 139 -17.88 -29.30 47.73
C LYS B 139 -17.61 -30.80 47.62
N ILE B 140 -16.58 -31.26 48.32
CA ILE B 140 -16.23 -32.67 48.36
C ILE B 140 -16.95 -33.27 49.56
N TYR B 141 -17.59 -34.42 49.34
CA TYR B 141 -18.48 -35.01 50.34
C TYR B 141 -17.79 -36.16 51.11
N HIS B 142 -16.55 -35.94 51.53
CA HIS B 142 -15.82 -36.89 52.35
C HIS B 142 -14.60 -36.27 53.04
N LYS B 143 -14.07 -36.99 54.01
CA LYS B 143 -12.83 -36.59 54.68
C LYS B 143 -11.69 -36.57 53.66
N CYS B 144 -11.12 -35.38 53.44
CA CYS B 144 -10.00 -35.22 52.52
C CYS B 144 -8.87 -34.48 53.21
N ASP B 145 -8.07 -35.27 53.93
CA ASP B 145 -6.82 -34.80 54.56
C ASP B 145 -5.84 -34.25 53.52
N ASN B 146 -4.79 -33.58 53.99
CA ASN B 146 -3.82 -32.93 53.07
C ASN B 146 -3.21 -33.89 52.04
N ALA B 147 -3.04 -35.17 52.42
CA ALA B 147 -2.63 -36.22 51.49
C ALA B 147 -3.62 -36.40 50.34
N CYS B 148 -4.91 -36.36 50.68
CA CYS B 148 -6.00 -36.49 49.72
C CYS B 148 -6.10 -35.26 48.81
N ILE B 149 -5.96 -34.06 49.37
CA ILE B 149 -5.99 -32.83 48.59
C ILE B 149 -4.84 -32.81 47.60
N GLU B 150 -3.63 -33.02 48.09
CA GLU B 150 -2.43 -33.10 47.22
C GLU B 150 -2.58 -34.21 46.16
N SER B 151 -3.31 -35.30 46.45
CA SER B 151 -3.61 -36.34 45.44
C SER B 151 -4.45 -35.83 44.28
N ILE B 152 -5.41 -34.94 44.59
CA ILE B 152 -6.23 -34.29 43.57
C ILE B 152 -5.37 -33.34 42.75
N ARG B 153 -4.55 -32.55 43.42
CA ARG B 153 -3.71 -31.56 42.75
C ARG B 153 -2.63 -32.19 41.86
N ASN B 154 -1.97 -33.27 42.33
CA ASN B 154 -0.92 -33.95 41.53
C ASN B 154 -1.44 -35.16 40.71
N GLY B 155 -2.76 -35.28 40.59
CA GLY B 155 -3.37 -36.19 39.62
C GLY B 155 -3.47 -37.67 40.00
N THR B 156 -3.24 -38.02 41.27
CA THR B 156 -3.25 -39.43 41.72
C THR B 156 -4.49 -39.86 42.50
N TYR B 157 -5.41 -38.94 42.76
CA TYR B 157 -6.66 -39.20 43.49
C TYR B 157 -7.47 -40.33 42.84
N ASP B 158 -7.63 -41.45 43.55
CA ASP B 158 -8.50 -42.55 43.14
C ASP B 158 -9.86 -42.28 43.74
N HIS B 159 -10.88 -42.09 42.89
CA HIS B 159 -12.23 -41.81 43.37
C HIS B 159 -12.94 -43.05 43.96
N ASP B 160 -12.56 -44.26 43.52
CA ASP B 160 -13.19 -45.49 44.04
C ASP B 160 -12.97 -45.67 45.55
N VAL B 161 -11.80 -45.25 46.04
CA VAL B 161 -11.45 -45.28 47.47
C VAL B 161 -12.51 -44.60 48.35
N TYR B 162 -12.96 -43.40 47.94
CA TYR B 162 -13.88 -42.57 48.73
C TYR B 162 -15.35 -42.61 48.24
N ARG B 163 -15.64 -43.41 47.22
CA ARG B 163 -16.95 -43.36 46.55
C ARG B 163 -18.13 -43.70 47.49
N ASP B 164 -18.07 -44.85 48.17
CA ASP B 164 -19.10 -45.25 49.13
C ASP B 164 -19.30 -44.18 50.22
N GLU B 165 -18.20 -43.75 50.82
CA GLU B 165 -18.22 -42.70 51.84
C GLU B 165 -18.93 -41.45 51.32
N ALA B 166 -18.63 -41.06 50.08
CA ALA B 166 -19.13 -39.83 49.49
C ALA B 166 -20.58 -39.91 49.02
N LEU B 167 -20.88 -40.97 48.27
CA LEU B 167 -22.25 -41.22 47.79
C LEU B 167 -23.28 -41.20 48.93
N ASN B 168 -22.91 -41.77 50.08
CA ASN B 168 -23.77 -41.76 51.26
C ASN B 168 -24.02 -40.34 51.78
N ASN B 169 -22.94 -39.60 52.01
CA ASN B 169 -23.03 -38.19 52.46
C ASN B 169 -23.84 -37.29 51.51
N ARG B 170 -23.80 -37.58 50.21
CA ARG B 170 -24.55 -36.81 49.21
C ARG B 170 -26.04 -37.07 49.24
N PHE B 171 -26.45 -38.32 49.34
CA PHE B 171 -27.88 -38.68 49.25
C PHE B 171 -28.52 -39.08 50.60
N GLN B 172 -28.01 -38.55 51.70
CA GLN B 172 -28.50 -38.92 53.05
C GLN B 172 -28.40 -37.75 54.02
N PRO C 3 -21.04 -56.04 35.45
CA PRO C 3 -20.16 -55.85 34.30
C PRO C 3 -20.91 -55.29 33.08
N GLY C 4 -20.66 -54.03 32.74
CA GLY C 4 -21.41 -53.31 31.72
C GLY C 4 -20.63 -53.09 30.42
N ALA C 5 -20.45 -51.82 30.03
CA ALA C 5 -19.81 -51.46 28.76
C ALA C 5 -19.28 -50.05 28.79
N THR C 6 -18.21 -49.81 28.01
CA THR C 6 -17.57 -48.49 27.93
C THR C 6 -17.67 -47.95 26.49
N LEU C 7 -17.92 -46.64 26.34
CA LEU C 7 -18.05 -45.98 25.03
C LEU C 7 -17.11 -44.78 24.98
N CYS C 8 -16.03 -44.94 24.21
CA CYS C 8 -15.01 -43.91 24.06
C CYS C 8 -15.25 -43.05 22.84
N LEU C 9 -15.25 -41.73 23.05
CA LEU C 9 -15.27 -40.74 21.98
C LEU C 9 -13.85 -40.36 21.59
N GLY C 10 -13.64 -40.13 20.30
CA GLY C 10 -12.32 -39.83 19.77
C GLY C 10 -12.33 -39.25 18.37
N HIS C 11 -11.12 -39.08 17.83
CA HIS C 11 -10.93 -38.42 16.55
C HIS C 11 -9.81 -39.10 15.78
N HIS C 12 -9.75 -38.86 14.47
CA HIS C 12 -8.74 -39.51 13.64
C HIS C 12 -7.35 -38.90 13.82
N ALA C 13 -6.38 -39.59 13.25
CA ALA C 13 -5.00 -39.13 13.19
C ALA C 13 -4.35 -39.81 12.02
N VAL C 14 -3.17 -39.35 11.66
CA VAL C 14 -2.42 -39.91 10.53
C VAL C 14 -0.98 -40.14 10.97
N PRO C 15 -0.26 -41.04 10.29
CA PRO C 15 1.12 -41.28 10.73
C PRO C 15 2.06 -40.13 10.40
N ASN C 16 1.89 -39.52 9.22
CA ASN C 16 2.71 -38.39 8.78
C ASN C 16 1.83 -37.16 8.48
N GLY C 17 1.77 -36.25 9.45
CA GLY C 17 1.00 -34.99 9.31
C GLY C 17 1.83 -33.89 8.67
N THR C 18 1.27 -32.68 8.62
CA THR C 18 1.99 -31.50 8.08
C THR C 18 2.10 -30.41 9.12
N LEU C 19 3.22 -29.69 9.10
CA LEU C 19 3.43 -28.53 9.99
C LEU C 19 2.82 -27.26 9.39
N VAL C 20 2.14 -26.49 10.25
CA VAL C 20 1.58 -25.19 9.88
C VAL C 20 1.87 -24.16 10.95
N LYS C 21 1.67 -22.90 10.59
CA LYS C 21 1.89 -21.76 11.47
C LYS C 21 0.54 -21.27 11.95
N THR C 22 0.50 -20.80 13.21
CA THR C 22 -0.71 -20.27 13.83
C THR C 22 -0.39 -18.93 14.53
N ILE C 23 -1.34 -18.39 15.28
CA ILE C 23 -1.10 -17.21 16.10
C ILE C 23 -0.04 -17.52 17.17
N THR C 24 -0.14 -18.69 17.80
CA THR C 24 0.69 -19.05 18.95
C THR C 24 1.87 -19.94 18.61
N ASP C 25 1.84 -20.61 17.46
CA ASP C 25 2.90 -21.58 17.12
C ASP C 25 3.48 -21.30 15.74
N ASP C 26 4.80 -21.26 15.68
CA ASP C 26 5.56 -21.16 14.47
C ASP C 26 5.49 -22.45 13.63
N GLN C 27 5.46 -23.59 14.32
CA GLN C 27 5.27 -24.91 13.69
C GLN C 27 4.39 -25.73 14.62
N ILE C 28 3.29 -26.26 14.09
CA ILE C 28 2.45 -27.21 14.81
C ILE C 28 1.77 -28.16 13.83
N GLU C 29 1.59 -29.41 14.24
CA GLU C 29 1.22 -30.49 13.32
C GLU C 29 -0.28 -30.68 13.19
N VAL C 30 -0.77 -30.66 11.95
CA VAL C 30 -2.17 -30.93 11.64
C VAL C 30 -2.24 -32.14 10.70
N THR C 31 -3.45 -32.67 10.50
CA THR C 31 -3.65 -33.88 9.67
C THR C 31 -3.39 -33.60 8.20
N ASN C 32 -3.74 -32.41 7.74
CA ASN C 32 -3.57 -32.06 6.34
C ASN C 32 -3.50 -30.55 6.17
N ALA C 33 -2.90 -30.12 5.09
CA ALA C 33 -2.89 -28.72 4.71
C ALA C 33 -2.75 -28.60 3.20
N THR C 34 -2.97 -27.40 2.69
CA THR C 34 -2.86 -27.11 1.27
C THR C 34 -2.04 -25.84 1.05
N GLU C 35 -1.28 -25.83 -0.04
CA GLU C 35 -0.35 -24.76 -0.36
C GLU C 35 -1.10 -23.55 -0.96
N LEU C 36 -0.84 -22.37 -0.40
CA LEU C 36 -1.43 -21.11 -0.90
C LEU C 36 -0.50 -20.27 -1.78
N VAL C 37 0.78 -20.66 -1.92
CA VAL C 37 1.73 -19.93 -2.76
C VAL C 37 2.12 -20.74 -4.00
N GLN C 38 1.78 -20.23 -5.18
CA GLN C 38 2.27 -20.80 -6.42
C GLN C 38 3.75 -20.49 -6.58
N SER C 39 4.60 -21.51 -6.60
CA SER C 39 6.06 -21.30 -6.68
C SER C 39 6.69 -21.89 -7.94
N SER C 40 5.88 -22.38 -8.88
CA SER C 40 6.41 -22.98 -10.11
C SER C 40 5.60 -22.55 -11.33
N SER C 41 6.26 -22.69 -12.49
CA SER C 41 5.72 -22.35 -13.80
C SER C 41 6.09 -23.46 -14.75
N THR C 42 5.31 -23.65 -15.80
CA THR C 42 5.69 -24.57 -16.89
C THR C 42 6.93 -24.12 -17.65
N GLY C 43 7.25 -22.81 -17.60
CA GLY C 43 8.34 -22.25 -18.39
C GLY C 43 7.89 -21.77 -19.75
N LYS C 44 6.58 -21.83 -20.01
CA LYS C 44 6.01 -21.54 -21.31
C LYS C 44 4.82 -20.60 -21.15
N ILE C 45 4.67 -19.67 -22.09
CA ILE C 45 3.53 -18.76 -22.13
C ILE C 45 2.41 -19.34 -23.00
N CYS C 46 1.28 -19.63 -22.38
CA CYS C 46 0.13 -20.17 -23.09
C CYS C 46 -0.48 -19.13 -24.03
N ASN C 47 -0.77 -19.57 -25.26
CA ASN C 47 -1.32 -18.67 -26.29
C ASN C 47 -2.82 -18.37 -26.19
N ASN C 48 -3.52 -19.02 -25.25
CA ASN C 48 -4.91 -18.68 -24.89
C ASN C 48 -5.03 -18.46 -23.37
N PRO C 49 -6.01 -17.68 -22.91
CA PRO C 49 -7.03 -17.01 -23.73
C PRO C 49 -6.68 -15.58 -24.17
N HIS C 50 -5.51 -15.07 -23.80
CA HIS C 50 -5.09 -13.75 -24.21
C HIS C 50 -4.37 -13.83 -25.54
N ARG C 51 -4.60 -12.86 -26.42
CA ARG C 51 -3.87 -12.72 -27.66
C ARG C 51 -2.41 -12.29 -27.41
N ILE C 52 -1.51 -13.25 -27.54
CA ILE C 52 -0.07 -13.05 -27.34
C ILE C 52 0.54 -12.76 -28.68
N LEU C 53 1.36 -11.70 -28.76
CA LEU C 53 2.10 -11.37 -29.97
C LEU C 53 3.56 -11.41 -29.63
N ASP C 54 4.25 -12.38 -30.21
CA ASP C 54 5.68 -12.54 -30.05
C ASP C 54 6.38 -11.50 -30.92
N GLY C 55 7.15 -10.62 -30.29
CA GLY C 55 7.91 -9.61 -31.03
C GLY C 55 9.09 -10.17 -31.79
N ILE C 56 9.52 -11.39 -31.45
CA ILE C 56 10.65 -12.06 -32.07
C ILE C 56 11.90 -11.16 -32.03
N ASP C 57 12.32 -10.65 -33.20
CA ASP C 57 13.50 -9.81 -33.32
C ASP C 57 13.18 -8.33 -33.06
N CYS C 58 11.95 -8.00 -32.72
CA CYS C 58 11.49 -6.61 -32.73
C CYS C 58 10.97 -6.10 -31.37
N THR C 59 11.43 -4.91 -30.97
CA THR C 59 10.80 -4.17 -29.89
C THR C 59 9.49 -3.63 -30.43
N LEU C 60 8.56 -3.33 -29.53
CA LEU C 60 7.33 -2.66 -29.92
C LEU C 60 7.61 -1.35 -30.66
N ILE C 61 8.60 -0.60 -30.20
CA ILE C 61 8.91 0.69 -30.82
C ILE C 61 9.38 0.50 -32.27
N ASP C 62 10.23 -0.51 -32.53
CA ASP C 62 10.68 -0.75 -33.92
C ASP C 62 9.54 -1.22 -34.84
N ALA C 63 8.59 -1.98 -34.29
CA ALA C 63 7.40 -2.35 -35.04
C ALA C 63 6.53 -1.12 -35.31
N LEU C 64 6.42 -0.26 -34.30
CA LEU C 64 5.69 1.01 -34.45
C LEU C 64 6.29 1.85 -35.59
N LEU C 65 7.59 2.09 -35.52
CA LEU C 65 8.25 2.97 -36.47
C LEU C 65 8.28 2.35 -37.87
N GLY C 66 8.37 1.03 -37.94
CA GLY C 66 8.40 0.31 -39.17
C GLY C 66 9.81 0.04 -39.69
N ASP C 67 10.69 -0.35 -38.78
CA ASP C 67 11.99 -0.99 -39.08
C ASP C 67 11.69 -2.18 -40.03
N PRO C 68 12.38 -2.29 -41.20
CA PRO C 68 11.98 -3.31 -42.21
C PRO C 68 11.87 -4.76 -41.71
N HIS C 69 12.84 -5.24 -40.92
CA HIS C 69 12.72 -6.59 -40.36
C HIS C 69 11.53 -6.74 -39.41
N CYS C 70 10.88 -5.63 -39.04
CA CYS C 70 9.62 -5.63 -38.28
C CYS C 70 8.37 -5.33 -39.09
N ASP C 71 8.48 -5.28 -40.40
CA ASP C 71 7.31 -5.04 -41.27
C ASP C 71 6.17 -6.01 -41.09
N VAL C 72 6.49 -7.24 -40.70
CA VAL C 72 5.46 -8.26 -40.46
C VAL C 72 4.50 -7.88 -39.33
N PHE C 73 4.88 -6.91 -38.49
CA PHE C 73 4.00 -6.43 -37.42
C PHE C 73 3.02 -5.31 -37.81
N GLN C 74 3.06 -4.85 -39.06
CA GLN C 74 2.12 -3.82 -39.51
C GLN C 74 0.69 -4.14 -39.18
N ASN C 75 -0.02 -3.19 -38.57
CA ASN C 75 -1.44 -3.36 -38.21
C ASN C 75 -1.77 -4.46 -37.22
N GLU C 76 -0.77 -4.99 -36.51
CA GLU C 76 -1.04 -6.09 -35.57
C GLU C 76 -1.76 -5.58 -34.33
N THR C 77 -2.35 -6.51 -33.61
CA THR C 77 -3.00 -6.22 -32.34
C THR C 77 -2.56 -7.25 -31.32
N TRP C 78 -2.81 -6.95 -30.04
CA TRP C 78 -2.41 -7.85 -28.97
C TRP C 78 -3.13 -7.51 -27.68
N ASP C 79 -3.25 -8.50 -26.82
CA ASP C 79 -3.49 -8.28 -25.40
C ASP C 79 -2.13 -8.14 -24.70
N LEU C 80 -1.17 -9.00 -25.08
CA LEU C 80 0.16 -8.93 -24.51
C LEU C 80 1.21 -9.05 -25.60
N PHE C 81 1.98 -7.98 -25.77
CA PHE C 81 3.12 -7.95 -26.66
C PHE C 81 4.33 -8.41 -25.84
N VAL C 82 5.08 -9.37 -26.39
CA VAL C 82 6.20 -9.96 -25.68
C VAL C 82 7.50 -9.54 -26.36
N GLU C 83 8.32 -8.75 -25.67
CA GLU C 83 9.64 -8.36 -26.19
C GLU C 83 10.70 -9.34 -25.73
N ARG C 84 11.55 -9.76 -26.66
CA ARG C 84 12.60 -10.76 -26.43
C ARG C 84 13.95 -10.09 -26.23
N SER C 85 14.81 -10.69 -25.42
CA SER C 85 16.16 -10.13 -25.18
C SER C 85 17.04 -10.15 -26.44
N LYS C 86 16.73 -11.05 -27.38
CA LYS C 86 17.42 -11.08 -28.68
C LYS C 86 17.01 -9.96 -29.67
N ALA C 87 16.02 -9.13 -29.36
CA ALA C 87 15.59 -8.10 -30.29
C ALA C 87 16.72 -7.12 -30.60
N PHE C 88 16.70 -6.62 -31.84
CA PHE C 88 17.68 -5.65 -32.32
C PHE C 88 17.02 -4.64 -33.26
N SER C 89 17.57 -3.44 -33.31
CA SER C 89 17.18 -2.43 -34.29
C SER C 89 18.07 -2.59 -35.52
N ASN C 90 17.51 -2.34 -36.71
CA ASN C 90 18.28 -2.44 -37.96
C ASN C 90 17.85 -1.43 -39.01
N CYS C 91 17.65 -0.21 -38.56
CA CYS C 91 17.25 0.87 -39.43
C CYS C 91 18.14 2.06 -39.06
N TYR C 92 17.70 3.28 -39.37
CA TYR C 92 18.49 4.47 -39.04
C TYR C 92 18.59 4.59 -37.52
N PRO C 93 19.76 5.01 -37.01
CA PRO C 93 19.87 5.09 -35.57
C PRO C 93 19.05 6.24 -35.02
N TYR C 94 18.43 6.01 -33.86
CA TYR C 94 17.43 6.92 -33.32
C TYR C 94 17.38 6.87 -31.82
N ASP C 95 16.84 7.93 -31.22
CA ASP C 95 16.43 7.91 -29.82
C ASP C 95 14.99 8.40 -29.69
N VAL C 96 14.38 8.05 -28.57
CA VAL C 96 13.06 8.55 -28.21
C VAL C 96 13.21 9.18 -26.83
N PRO C 97 13.20 10.52 -26.76
CA PRO C 97 13.05 11.14 -25.44
C PRO C 97 11.74 10.64 -24.81
N ASP C 98 11.82 10.16 -23.58
CA ASP C 98 10.66 9.52 -22.96
C ASP C 98 10.22 8.25 -23.73
N TYR C 99 11.21 7.48 -24.15
CA TYR C 99 10.99 6.14 -24.72
C TYR C 99 9.96 5.33 -23.90
N ALA C 100 10.15 5.32 -22.58
CA ALA C 100 9.31 4.49 -21.73
C ALA C 100 7.83 4.86 -21.85
N SER C 101 7.53 6.16 -21.92
CA SER C 101 6.13 6.61 -22.06
C SER C 101 5.53 6.22 -23.40
N LEU C 102 6.28 6.39 -24.49
CA LEU C 102 5.74 6.04 -25.83
C LEU C 102 5.48 4.55 -25.90
N ARG C 103 6.43 3.77 -25.41
CA ARG C 103 6.28 2.32 -25.35
C ARG C 103 5.07 1.92 -24.51
N SER C 104 4.88 2.61 -23.39
CA SER C 104 3.76 2.31 -22.51
C SER C 104 2.43 2.62 -23.18
N LEU C 105 2.30 3.81 -23.76
CA LEU C 105 1.00 4.22 -24.29
C LEU C 105 0.62 3.35 -25.48
N VAL C 106 1.60 2.98 -26.32
CA VAL C 106 1.31 2.11 -27.45
C VAL C 106 0.95 0.71 -26.94
N ALA C 107 1.73 0.18 -25.99
CA ALA C 107 1.47 -1.14 -25.43
C ALA C 107 0.06 -1.27 -24.88
N SER C 108 -0.35 -0.21 -24.20
CA SER C 108 -1.65 -0.12 -23.56
C SER C 108 -2.80 0.03 -24.59
N SER C 109 -2.52 0.72 -25.69
CA SER C 109 -3.48 0.87 -26.75
C SER C 109 -3.80 -0.48 -27.41
N GLY C 110 -2.82 -1.35 -27.55
CA GLY C 110 -3.05 -2.72 -27.99
C GLY C 110 -3.14 -2.92 -29.49
N THR C 111 -2.76 -1.89 -30.25
CA THR C 111 -2.84 -1.94 -31.71
C THR C 111 -1.78 -1.07 -32.39
N LEU C 112 -1.36 -1.50 -33.58
CA LEU C 112 -0.50 -0.73 -34.49
C LEU C 112 -1.24 -0.36 -35.78
N GLU C 113 -2.56 -0.49 -35.80
CA GLU C 113 -3.38 0.00 -36.92
C GLU C 113 -2.97 1.39 -37.37
N PHE C 114 -2.54 1.50 -38.63
CA PHE C 114 -2.07 2.75 -39.22
C PHE C 114 -2.97 3.17 -40.37
N ILE C 115 -3.37 4.44 -40.38
CA ILE C 115 -4.22 5.00 -41.41
C ILE C 115 -3.39 6.07 -42.11
N THR C 116 -3.11 5.85 -43.39
CA THR C 116 -2.31 6.77 -44.19
C THR C 116 -3.16 8.00 -44.52
N GLU C 117 -2.54 9.18 -44.45
CA GLU C 117 -3.21 10.47 -44.74
C GLU C 117 -2.42 11.19 -45.81
N GLY C 118 -3.12 11.87 -46.72
CA GLY C 118 -2.50 12.54 -47.84
C GLY C 118 -1.92 13.89 -47.49
N PHE C 119 -0.82 13.92 -46.74
CA PHE C 119 -0.07 15.15 -46.47
C PHE C 119 0.56 15.68 -47.76
N THR C 120 0.49 17.00 -47.96
CA THR C 120 1.10 17.65 -49.10
C THR C 120 2.35 18.42 -48.67
N TRP C 121 3.51 17.91 -49.07
CA TRP C 121 4.80 18.51 -48.76
C TRP C 121 5.31 19.24 -49.99
N THR C 122 4.94 20.50 -50.11
CA THR C 122 5.22 21.26 -51.32
C THR C 122 6.70 21.70 -51.40
N GLY C 123 7.37 21.32 -52.49
CA GLY C 123 8.72 21.76 -52.80
C GLY C 123 9.85 21.04 -52.08
N VAL C 124 9.60 19.81 -51.65
CA VAL C 124 10.65 18.95 -51.08
C VAL C 124 10.58 17.57 -51.72
N THR C 125 11.68 16.83 -51.56
CA THR C 125 11.78 15.45 -52.02
C THR C 125 11.31 14.55 -50.89
N GLN C 126 10.52 13.55 -51.23
CA GLN C 126 9.97 12.62 -50.26
C GLN C 126 10.66 11.28 -50.35
N ASN C 127 10.34 10.44 -49.37
CA ASN C 127 10.75 9.02 -49.36
C ASN C 127 12.26 8.81 -49.32
N GLY C 128 12.96 9.69 -48.61
CA GLY C 128 14.41 9.53 -48.44
C GLY C 128 14.70 8.24 -47.72
N GLY C 129 15.84 7.63 -48.08
CA GLY C 129 16.29 6.40 -47.45
C GLY C 129 17.78 6.39 -47.15
N SER C 130 18.23 5.29 -46.56
CA SER C 130 19.61 5.13 -46.16
C SER C 130 20.00 3.67 -46.20
N ASN C 131 21.30 3.43 -46.42
CA ASN C 131 21.85 2.08 -46.36
C ASN C 131 21.90 1.54 -44.93
N ALA C 132 21.72 2.40 -43.93
CA ALA C 132 21.53 1.97 -42.55
C ALA C 132 20.22 1.20 -42.35
N CYS C 133 19.27 1.37 -43.28
CA CYS C 133 17.94 0.83 -43.17
C CYS C 133 17.50 0.18 -44.49
N LYS C 134 18.15 -0.92 -44.85
CA LYS C 134 17.87 -1.64 -46.09
C LYS C 134 16.49 -2.28 -46.11
N ARG C 135 15.86 -2.20 -47.27
CA ARG C 135 14.53 -2.72 -47.54
C ARG C 135 14.65 -3.40 -48.92
N GLY C 136 14.65 -4.72 -48.91
CA GLY C 136 15.13 -5.47 -50.06
C GLY C 136 16.61 -5.17 -50.27
N PRO C 137 17.05 -5.07 -51.55
CA PRO C 137 18.47 -4.80 -51.81
C PRO C 137 18.89 -3.32 -51.61
N GLY C 138 17.95 -2.39 -51.74
CA GLY C 138 18.28 -0.97 -51.77
C GLY C 138 18.08 -0.26 -50.47
N SER C 139 18.47 1.01 -50.44
CA SER C 139 18.33 1.81 -49.26
C SER C 139 16.84 2.03 -48.95
N GLY C 140 16.54 2.25 -47.68
CA GLY C 140 15.16 2.34 -47.23
C GLY C 140 15.07 3.15 -45.96
N PHE C 141 13.92 3.01 -45.31
CA PHE C 141 13.60 3.82 -44.15
C PHE C 141 12.45 3.20 -43.39
N PHE C 142 12.20 3.74 -42.20
CA PHE C 142 11.04 3.37 -41.39
C PHE C 142 9.78 3.50 -42.25
N SER C 143 8.95 2.45 -42.30
CA SER C 143 7.75 2.47 -43.14
C SER C 143 6.76 3.59 -42.85
N ARG C 144 6.66 4.03 -41.60
CA ARG C 144 5.65 5.04 -41.18
C ARG C 144 6.16 6.47 -41.14
N LEU C 145 7.41 6.67 -41.53
CA LEU C 145 8.02 7.97 -41.55
C LEU C 145 8.48 8.29 -42.97
N ASN C 146 8.54 9.59 -43.24
CA ASN C 146 8.81 10.11 -44.56
C ASN C 146 9.93 11.13 -44.44
N TRP C 147 11.13 10.72 -44.86
CA TRP C 147 12.31 11.56 -44.77
C TRP C 147 12.26 12.56 -45.92
N LEU C 148 12.10 13.84 -45.55
CA LEU C 148 12.02 14.93 -46.51
C LEU C 148 13.36 15.64 -46.61
N THR C 149 13.80 15.89 -47.83
CA THR C 149 15.01 16.64 -48.13
C THR C 149 14.70 17.65 -49.25
N LYS C 150 15.67 18.46 -49.60
CA LYS C 150 15.51 19.47 -50.63
C LYS C 150 15.05 18.91 -51.99
N SER C 151 14.35 19.76 -52.73
CA SER C 151 14.01 19.55 -54.13
C SER C 151 14.75 20.61 -54.92
N GLY C 152 15.51 20.18 -55.91
CA GLY C 152 16.49 21.05 -56.58
C GLY C 152 17.52 21.59 -55.60
N SER C 153 17.47 22.89 -55.34
CA SER C 153 18.41 23.56 -54.42
C SER C 153 17.72 24.38 -53.34
N THR C 154 16.47 24.04 -53.03
CA THR C 154 15.64 24.77 -52.06
C THR C 154 14.89 23.79 -51.15
N TYR C 155 14.68 24.21 -49.89
CA TYR C 155 13.79 23.54 -48.94
C TYR C 155 12.93 24.68 -48.39
N PRO C 156 11.69 24.83 -48.86
CA PRO C 156 10.85 25.94 -48.39
C PRO C 156 10.29 25.68 -46.99
N VAL C 157 9.61 26.69 -46.44
CA VAL C 157 8.88 26.52 -45.17
C VAL C 157 7.73 25.57 -45.44
N LEU C 158 7.77 24.40 -44.81
CA LEU C 158 6.66 23.48 -44.85
C LEU C 158 5.65 23.92 -43.82
N ASN C 159 4.39 24.00 -44.21
CA ASN C 159 3.32 24.38 -43.31
C ASN C 159 2.07 23.62 -43.71
N VAL C 160 1.76 22.54 -42.99
CA VAL C 160 0.61 21.68 -43.34
C VAL C 160 -0.31 21.41 -42.18
N THR C 161 -1.55 21.06 -42.50
CA THR C 161 -2.60 20.80 -41.53
C THR C 161 -3.27 19.48 -41.79
N MET C 162 -3.68 18.80 -40.72
CA MET C 162 -4.52 17.62 -40.82
C MET C 162 -5.52 17.66 -39.68
N PRO C 163 -6.79 18.00 -40.00
CA PRO C 163 -7.78 18.04 -38.96
C PRO C 163 -8.28 16.65 -38.63
N ASN C 164 -8.74 16.47 -37.39
CA ASN C 164 -9.34 15.22 -36.95
C ASN C 164 -10.85 15.42 -36.90
N ASN C 165 -11.52 14.98 -37.96
CA ASN C 165 -12.97 15.00 -38.03
C ASN C 165 -13.55 13.62 -37.80
N ASP C 166 -12.75 12.71 -37.27
CA ASP C 166 -13.25 11.42 -36.80
C ASP C 166 -13.72 11.56 -35.35
N ASN C 167 -14.28 10.47 -34.81
CA ASN C 167 -14.73 10.42 -33.42
C ASN C 167 -13.79 9.62 -32.50
N PHE C 168 -12.53 9.46 -32.90
CA PHE C 168 -11.53 8.75 -32.09
C PHE C 168 -10.27 9.61 -32.04
N ASP C 169 -9.35 9.27 -31.13
CA ASP C 169 -8.07 9.98 -31.04
C ASP C 169 -7.08 9.46 -32.06
N LYS C 170 -6.28 10.36 -32.61
CA LYS C 170 -5.21 10.00 -33.54
C LYS C 170 -3.86 10.14 -32.85
N LEU C 171 -3.00 9.14 -32.99
CA LEU C 171 -1.61 9.21 -32.52
C LEU C 171 -0.66 9.40 -33.71
N TYR C 172 0.02 10.54 -33.76
CA TYR C 172 1.00 10.81 -34.78
C TYR C 172 2.41 10.62 -34.26
N ILE C 173 3.20 9.84 -35.00
CA ILE C 173 4.61 9.63 -34.73
C ILE C 173 5.40 10.43 -35.76
N TRP C 174 6.38 11.20 -35.31
CA TRP C 174 7.19 12.03 -36.19
C TRP C 174 8.58 12.15 -35.62
N GLY C 175 9.47 12.86 -36.30
CA GLY C 175 10.83 12.94 -35.85
C GLY C 175 11.60 14.11 -36.39
N VAL C 176 12.84 14.21 -35.91
CA VAL C 176 13.74 15.28 -36.25
C VAL C 176 15.12 14.67 -36.50
N HIS C 177 15.72 15.03 -37.63
CA HIS C 177 17.05 14.54 -38.00
C HIS C 177 18.16 15.44 -37.43
N HIS C 178 19.11 14.84 -36.74
CA HIS C 178 20.28 15.51 -36.21
C HIS C 178 21.48 15.12 -37.06
N PRO C 179 21.91 15.99 -38.01
CA PRO C 179 23.10 15.68 -38.79
C PRO C 179 24.41 15.77 -38.01
N SER C 180 25.44 15.07 -38.48
CA SER C 180 26.75 15.10 -37.85
C SER C 180 27.59 16.33 -38.21
N THR C 181 27.40 16.88 -39.41
CA THR C 181 28.21 18.01 -39.91
C THR C 181 27.32 19.10 -40.51
N ASN C 182 27.84 20.33 -40.55
CA ASN C 182 27.17 21.45 -41.22
C ASN C 182 27.03 21.19 -42.72
N GLN C 183 28.03 20.52 -43.29
CA GLN C 183 28.00 20.12 -44.69
C GLN C 183 26.76 19.26 -44.98
N GLU C 184 26.53 18.27 -44.12
CA GLU C 184 25.37 17.38 -44.23
C GLU C 184 24.02 18.14 -44.09
N GLN C 185 23.93 18.99 -43.06
CA GLN C 185 22.78 19.86 -42.82
C GLN C 185 22.39 20.64 -44.08
N THR C 186 23.33 21.43 -44.60
CA THR C 186 23.04 22.31 -45.75
C THR C 186 22.81 21.51 -47.03
N SER C 187 23.54 20.41 -47.18
CA SER C 187 23.40 19.53 -48.33
C SER C 187 22.01 18.89 -48.45
N LEU C 188 21.42 18.50 -47.31
CA LEU C 188 20.07 17.91 -47.27
C LEU C 188 18.94 18.92 -47.14
N TYR C 189 19.15 20.00 -46.39
CA TYR C 189 18.05 20.91 -46.04
C TYR C 189 18.26 22.38 -46.42
N VAL C 190 19.38 22.70 -47.08
CA VAL C 190 19.73 24.07 -47.50
C VAL C 190 20.02 25.00 -46.33
N GLN C 191 19.00 25.30 -45.53
CA GLN C 191 19.15 26.15 -44.34
C GLN C 191 20.19 25.60 -43.37
N ALA C 192 20.96 26.49 -42.75
CA ALA C 192 22.06 26.11 -41.85
C ALA C 192 21.58 25.58 -40.50
N SER C 193 20.39 26.00 -40.08
CA SER C 193 19.73 25.44 -38.91
C SER C 193 18.26 25.17 -39.22
N GLY C 194 17.84 23.93 -39.03
CA GLY C 194 16.45 23.55 -39.18
C GLY C 194 15.63 23.86 -37.95
N ARG C 195 14.37 23.43 -37.99
CA ARG C 195 13.43 23.59 -36.89
C ARG C 195 12.17 22.80 -37.22
N VAL C 196 11.60 22.14 -36.22
CA VAL C 196 10.35 21.41 -36.37
C VAL C 196 9.40 21.82 -35.25
N THR C 197 8.24 22.33 -35.64
CA THR C 197 7.19 22.71 -34.73
C THR C 197 5.93 21.91 -35.08
N VAL C 198 5.48 21.07 -34.16
CA VAL C 198 4.25 20.31 -34.32
C VAL C 198 3.29 20.73 -33.19
N SER C 199 2.08 21.14 -33.57
CA SER C 199 1.14 21.72 -32.63
C SER C 199 -0.30 21.27 -32.86
N THR C 200 -1.09 21.38 -31.80
CA THR C 200 -2.54 21.29 -31.85
C THR C 200 -3.09 22.57 -31.24
N ARG C 201 -4.41 22.67 -31.05
CA ARG C 201 -4.99 23.84 -30.36
C ARG C 201 -4.47 24.00 -28.95
N ARG C 202 -4.22 22.89 -28.25
CA ARG C 202 -3.90 22.84 -26.83
C ARG C 202 -2.42 22.68 -26.47
N SER C 203 -1.62 22.14 -27.36
CA SER C 203 -0.19 21.87 -27.08
C SER C 203 0.67 22.29 -28.26
N GLN C 204 1.96 22.41 -28.00
CA GLN C 204 2.95 22.59 -29.06
C GLN C 204 4.31 22.03 -28.65
N GLN C 205 5.05 21.51 -29.63
CA GLN C 205 6.41 21.02 -29.43
C GLN C 205 7.28 21.66 -30.49
N THR C 206 8.35 22.36 -30.10
CA THR C 206 9.33 22.83 -31.08
C THR C 206 10.70 22.23 -30.75
N ILE C 207 11.31 21.63 -31.77
CA ILE C 207 12.58 20.95 -31.60
C ILE C 207 13.55 21.60 -32.57
N ILE C 208 14.71 22.00 -32.05
CA ILE C 208 15.80 22.52 -32.87
C ILE C 208 16.74 21.34 -33.04
N PRO C 209 17.14 21.04 -34.29
CA PRO C 209 18.15 20.01 -34.45
C PRO C 209 19.51 20.45 -33.92
N ASN C 210 20.39 19.48 -33.78
CA ASN C 210 21.70 19.66 -33.19
C ASN C 210 22.73 18.99 -34.05
N ILE C 211 23.66 19.78 -34.56
CA ILE C 211 24.67 19.26 -35.46
C ILE C 211 25.87 18.80 -34.63
N GLY C 212 26.41 17.63 -34.95
CA GLY C 212 27.56 17.06 -34.24
C GLY C 212 27.68 15.56 -34.35
N SER C 213 28.90 15.06 -34.20
CA SER C 213 29.14 13.62 -34.29
C SER C 213 28.60 12.93 -33.03
N ARG C 214 27.92 11.81 -33.25
CA ARG C 214 27.66 10.80 -32.25
C ARG C 214 28.48 9.55 -32.63
N PRO C 215 28.50 8.52 -31.77
CA PRO C 215 29.18 7.31 -32.21
C PRO C 215 28.49 6.67 -33.42
N TRP C 216 29.29 5.95 -34.19
CA TRP C 216 28.85 5.21 -35.35
C TRP C 216 27.93 4.08 -34.93
N VAL C 217 26.70 4.11 -35.43
CA VAL C 217 25.78 3.00 -35.29
C VAL C 217 25.22 2.70 -36.66
N ARG C 218 25.42 1.47 -37.13
CA ARG C 218 24.86 1.00 -38.40
C ARG C 218 25.09 2.04 -39.50
N LEU C 219 26.36 2.36 -39.71
CA LEU C 219 26.80 3.20 -40.84
C LEU C 219 26.60 4.73 -40.70
N SER C 220 26.22 5.21 -39.52
CA SER C 220 25.88 6.63 -39.38
C SER C 220 26.28 7.20 -38.04
N SER C 221 26.81 8.42 -38.10
CA SER C 221 27.07 9.26 -36.92
C SER C 221 25.89 10.15 -36.62
N SER C 222 24.91 10.21 -37.51
CA SER C 222 23.74 11.06 -37.33
C SER C 222 22.69 10.32 -36.54
N ARG C 223 21.65 11.03 -36.14
CA ARG C 223 20.54 10.46 -35.38
C ARG C 223 19.21 11.06 -35.78
N ILE C 224 18.16 10.30 -35.49
CA ILE C 224 16.80 10.81 -35.57
C ILE C 224 16.22 10.74 -34.16
N SER C 225 15.51 11.80 -33.74
CA SER C 225 14.81 11.78 -32.46
C SER C 225 13.34 11.65 -32.74
N ILE C 226 12.67 10.74 -32.04
CA ILE C 226 11.27 10.46 -32.27
C ILE C 226 10.38 11.15 -31.21
N TYR C 227 9.30 11.76 -31.70
CA TYR C 227 8.29 12.41 -30.88
C TYR C 227 6.90 11.96 -31.28
N TRP C 228 5.94 12.25 -30.39
CA TRP C 228 4.56 11.90 -30.62
C TRP C 228 3.61 13.02 -30.22
N THR C 229 2.45 13.03 -30.88
CA THR C 229 1.41 14.02 -30.64
C THR C 229 0.07 13.34 -30.83
N ILE C 230 -0.80 13.43 -29.84
CA ILE C 230 -2.15 12.93 -29.95
C ILE C 230 -3.11 14.06 -30.31
N VAL C 231 -3.97 13.82 -31.28
CA VAL C 231 -4.95 14.81 -31.73
C VAL C 231 -6.35 14.28 -31.42
N LYS C 232 -7.12 15.02 -30.65
CA LYS C 232 -8.46 14.58 -30.22
C LYS C 232 -9.50 14.99 -31.27
N PRO C 233 -10.71 14.39 -31.24
CA PRO C 233 -11.79 14.79 -32.14
C PRO C 233 -12.08 16.28 -32.04
N GLY C 234 -12.14 16.92 -33.19
CA GLY C 234 -12.41 18.35 -33.28
C GLY C 234 -11.16 19.20 -33.27
N ASP C 235 -10.01 18.61 -32.97
CA ASP C 235 -8.75 19.34 -32.89
C ASP C 235 -8.04 19.20 -34.23
N VAL C 236 -6.86 19.82 -34.37
CA VAL C 236 -6.19 19.90 -35.68
C VAL C 236 -4.67 19.79 -35.45
N LEU C 237 -3.98 19.05 -36.31
CA LEU C 237 -2.53 18.94 -36.28
C LEU C 237 -1.96 19.95 -37.25
N VAL C 238 -0.94 20.70 -36.85
CA VAL C 238 -0.20 21.56 -37.76
C VAL C 238 1.27 21.22 -37.61
N ILE C 239 1.96 21.11 -38.75
CA ILE C 239 3.37 20.81 -38.80
C ILE C 239 4.05 21.92 -39.57
N ASN C 240 5.00 22.59 -38.93
CA ASN C 240 5.72 23.72 -39.49
C ASN C 240 7.22 23.43 -39.41
N SER C 241 7.92 23.48 -40.54
CA SER C 241 9.35 23.18 -40.55
C SER C 241 10.07 23.84 -41.71
N ASN C 242 11.26 24.35 -41.45
CA ASN C 242 12.17 24.83 -42.49
C ASN C 242 13.39 23.93 -42.63
N GLY C 243 13.28 22.67 -42.22
CA GLY C 243 14.37 21.72 -42.35
C GLY C 243 14.34 20.68 -41.25
N ASN C 244 14.86 19.48 -41.58
CA ASN C 244 15.13 18.38 -40.65
C ASN C 244 13.89 17.60 -40.18
N LEU C 245 12.74 17.88 -40.77
CA LEU C 245 11.52 17.16 -40.43
C LEU C 245 11.60 15.75 -40.96
N ILE C 246 11.31 14.80 -40.07
CA ILE C 246 10.96 13.44 -40.42
C ILE C 246 9.46 13.32 -40.25
N ALA C 247 8.73 13.37 -41.37
CA ALA C 247 7.28 13.55 -41.37
C ALA C 247 6.49 12.28 -41.13
N PRO C 248 5.30 12.38 -40.53
CA PRO C 248 4.41 11.22 -40.43
C PRO C 248 3.76 10.96 -41.77
N ARG C 249 3.43 9.70 -42.03
CA ARG C 249 2.66 9.33 -43.22
C ARG C 249 1.17 9.18 -42.92
N GLY C 250 0.78 9.46 -41.68
CA GLY C 250 -0.55 9.12 -41.20
C GLY C 250 -0.54 9.05 -39.70
N TYR C 251 -1.53 8.36 -39.15
CA TYR C 251 -1.70 8.25 -37.70
C TYR C 251 -1.98 6.84 -37.32
N PHE C 252 -1.70 6.54 -36.05
CA PHE C 252 -2.08 5.28 -35.44
C PHE C 252 -3.39 5.46 -34.71
N LYS C 253 -4.25 4.44 -34.81
CA LYS C 253 -5.50 4.43 -34.10
C LYS C 253 -5.21 4.03 -32.65
N MET C 254 -5.83 4.74 -31.70
CA MET C 254 -5.69 4.42 -30.28
C MET C 254 -6.93 3.71 -29.77
N ARG C 255 -6.74 2.70 -28.91
CA ARG C 255 -7.81 2.08 -28.15
C ARG C 255 -7.50 2.15 -26.68
N THR C 256 -8.48 1.83 -25.85
CA THR C 256 -8.22 1.59 -24.44
C THR C 256 -8.75 0.20 -24.20
N GLY C 257 -8.22 -0.47 -23.20
CA GLY C 257 -8.57 -1.86 -22.94
C GLY C 257 -7.53 -2.52 -22.06
N LYS C 258 -7.38 -3.82 -22.24
CA LYS C 258 -6.58 -4.67 -21.36
C LYS C 258 -5.17 -4.98 -21.87
N SER C 259 -4.72 -4.25 -22.87
CA SER C 259 -3.45 -4.59 -23.52
C SER C 259 -2.25 -4.14 -22.69
N SER C 260 -1.16 -4.89 -22.79
CA SER C 260 0.09 -4.54 -22.14
C SER C 260 1.31 -5.11 -22.90
N ILE C 261 2.46 -5.06 -22.25
CA ILE C 261 3.70 -5.51 -22.82
C ILE C 261 4.50 -6.17 -21.70
N MET C 262 5.30 -7.17 -22.06
CA MET C 262 6.11 -7.89 -21.11
C MET C 262 7.44 -8.30 -21.75
N ARG C 263 8.52 -8.20 -20.97
CA ARG C 263 9.84 -8.70 -21.34
C ARG C 263 9.96 -10.14 -20.88
N SER C 264 10.20 -11.06 -21.81
CA SER C 264 10.28 -12.48 -21.49
C SER C 264 10.92 -13.24 -22.61
N ASP C 265 11.69 -14.26 -22.23
CA ASP C 265 12.24 -15.18 -23.21
C ASP C 265 11.56 -16.55 -23.17
N ALA C 266 10.44 -16.67 -22.46
CA ALA C 266 9.70 -17.93 -22.39
C ALA C 266 9.09 -18.25 -23.76
N PRO C 267 9.23 -19.49 -24.23
CA PRO C 267 8.56 -19.80 -25.50
C PRO C 267 7.03 -19.82 -25.36
N ILE C 268 6.33 -19.48 -26.44
CA ILE C 268 4.88 -19.55 -26.50
C ILE C 268 4.44 -20.98 -26.85
N ASP C 269 3.41 -21.47 -26.19
CA ASP C 269 2.93 -22.84 -26.36
C ASP C 269 1.40 -22.82 -26.53
N THR C 270 0.84 -23.90 -27.08
CA THR C 270 -0.62 -24.00 -27.23
C THR C 270 -1.22 -24.64 -25.97
N CYS C 271 -1.80 -23.79 -25.13
CA CYS C 271 -2.42 -24.20 -23.86
C CYS C 271 -3.31 -23.04 -23.37
N ILE C 272 -3.95 -23.23 -22.22
CA ILE C 272 -4.83 -22.21 -21.67
C ILE C 272 -4.36 -21.85 -20.27
N SER C 273 -4.02 -20.58 -20.08
CA SER C 273 -3.69 -20.05 -18.75
C SER C 273 -4.03 -18.58 -18.63
N GLU C 274 -4.84 -18.25 -17.63
CA GLU C 274 -5.23 -16.87 -17.38
C GLU C 274 -4.03 -16.00 -16.99
N CYS C 275 -3.11 -16.56 -16.21
CA CYS C 275 -2.00 -15.77 -15.64
C CYS C 275 -0.68 -16.02 -16.37
N ILE C 276 0.01 -14.94 -16.68
CA ILE C 276 1.27 -14.96 -17.41
C ILE C 276 2.33 -14.22 -16.61
N THR C 277 3.51 -14.80 -16.51
CA THR C 277 4.66 -14.14 -15.92
C THR C 277 5.79 -14.22 -16.93
N PRO C 278 6.87 -13.45 -16.72
CA PRO C 278 8.04 -13.62 -17.59
C PRO C 278 8.67 -15.02 -17.56
N ASN C 279 8.46 -15.75 -16.47
CA ASN C 279 8.93 -17.12 -16.32
C ASN C 279 8.08 -18.10 -17.10
N GLY C 280 6.90 -17.66 -17.53
CA GLY C 280 5.91 -18.51 -18.18
C GLY C 280 4.58 -18.34 -17.49
N SER C 281 3.59 -19.06 -17.98
CA SER C 281 2.27 -19.05 -17.40
C SER C 281 2.30 -19.77 -16.07
N ILE C 282 1.43 -19.36 -15.16
CA ILE C 282 1.24 -20.05 -13.90
C ILE C 282 -0.23 -20.29 -13.64
N PRO C 283 -0.56 -21.36 -12.92
CA PRO C 283 -1.94 -21.52 -12.50
C PRO C 283 -2.39 -20.43 -11.54
N ASN C 284 -3.70 -20.18 -11.48
CA ASN C 284 -4.26 -19.17 -10.57
C ASN C 284 -5.28 -19.72 -9.55
N ASP C 285 -5.17 -21.00 -9.20
CA ASP C 285 -6.04 -21.57 -8.17
C ASP C 285 -5.66 -21.09 -6.77
N LYS C 286 -4.38 -20.76 -6.57
CA LYS C 286 -3.90 -20.27 -5.28
C LYS C 286 -3.96 -18.74 -5.19
N PRO C 287 -4.17 -18.19 -3.98
CA PRO C 287 -4.30 -16.75 -3.81
C PRO C 287 -2.99 -15.97 -3.86
N PHE C 288 -1.86 -16.65 -3.58
CA PHE C 288 -0.54 -16.01 -3.60
C PHE C 288 0.43 -16.71 -4.55
N GLN C 289 1.50 -16.01 -4.90
CA GLN C 289 2.55 -16.57 -5.75
C GLN C 289 3.87 -15.89 -5.51
N ASN C 290 4.93 -16.65 -5.75
CA ASN C 290 6.33 -16.28 -5.48
C ASN C 290 7.16 -16.38 -6.76
N VAL C 291 6.52 -16.44 -7.91
CA VAL C 291 7.22 -16.69 -9.16
C VAL C 291 7.81 -15.38 -9.67
N ASN C 292 6.99 -14.35 -9.78
CA ASN C 292 7.44 -13.09 -10.29
C ASN C 292 6.45 -12.00 -9.96
N LYS C 293 6.99 -10.84 -9.59
CA LYS C 293 6.17 -9.68 -9.29
C LYS C 293 5.58 -9.09 -10.56
N ILE C 294 6.19 -9.38 -11.70
CA ILE C 294 5.64 -9.03 -12.99
C ILE C 294 4.63 -10.09 -13.38
N THR C 295 3.37 -9.70 -13.52
CA THR C 295 2.32 -10.58 -13.98
C THR C 295 1.37 -9.82 -14.92
N TYR C 296 0.64 -10.61 -15.71
CA TYR C 296 -0.43 -10.15 -16.57
C TYR C 296 -1.57 -11.15 -16.46
N GLY C 297 -2.79 -10.64 -16.28
CA GLY C 297 -3.99 -11.46 -16.21
C GLY C 297 -4.49 -11.67 -14.81
N ALA C 298 -5.41 -12.62 -14.69
CA ALA C 298 -5.97 -13.02 -13.42
C ALA C 298 -4.95 -13.90 -12.70
N CYS C 299 -4.22 -13.27 -11.78
CA CYS C 299 -3.06 -13.86 -11.16
C CYS C 299 -3.18 -13.87 -9.64
N PRO C 300 -2.55 -14.85 -8.99
CA PRO C 300 -2.31 -14.73 -7.56
C PRO C 300 -1.47 -13.50 -7.28
N LYS C 301 -1.61 -12.95 -6.07
CA LYS C 301 -0.86 -11.79 -5.65
C LYS C 301 0.58 -12.21 -5.28
N TYR C 302 1.55 -11.44 -5.76
CA TYR C 302 2.94 -11.72 -5.45
C TYR C 302 3.26 -11.44 -3.97
N VAL C 303 3.90 -12.42 -3.33
CA VAL C 303 4.39 -12.34 -1.95
C VAL C 303 5.82 -12.90 -1.86
N LYS C 304 6.49 -12.62 -0.76
CA LYS C 304 7.89 -13.02 -0.56
C LYS C 304 8.06 -14.46 -0.11
N GLN C 305 7.05 -15.02 0.55
CA GLN C 305 7.14 -16.38 1.06
C GLN C 305 7.10 -17.35 -0.10
N ASN C 306 7.93 -18.38 -0.09
CA ASN C 306 7.83 -19.45 -1.10
C ASN C 306 6.84 -20.56 -0.70
N THR C 307 6.42 -20.59 0.56
CA THR C 307 5.36 -21.49 0.99
C THR C 307 4.53 -20.90 2.13
N LEU C 308 3.20 -21.09 2.05
CA LEU C 308 2.29 -20.84 3.17
C LEU C 308 1.22 -21.91 3.18
N LYS C 309 1.10 -22.63 4.29
CA LYS C 309 0.18 -23.77 4.41
C LYS C 309 -1.07 -23.41 5.16
N LEU C 310 -2.22 -23.63 4.51
CA LEU C 310 -3.52 -23.50 5.14
C LEU C 310 -3.94 -24.87 5.66
N ALA C 311 -4.13 -24.97 6.97
CA ALA C 311 -4.57 -26.20 7.59
C ALA C 311 -5.95 -26.55 7.06
N THR C 312 -6.08 -27.80 6.62
CA THR C 312 -7.34 -28.37 6.15
C THR C 312 -7.77 -29.55 7.02
N GLY C 313 -7.23 -29.64 8.22
CA GLY C 313 -7.67 -30.61 9.20
C GLY C 313 -7.29 -30.24 10.62
N MET C 314 -7.75 -31.08 11.55
CA MET C 314 -7.49 -30.90 12.97
C MET C 314 -6.04 -31.10 13.33
N ARG C 315 -5.71 -30.76 14.57
CA ARG C 315 -4.42 -31.06 15.18
C ARG C 315 -4.18 -32.59 15.14
N ASN C 316 -3.00 -33.01 14.71
CA ASN C 316 -2.67 -34.44 14.57
C ASN C 316 -1.92 -34.90 15.81
N VAL C 317 -2.53 -35.83 16.54
CA VAL C 317 -1.93 -36.39 17.78
C VAL C 317 -1.76 -37.90 17.56
N PRO C 318 -0.60 -38.33 17.07
CA PRO C 318 -0.52 -39.73 16.65
C PRO C 318 -0.39 -40.68 17.83
N GLU C 319 -0.82 -41.92 17.61
CA GLU C 319 -0.66 -43.14 18.48
C GLU C 319 -1.93 -44.03 18.42
N GLY D 1 -5.90 -26.66 21.80
CA GLY D 1 -6.99 -25.74 21.39
C GLY D 1 -7.84 -25.23 22.55
N LEU D 2 -8.72 -24.30 22.23
CA LEU D 2 -9.52 -23.59 23.24
C LEU D 2 -10.46 -24.49 24.03
N PHE D 3 -10.87 -25.61 23.47
CA PHE D 3 -11.84 -26.49 24.15
C PHE D 3 -11.22 -27.64 24.95
N GLY D 4 -9.96 -27.96 24.67
CA GLY D 4 -9.22 -28.94 25.46
C GLY D 4 -9.60 -30.38 25.23
N ALA D 5 -10.26 -30.69 24.11
CA ALA D 5 -10.55 -32.09 23.78
C ALA D 5 -9.37 -32.68 23.02
N ILE D 6 -9.16 -32.20 21.81
CA ILE D 6 -8.11 -32.72 20.94
C ILE D 6 -6.78 -32.24 21.49
N ALA D 7 -5.85 -33.16 21.69
CA ALA D 7 -4.59 -32.90 22.40
C ALA D 7 -4.83 -32.38 23.83
N GLY D 8 -5.95 -32.79 24.42
CA GLY D 8 -6.32 -32.38 25.76
C GLY D 8 -6.73 -33.57 26.56
N PHE D 9 -8.01 -33.65 26.93
CA PHE D 9 -8.52 -34.77 27.75
C PHE D 9 -8.65 -36.06 26.91
N ILE D 10 -8.66 -35.94 25.59
CA ILE D 10 -8.52 -37.08 24.70
C ILE D 10 -7.03 -37.21 24.36
N GLU D 11 -6.42 -38.27 24.89
CA GLU D 11 -4.96 -38.47 24.88
C GLU D 11 -4.36 -38.41 23.49
N ASN D 12 -5.02 -39.07 22.55
CA ASN D 12 -4.54 -39.05 21.17
C ASN D 12 -5.59 -39.44 20.16
N GLY D 13 -5.23 -39.30 18.89
CA GLY D 13 -6.05 -39.71 17.78
C GLY D 13 -6.00 -41.20 17.49
N TRP D 14 -6.83 -41.59 16.54
CA TRP D 14 -6.94 -42.96 16.09
C TRP D 14 -6.51 -43.02 14.65
N GLU D 15 -5.30 -43.55 14.40
CA GLU D 15 -4.87 -43.83 13.02
C GLU D 15 -5.79 -44.82 12.31
N GLY D 16 -6.37 -45.73 13.08
CA GLY D 16 -7.31 -46.74 12.56
C GLY D 16 -8.61 -46.20 12.00
N MET D 17 -9.06 -45.03 12.44
CA MET D 17 -10.32 -44.47 11.94
C MET D 17 -10.13 -43.77 10.60
N ILE D 18 -10.39 -44.51 9.52
CA ILE D 18 -10.16 -44.03 8.15
C ILE D 18 -11.45 -43.60 7.44
N ASP D 19 -12.61 -43.79 8.08
CA ASP D 19 -13.91 -43.51 7.46
C ASP D 19 -14.61 -42.25 8.03
N GLY D 20 -13.88 -41.45 8.81
CA GLY D 20 -14.43 -40.25 9.42
C GLY D 20 -13.41 -39.53 10.29
N TRP D 21 -13.79 -38.34 10.74
CA TRP D 21 -12.92 -37.46 11.54
C TRP D 21 -13.13 -37.64 13.02
N TYR D 22 -14.37 -37.87 13.43
CA TYR D 22 -14.73 -38.13 14.82
C TYR D 22 -15.53 -39.42 14.89
N GLY D 23 -15.51 -40.07 16.04
CA GLY D 23 -16.32 -41.26 16.21
C GLY D 23 -16.18 -42.00 17.51
N PHE D 24 -16.71 -43.22 17.50
CA PHE D 24 -16.93 -44.01 18.70
C PHE D 24 -16.09 -45.29 18.70
N ARG D 25 -15.53 -45.63 19.86
CA ARG D 25 -15.02 -46.99 20.13
C ARG D 25 -15.71 -47.52 21.38
N HIS D 26 -16.17 -48.76 21.31
CA HIS D 26 -16.89 -49.40 22.42
C HIS D 26 -16.27 -50.73 22.81
N GLN D 27 -16.52 -51.11 24.05
CA GLN D 27 -16.32 -52.49 24.54
C GLN D 27 -17.57 -52.89 25.31
N ASN D 28 -18.17 -54.01 24.93
CA ASN D 28 -19.35 -54.56 25.61
C ASN D 28 -19.21 -56.09 25.70
N SER D 29 -20.26 -56.77 26.16
CA SER D 29 -20.30 -58.23 26.21
C SER D 29 -19.95 -58.94 24.88
N GLU D 30 -20.43 -58.39 23.77
CA GLU D 30 -20.22 -58.97 22.43
C GLU D 30 -18.85 -58.73 21.78
N GLY D 31 -18.01 -57.88 22.37
CA GLY D 31 -16.65 -57.61 21.85
C GLY D 31 -16.37 -56.12 21.73
N THR D 32 -15.46 -55.77 20.81
CA THR D 32 -15.12 -54.36 20.52
C THR D 32 -15.42 -53.97 19.08
N GLY D 33 -15.58 -52.67 18.86
CA GLY D 33 -15.89 -52.13 17.53
C GLY D 33 -15.70 -50.64 17.41
N GLN D 34 -15.67 -50.18 16.16
CA GLN D 34 -15.42 -48.78 15.82
C GLN D 34 -16.41 -48.26 14.79
N ALA D 35 -16.88 -47.04 14.99
CA ALA D 35 -17.74 -46.37 13.99
C ALA D 35 -17.57 -44.86 14.01
N ALA D 36 -17.50 -44.29 12.81
CA ALA D 36 -17.39 -42.86 12.62
C ALA D 36 -18.74 -42.18 12.84
N ASP D 37 -18.72 -40.98 13.42
CA ASP D 37 -19.89 -40.12 13.50
C ASP D 37 -19.88 -39.21 12.27
N LEU D 38 -20.94 -39.26 11.47
CA LEU D 38 -20.98 -38.51 10.21
C LEU D 38 -21.31 -37.04 10.41
N LYS D 39 -22.22 -36.71 11.33
CA LYS D 39 -22.66 -35.33 11.55
C LYS D 39 -21.53 -34.40 11.97
N SER D 40 -20.76 -34.82 12.97
CA SER D 40 -19.65 -34.01 13.46
C SER D 40 -18.53 -33.93 12.43
N THR D 41 -18.23 -35.05 11.79
CA THR D 41 -17.26 -35.10 10.72
C THR D 41 -17.61 -34.10 9.63
N GLN D 42 -18.87 -34.10 9.21
CA GLN D 42 -19.34 -33.24 8.11
C GLN D 42 -19.41 -31.76 8.51
N ALA D 43 -19.80 -31.47 9.75
CA ALA D 43 -19.78 -30.10 10.27
C ALA D 43 -18.39 -29.44 10.20
N ALA D 44 -17.36 -30.21 10.56
CA ALA D 44 -15.99 -29.75 10.49
C ALA D 44 -15.58 -29.53 9.05
N ILE D 45 -15.79 -30.56 8.22
CA ILE D 45 -15.42 -30.51 6.81
C ILE D 45 -16.14 -29.37 6.08
N ASP D 46 -17.43 -29.19 6.32
CA ASP D 46 -18.19 -28.09 5.70
C ASP D 46 -17.66 -26.72 6.06
N GLN D 47 -17.30 -26.53 7.33
CA GLN D 47 -16.71 -25.27 7.77
C GLN D 47 -15.32 -25.04 7.17
N ILE D 48 -14.55 -26.11 7.03
CA ILE D 48 -13.22 -26.02 6.42
C ILE D 48 -13.31 -25.81 4.92
N ASN D 49 -14.23 -26.49 4.25
CA ASN D 49 -14.51 -26.22 2.84
C ASN D 49 -14.91 -24.75 2.63
N GLY D 50 -15.75 -24.24 3.52
CA GLY D 50 -16.19 -22.86 3.50
C GLY D 50 -15.02 -21.88 3.49
N LYS D 51 -14.10 -22.01 4.46
CA LYS D 51 -12.93 -21.12 4.53
C LYS D 51 -11.92 -21.32 3.39
N LEU D 52 -11.74 -22.56 2.96
CA LEU D 52 -10.93 -22.86 1.78
C LEU D 52 -11.45 -22.12 0.55
N ASN D 53 -12.75 -22.21 0.27
CA ASN D 53 -13.32 -21.53 -0.91
C ASN D 53 -13.27 -20.00 -0.79
N ARG D 54 -13.41 -19.47 0.42
CA ARG D 54 -13.24 -18.03 0.66
C ARG D 54 -11.82 -17.58 0.37
N VAL D 55 -10.83 -18.33 0.86
CA VAL D 55 -9.43 -17.99 0.66
C VAL D 55 -8.97 -18.11 -0.79
N ILE D 56 -9.38 -19.16 -1.51
CA ILE D 56 -8.91 -19.36 -2.90
C ILE D 56 -9.81 -18.71 -3.95
N GLU D 57 -10.56 -17.68 -3.53
CA GLU D 57 -11.49 -16.95 -4.37
C GLU D 57 -10.64 -15.99 -5.18
N LYS D 58 -10.64 -16.18 -6.49
CA LYS D 58 -9.86 -15.36 -7.39
C LYS D 58 -10.45 -13.94 -7.35
N THR D 59 -9.63 -12.95 -6.96
CA THR D 59 -10.12 -11.58 -6.74
C THR D 59 -9.20 -10.46 -7.27
N ASN D 60 -8.21 -10.78 -8.09
CA ASN D 60 -7.49 -9.72 -8.77
C ASN D 60 -7.04 -10.13 -10.17
N GLU D 61 -7.43 -9.26 -11.09
CA GLU D 61 -7.08 -9.34 -12.48
C GLU D 61 -6.49 -7.98 -12.86
N LYS D 62 -5.22 -8.00 -13.25
CA LYS D 62 -4.46 -6.77 -13.55
C LYS D 62 -3.82 -6.87 -14.91
N PHE D 63 -3.86 -5.77 -15.65
CA PHE D 63 -3.38 -5.73 -17.01
C PHE D 63 -2.16 -4.83 -17.14
N HIS D 64 -2.25 -3.67 -17.78
CA HIS D 64 -1.12 -2.77 -17.85
C HIS D 64 -0.89 -2.10 -16.49
N GLN D 65 0.35 -2.14 -16.02
CA GLN D 65 0.72 -1.67 -14.69
C GLN D 65 1.96 -0.80 -14.86
N ILE D 66 2.86 -0.78 -13.88
CA ILE D 66 4.13 -0.11 -13.99
C ILE D 66 5.23 -1.14 -14.25
N GLU D 67 6.34 -0.64 -14.81
CA GLU D 67 7.52 -1.47 -14.98
C GLU D 67 8.14 -1.73 -13.61
N LYS D 68 8.74 -2.90 -13.47
CA LYS D 68 9.30 -3.39 -12.21
C LYS D 68 10.73 -3.88 -12.26
N GLU D 69 11.30 -3.94 -13.45
CA GLU D 69 12.72 -4.20 -13.67
C GLU D 69 13.21 -3.14 -14.64
N PHE D 70 14.47 -2.75 -14.52
CA PHE D 70 15.01 -1.59 -15.24
C PHE D 70 16.44 -1.91 -15.67
N SER D 71 16.78 -1.57 -16.91
CA SER D 71 18.11 -1.88 -17.42
C SER D 71 19.10 -0.71 -17.23
N GLU D 72 18.58 0.48 -16.92
CA GLU D 72 19.36 1.70 -16.79
C GLU D 72 19.13 2.34 -15.42
N VAL D 73 20.18 2.95 -14.88
CA VAL D 73 20.06 3.78 -13.69
C VAL D 73 19.42 5.11 -14.11
N GLU D 74 18.38 5.53 -13.39
CA GLU D 74 17.68 6.79 -13.70
C GLU D 74 17.51 7.76 -12.52
N GLY D 75 17.47 7.25 -11.30
CA GLY D 75 17.27 8.10 -10.14
C GLY D 75 15.84 8.19 -9.67
N ARG D 76 15.39 9.43 -9.43
CA ARG D 76 14.18 9.73 -8.64
C ARG D 76 12.90 8.96 -9.06
N ILE D 77 12.53 9.02 -10.34
CA ILE D 77 11.33 8.35 -10.83
C ILE D 77 11.42 6.84 -10.62
N GLN D 78 12.56 6.25 -10.94
CA GLN D 78 12.78 4.81 -10.76
C GLN D 78 12.80 4.44 -9.29
N ASP D 79 13.39 5.28 -8.44
CA ASP D 79 13.38 5.02 -6.99
C ASP D 79 11.97 4.86 -6.48
N LEU D 80 11.09 5.74 -6.95
CA LEU D 80 9.68 5.74 -6.54
C LEU D 80 8.92 4.51 -7.07
N GLU D 81 9.10 4.21 -8.36
CA GLU D 81 8.52 3.00 -8.95
C GLU D 81 8.91 1.73 -8.16
N LYS D 82 10.19 1.58 -7.85
CA LYS D 82 10.65 0.43 -7.05
C LYS D 82 10.05 0.41 -5.66
N TYR D 83 10.07 1.57 -5.02
CA TYR D 83 9.56 1.72 -3.66
C TYR D 83 8.07 1.43 -3.59
N VAL D 84 7.31 1.92 -4.56
CA VAL D 84 5.89 1.60 -4.65
C VAL D 84 5.67 0.08 -4.68
N GLU D 85 6.40 -0.62 -5.54
CA GLU D 85 6.24 -2.07 -5.68
C GLU D 85 6.71 -2.82 -4.44
N ASP D 86 7.84 -2.40 -3.90
CA ASP D 86 8.38 -3.03 -2.69
C ASP D 86 7.41 -2.82 -1.51
N THR D 87 6.81 -1.64 -1.41
CA THR D 87 5.80 -1.34 -0.38
C THR D 87 4.57 -2.28 -0.50
N LYS D 88 4.09 -2.42 -1.73
CA LYS D 88 2.94 -3.25 -2.03
C LYS D 88 3.19 -4.70 -1.65
N ILE D 89 4.33 -5.20 -2.10
CA ILE D 89 4.70 -6.60 -1.89
C ILE D 89 4.81 -6.89 -0.39
N ASP D 90 5.41 -5.98 0.37
CA ASP D 90 5.54 -6.18 1.79
C ASP D 90 4.18 -6.23 2.48
N LEU D 91 3.28 -5.33 2.10
CA LEU D 91 1.91 -5.32 2.66
C LEU D 91 1.16 -6.60 2.32
N TRP D 92 1.26 -7.03 1.07
CA TRP D 92 0.61 -8.30 0.69
C TRP D 92 1.26 -9.49 1.39
N SER D 93 2.59 -9.52 1.50
CA SER D 93 3.28 -10.58 2.23
C SER D 93 2.80 -10.65 3.70
N TYR D 94 2.62 -9.49 4.34
CA TYR D 94 2.09 -9.45 5.70
C TYR D 94 0.65 -9.99 5.78
N ASN D 95 -0.21 -9.52 4.88
CA ASN D 95 -1.58 -10.01 4.85
C ASN D 95 -1.62 -11.53 4.75
N ALA D 96 -0.77 -12.07 3.88
CA ALA D 96 -0.73 -13.50 3.65
C ALA D 96 -0.32 -14.24 4.92
N GLU D 97 0.74 -13.77 5.58
CA GLU D 97 1.22 -14.37 6.83
C GLU D 97 0.14 -14.35 7.92
N LEU D 98 -0.48 -13.19 8.12
CA LEU D 98 -1.54 -13.06 9.12
C LEU D 98 -2.73 -13.96 8.79
N LEU D 99 -3.12 -13.99 7.51
CA LEU D 99 -4.26 -14.77 7.08
C LEU D 99 -4.09 -16.24 7.48
N VAL D 100 -2.95 -16.82 7.17
CA VAL D 100 -2.80 -18.24 7.45
C VAL D 100 -2.73 -18.48 8.96
N ALA D 101 -2.06 -17.59 9.68
CA ALA D 101 -1.99 -17.69 11.14
C ALA D 101 -3.40 -17.72 11.78
N LEU D 102 -4.22 -16.74 11.42
CA LEU D 102 -5.59 -16.65 11.95
C LEU D 102 -6.42 -17.85 11.53
N GLU D 103 -6.39 -18.15 10.23
CA GLU D 103 -7.13 -19.27 9.67
C GLU D 103 -6.77 -20.57 10.41
N ASN D 104 -5.47 -20.82 10.60
CA ASN D 104 -5.02 -22.10 11.15
C ASN D 104 -5.31 -22.21 12.64
N GLN D 105 -5.10 -21.14 13.40
CA GLN D 105 -5.53 -21.11 14.80
C GLN D 105 -7.03 -21.47 14.91
N HIS D 106 -7.85 -20.81 14.11
CA HIS D 106 -9.28 -21.03 14.09
C HIS D 106 -9.67 -22.45 13.65
N THR D 107 -8.97 -22.99 12.65
CA THR D 107 -9.23 -24.35 12.19
C THR D 107 -9.00 -25.37 13.30
N ILE D 108 -7.89 -25.22 14.02
CA ILE D 108 -7.59 -26.07 15.17
C ILE D 108 -8.67 -25.90 16.25
N ASP D 109 -9.05 -24.67 16.56
CA ASP D 109 -10.06 -24.42 17.58
C ASP D 109 -11.44 -24.96 17.20
N LEU D 110 -11.79 -24.94 15.92
CA LEU D 110 -13.13 -25.38 15.51
C LEU D 110 -13.21 -26.89 15.42
N THR D 111 -12.10 -27.54 15.07
CA THR D 111 -12.05 -28.99 15.08
C THR D 111 -12.08 -29.51 16.52
N ASP D 112 -11.32 -28.86 17.40
CA ASP D 112 -11.37 -29.11 18.84
C ASP D 112 -12.81 -28.95 19.36
N SER D 113 -13.45 -27.84 18.97
CA SER D 113 -14.84 -27.57 19.31
C SER D 113 -15.82 -28.67 18.88
N GLU D 114 -15.69 -29.13 17.64
CA GLU D 114 -16.59 -30.17 17.14
C GLU D 114 -16.46 -31.49 17.89
N MET D 115 -15.22 -31.84 18.26
CA MET D 115 -14.97 -33.01 19.14
C MET D 115 -15.75 -32.83 20.43
N ASN D 116 -15.56 -31.69 21.06
CA ASN D 116 -16.24 -31.35 22.31
C ASN D 116 -17.76 -31.38 22.19
N LYS D 117 -18.29 -30.85 21.08
CA LYS D 117 -19.74 -30.86 20.83
C LYS D 117 -20.33 -32.27 20.77
N LEU D 118 -19.62 -33.19 20.11
CA LEU D 118 -20.03 -34.59 20.04
C LEU D 118 -20.02 -35.24 21.43
N PHE D 119 -18.95 -34.98 22.19
CA PHE D 119 -18.83 -35.48 23.54
C PHE D 119 -19.95 -35.02 24.49
N GLU D 120 -20.27 -33.73 24.46
CA GLU D 120 -21.33 -33.18 25.31
C GLU D 120 -22.71 -33.71 24.90
N LYS D 121 -22.91 -33.91 23.60
CA LYS D 121 -24.16 -34.44 23.05
C LYS D 121 -24.39 -35.87 23.53
N THR D 122 -23.31 -36.66 23.50
CA THR D 122 -23.35 -38.06 23.93
C THR D 122 -23.65 -38.11 25.44
N GLY D 123 -22.90 -37.35 26.24
CA GLY D 123 -23.14 -37.23 27.68
C GLY D 123 -24.60 -36.93 28.02
N ARG D 124 -25.20 -36.05 27.24
CA ARG D 124 -26.62 -35.67 27.42
C ARG D 124 -27.62 -36.76 27.03
N GLN D 125 -27.32 -37.54 25.99
CA GLN D 125 -28.11 -38.72 25.64
C GLN D 125 -28.21 -39.71 26.81
N LEU D 126 -27.06 -40.03 27.37
CA LEU D 126 -26.93 -41.04 28.41
C LEU D 126 -27.51 -40.66 29.78
N ARG D 127 -27.86 -39.38 29.96
CA ARG D 127 -28.51 -38.90 31.17
C ARG D 127 -27.80 -39.46 32.41
N GLU D 128 -28.50 -40.26 33.23
CA GLU D 128 -27.92 -40.77 34.47
C GLU D 128 -27.45 -42.22 34.35
N ASN D 129 -27.45 -42.77 33.13
CA ASN D 129 -27.07 -44.17 32.91
C ASN D 129 -25.58 -44.36 32.62
N ALA D 130 -24.78 -43.30 32.73
CA ALA D 130 -23.32 -43.40 32.50
C ALA D 130 -22.57 -42.29 33.22
N GLU D 131 -21.25 -42.46 33.31
CA GLU D 131 -20.37 -41.47 33.94
C GLU D 131 -19.13 -41.18 33.09
N ASP D 132 -18.73 -39.92 33.08
CA ASP D 132 -17.54 -39.44 32.39
C ASP D 132 -16.27 -39.89 33.13
N MET D 133 -15.52 -40.85 32.56
CA MET D 133 -14.25 -41.28 33.14
C MET D 133 -13.17 -40.17 33.11
N GLY D 134 -13.32 -39.19 32.21
CA GLY D 134 -12.43 -38.02 32.13
C GLY D 134 -11.38 -38.07 31.03
N ASN D 135 -11.44 -39.11 30.20
CA ASN D 135 -10.47 -39.36 29.13
C ASN D 135 -11.19 -39.52 27.77
N GLY D 136 -12.38 -38.95 27.66
CA GLY D 136 -13.20 -39.14 26.49
C GLY D 136 -14.11 -40.35 26.51
N CYS D 137 -14.03 -41.16 27.57
CA CYS D 137 -14.81 -42.40 27.64
C CYS D 137 -15.87 -42.35 28.73
N PHE D 138 -17.07 -42.76 28.35
CA PHE D 138 -18.16 -42.98 29.30
C PHE D 138 -18.16 -44.44 29.74
N LYS D 139 -18.20 -44.66 31.05
CA LYS D 139 -18.54 -45.96 31.57
C LYS D 139 -20.05 -46.02 31.65
N ILE D 140 -20.65 -46.93 30.88
CA ILE D 140 -22.09 -47.17 30.90
C ILE D 140 -22.35 -48.27 31.92
N TYR D 141 -23.34 -48.04 32.78
CA TYR D 141 -23.60 -48.90 33.92
C TYR D 141 -24.77 -49.88 33.66
N HIS D 142 -24.77 -50.50 32.48
CA HIS D 142 -25.78 -51.50 32.14
C HIS D 142 -25.37 -52.35 30.94
N LYS D 143 -26.08 -53.46 30.74
CA LYS D 143 -25.90 -54.32 29.56
C LYS D 143 -26.23 -53.50 28.32
N CYS D 144 -25.23 -53.30 27.46
CA CYS D 144 -25.42 -52.56 26.21
C CYS D 144 -24.89 -53.39 25.04
N ASP D 145 -25.75 -54.31 24.58
CA ASP D 145 -25.50 -55.10 23.36
C ASP D 145 -25.34 -54.20 22.13
N ASN D 146 -24.87 -54.77 21.02
CA ASN D 146 -24.60 -54.00 19.80
C ASN D 146 -25.81 -53.18 19.30
N ALA D 147 -27.02 -53.70 19.53
CA ALA D 147 -28.26 -52.95 19.26
C ALA D 147 -28.33 -51.65 20.07
N CYS D 148 -27.95 -51.76 21.34
CA CYS D 148 -27.93 -50.63 22.28
C CYS D 148 -26.83 -49.62 21.92
N ILE D 149 -25.63 -50.10 21.57
CA ILE D 149 -24.53 -49.22 21.18
C ILE D 149 -24.91 -48.44 19.93
N GLU D 150 -25.34 -49.15 18.89
CA GLU D 150 -25.79 -48.52 17.64
C GLU D 150 -26.97 -47.55 17.89
N SER D 151 -27.80 -47.79 18.90
CA SER D 151 -28.87 -46.85 19.29
C SER D 151 -28.32 -45.50 19.80
N ILE D 152 -27.21 -45.57 20.53
CA ILE D 152 -26.52 -44.37 21.02
C ILE D 152 -25.90 -43.63 19.84
N ARG D 153 -25.25 -44.38 18.95
CA ARG D 153 -24.56 -43.78 17.80
C ARG D 153 -25.53 -43.17 16.79
N ASN D 154 -26.65 -43.83 16.49
CA ASN D 154 -27.65 -43.28 15.53
C ASN D 154 -28.81 -42.50 16.20
N GLY D 155 -28.65 -42.15 17.48
CA GLY D 155 -29.52 -41.18 18.15
C GLY D 155 -30.86 -41.65 18.66
N THR D 156 -31.11 -42.97 18.71
CA THR D 156 -32.41 -43.53 19.13
C THR D 156 -32.44 -44.12 20.55
N TYR D 157 -31.30 -44.12 21.24
CA TYR D 157 -31.18 -44.62 22.62
C TYR D 157 -32.16 -43.92 23.55
N ASP D 158 -33.12 -44.67 24.09
CA ASP D 158 -34.03 -44.19 25.13
C ASP D 158 -33.39 -44.52 26.47
N HIS D 159 -33.08 -43.49 27.25
CA HIS D 159 -32.44 -43.70 28.56
C HIS D 159 -33.40 -44.27 29.62
N ASP D 160 -34.71 -44.01 29.50
CA ASP D 160 -35.70 -44.52 30.47
C ASP D 160 -35.73 -46.06 30.53
N VAL D 161 -35.53 -46.71 29.38
CA VAL D 161 -35.45 -48.17 29.28
C VAL D 161 -34.44 -48.78 30.25
N TYR D 162 -33.24 -48.20 30.32
CA TYR D 162 -32.14 -48.75 31.12
C TYR D 162 -31.90 -48.01 32.45
N ARG D 163 -32.73 -47.01 32.78
CA ARG D 163 -32.47 -46.13 33.93
C ARG D 163 -32.43 -46.87 35.28
N ASP D 164 -33.47 -47.63 35.59
CA ASP D 164 -33.51 -48.45 36.83
C ASP D 164 -32.31 -49.40 36.93
N GLU D 165 -32.08 -50.15 35.86
CA GLU D 165 -30.93 -51.04 35.76
C GLU D 165 -29.62 -50.31 36.06
N ALA D 166 -29.46 -49.13 35.49
CA ALA D 166 -28.21 -48.36 35.58
C ALA D 166 -28.03 -47.65 36.92
N LEU D 167 -29.07 -46.95 37.37
CA LEU D 167 -29.07 -46.27 38.67
C LEU D 167 -28.67 -47.21 39.82
N ASN D 168 -29.17 -48.45 39.76
CA ASN D 168 -28.84 -49.48 40.75
C ASN D 168 -27.34 -49.84 40.73
N ASN D 169 -26.84 -50.17 39.54
CA ASN D 169 -25.41 -50.48 39.35
C ASN D 169 -24.46 -49.34 39.78
N ARG D 170 -24.92 -48.10 39.62
CA ARG D 170 -24.11 -46.92 40.01
C ARG D 170 -24.05 -46.74 41.52
N PHE D 171 -25.20 -46.96 42.18
CA PHE D 171 -25.37 -46.77 43.62
C PHE D 171 -25.67 -48.08 44.36
N PRO E 3 -45.40 -34.87 40.27
CA PRO E 3 -45.68 -33.99 39.15
C PRO E 3 -44.83 -32.69 39.22
N GLY E 4 -43.86 -32.58 38.31
CA GLY E 4 -42.83 -31.54 38.41
C GLY E 4 -42.97 -30.41 37.40
N ALA E 5 -41.87 -30.11 36.71
CA ALA E 5 -41.76 -28.92 35.86
C ALA E 5 -40.56 -29.01 34.93
N THR E 6 -40.65 -28.34 33.79
CA THR E 6 -39.55 -28.21 32.84
C THR E 6 -39.13 -26.73 32.71
N LEU E 7 -37.83 -26.46 32.60
CA LEU E 7 -37.31 -25.09 32.39
C LEU E 7 -36.39 -25.06 31.18
N CYS E 8 -36.89 -24.51 30.09
CA CYS E 8 -36.16 -24.42 28.82
C CYS E 8 -35.41 -23.11 28.66
N LEU E 9 -34.13 -23.22 28.36
CA LEU E 9 -33.28 -22.07 27.98
C LEU E 9 -33.32 -21.91 26.46
N GLY E 10 -33.30 -20.66 26.02
CA GLY E 10 -33.33 -20.33 24.60
C GLY E 10 -32.93 -18.89 24.31
N HIS E 11 -33.13 -18.50 23.05
CA HIS E 11 -32.66 -17.22 22.55
C HIS E 11 -33.66 -16.69 21.53
N HIS E 12 -33.59 -15.39 21.24
CA HIS E 12 -34.54 -14.77 20.33
C HIS E 12 -34.25 -15.10 18.87
N ALA E 13 -35.20 -14.72 18.03
CA ALA E 13 -35.08 -14.83 16.59
C ALA E 13 -36.01 -13.82 15.97
N VAL E 14 -35.89 -13.63 14.67
CA VAL E 14 -36.77 -12.74 13.92
C VAL E 14 -37.24 -13.45 12.67
N PRO E 15 -38.36 -13.00 12.07
CA PRO E 15 -38.83 -13.74 10.88
C PRO E 15 -37.96 -13.47 9.65
N ASN E 16 -37.50 -12.24 9.48
CA ASN E 16 -36.64 -11.87 8.34
C ASN E 16 -35.31 -11.28 8.84
N GLY E 17 -34.27 -12.12 8.84
CA GLY E 17 -32.92 -11.73 9.26
C GLY E 17 -32.11 -11.14 8.11
N THR E 18 -30.81 -10.90 8.35
CA THR E 18 -29.89 -10.33 7.34
C THR E 18 -28.72 -11.28 7.12
N LEU E 19 -28.24 -11.33 5.88
CA LEU E 19 -27.08 -12.13 5.50
C LEU E 19 -25.78 -11.38 5.77
N VAL E 20 -24.80 -12.08 6.33
CA VAL E 20 -23.43 -11.55 6.49
C VAL E 20 -22.41 -12.58 6.06
N LYS E 21 -21.19 -12.12 5.88
CA LYS E 21 -20.06 -12.96 5.49
C LYS E 21 -19.20 -13.20 6.73
N THR E 22 -18.61 -14.39 6.81
CA THR E 22 -17.72 -14.80 7.90
C THR E 22 -16.46 -15.46 7.35
N ILE E 23 -15.63 -16.01 8.23
CA ILE E 23 -14.47 -16.79 7.83
C ILE E 23 -14.90 -18.03 7.03
N THR E 24 -15.94 -18.70 7.52
CA THR E 24 -16.37 -19.98 6.95
C THR E 24 -17.55 -19.88 5.98
N ASP E 25 -18.32 -18.80 6.04
CA ASP E 25 -19.54 -18.68 5.24
C ASP E 25 -19.60 -17.39 4.44
N ASP E 26 -19.90 -17.55 3.17
CA ASP E 26 -20.07 -16.45 2.22
C ASP E 26 -21.39 -15.69 2.50
N GLN E 27 -22.41 -16.44 2.93
CA GLN E 27 -23.70 -15.89 3.36
C GLN E 27 -24.15 -16.72 4.55
N ILE E 28 -24.44 -16.04 5.65
CA ILE E 28 -25.05 -16.69 6.81
C ILE E 28 -25.93 -15.68 7.53
N GLU E 29 -27.05 -16.18 8.05
CA GLU E 29 -28.14 -15.32 8.51
C GLU E 29 -28.02 -14.96 9.99
N VAL E 30 -28.03 -13.66 10.28
CA VAL E 30 -28.00 -13.16 11.65
C VAL E 30 -29.26 -12.30 11.90
N THR E 31 -29.51 -11.97 13.17
CA THR E 31 -30.72 -11.20 13.54
C THR E 31 -30.67 -9.76 13.03
N ASN E 32 -29.48 -9.17 12.99
CA ASN E 32 -29.33 -7.78 12.61
C ASN E 32 -27.90 -7.54 12.13
N ALA E 33 -27.74 -6.51 11.30
CA ALA E 33 -26.42 -6.05 10.89
C ALA E 33 -26.49 -4.57 10.55
N THR E 34 -25.33 -3.95 10.38
CA THR E 34 -25.23 -2.55 10.01
C THR E 34 -24.24 -2.38 8.86
N GLU E 35 -24.56 -1.42 7.99
CA GLU E 35 -23.82 -1.19 6.75
C GLU E 35 -22.55 -0.37 7.05
N LEU E 36 -21.40 -0.86 6.59
CA LEU E 36 -20.12 -0.18 6.75
C LEU E 36 -19.64 0.60 5.50
N VAL E 37 -20.34 0.48 4.37
CA VAL E 37 -19.98 1.18 3.14
C VAL E 37 -21.00 2.25 2.77
N GLN E 38 -20.57 3.50 2.77
CA GLN E 38 -21.39 4.58 2.24
C GLN E 38 -21.45 4.48 0.71
N SER E 39 -22.62 4.26 0.16
CA SER E 39 -22.77 4.09 -1.30
C SER E 39 -23.64 5.16 -1.96
N SER E 40 -24.05 6.18 -1.21
CA SER E 40 -24.90 7.24 -1.75
C SER E 40 -24.43 8.62 -1.32
N SER E 41 -24.85 9.60 -2.13
CA SER E 41 -24.56 11.01 -1.95
C SER E 41 -25.83 11.78 -2.19
N THR E 42 -25.95 12.96 -1.59
CA THR E 42 -27.06 13.88 -1.92
C THR E 42 -26.99 14.40 -3.35
N GLY E 43 -25.82 14.38 -3.98
CA GLY E 43 -25.61 14.98 -5.29
C GLY E 43 -25.20 16.45 -5.24
N LYS E 44 -24.99 16.95 -4.02
CA LYS E 44 -24.74 18.35 -3.76
C LYS E 44 -23.53 18.50 -2.83
N ILE E 45 -22.71 19.51 -3.09
CA ILE E 45 -21.54 19.83 -2.24
C ILE E 45 -21.94 20.85 -1.18
N CYS E 46 -21.89 20.43 0.09
CA CYS E 46 -22.23 21.32 1.19
C CYS E 46 -21.23 22.46 1.34
N ASN E 47 -21.73 23.68 1.53
CA ASN E 47 -20.88 24.87 1.66
C ASN E 47 -20.22 25.07 3.03
N ASN E 48 -20.55 24.23 4.00
CA ASN E 48 -19.86 24.20 5.30
C ASN E 48 -19.43 22.75 5.63
N PRO E 49 -18.34 22.56 6.41
CA PRO E 49 -17.57 23.62 7.06
C PRO E 49 -16.36 24.12 6.28
N HIS E 50 -16.10 23.58 5.10
CA HIS E 50 -14.96 24.00 4.30
C HIS E 50 -15.36 25.17 3.40
N ARG E 51 -14.47 26.14 3.25
CA ARG E 51 -14.65 27.23 2.30
C ARG E 51 -14.56 26.73 0.83
N ILE E 52 -15.73 26.62 0.19
CA ILE E 52 -15.85 26.15 -1.18
C ILE E 52 -15.85 27.34 -2.11
N LEU E 53 -15.03 27.32 -3.15
CA LEU E 53 -15.00 28.38 -4.15
C LEU E 53 -15.34 27.75 -5.49
N ASP E 54 -16.49 28.12 -6.02
CA ASP E 54 -16.94 27.67 -7.30
C ASP E 54 -16.20 28.45 -8.38
N GLY E 55 -15.46 27.73 -9.22
CA GLY E 55 -14.74 28.38 -10.31
C GLY E 55 -15.62 28.89 -11.44
N ILE E 56 -16.85 28.36 -11.50
CA ILE E 56 -17.83 28.68 -12.54
C ILE E 56 -17.20 28.50 -13.95
N ASP E 57 -16.94 29.58 -14.68
CA ASP E 57 -16.39 29.55 -16.02
C ASP E 57 -14.87 29.48 -16.03
N CYS E 58 -14.24 29.41 -14.86
CA CYS E 58 -12.80 29.57 -14.76
C CYS E 58 -12.06 28.39 -14.14
N THR E 59 -10.97 27.98 -14.81
CA THR E 59 -10.01 27.05 -14.19
C THR E 59 -9.24 27.86 -13.18
N LEU E 60 -8.65 27.18 -12.23
CA LEU E 60 -7.75 27.84 -11.28
C LEU E 60 -6.61 28.57 -12.00
N ILE E 61 -6.08 27.95 -13.05
CA ILE E 61 -4.97 28.56 -13.79
C ILE E 61 -5.40 29.88 -14.45
N ASP E 62 -6.59 29.92 -15.05
CA ASP E 62 -7.05 31.18 -15.69
C ASP E 62 -7.33 32.29 -14.64
N ALA E 63 -7.79 31.91 -13.46
CA ALA E 63 -7.93 32.86 -12.36
C ALA E 63 -6.57 33.35 -11.90
N LEU E 64 -5.63 32.44 -11.81
CA LEU E 64 -4.24 32.78 -11.46
C LEU E 64 -3.67 33.80 -12.45
N LEU E 65 -3.74 33.48 -13.73
CA LEU E 65 -3.11 34.31 -14.75
C LEU E 65 -3.82 35.65 -14.89
N GLY E 66 -5.13 35.64 -14.67
CA GLY E 66 -5.93 36.84 -14.77
C GLY E 66 -6.56 37.03 -16.13
N ASP E 67 -7.08 35.95 -16.70
CA ASP E 67 -8.01 35.96 -17.86
C ASP E 67 -9.17 36.89 -17.45
N PRO E 68 -9.54 37.89 -18.28
CA PRO E 68 -10.54 38.89 -17.83
C PRO E 68 -11.86 38.38 -17.28
N HIS E 69 -12.49 37.40 -17.92
CA HIS E 69 -13.72 36.81 -17.37
C HIS E 69 -13.50 36.12 -16.03
N CYS E 70 -12.24 35.93 -15.61
CA CYS E 70 -11.87 35.42 -14.28
C CYS E 70 -11.32 36.48 -13.32
N ASP E 71 -11.41 37.76 -13.69
CA ASP E 71 -10.98 38.83 -12.81
C ASP E 71 -11.66 38.85 -11.46
N VAL E 72 -12.90 38.35 -11.40
CA VAL E 72 -13.65 38.28 -10.14
C VAL E 72 -12.98 37.39 -9.10
N PHE E 73 -12.07 36.52 -9.53
CA PHE E 73 -11.31 35.67 -8.60
C PHE E 73 -10.05 36.30 -7.99
N GLN E 74 -9.67 37.51 -8.39
CA GLN E 74 -8.49 38.17 -7.84
C GLN E 74 -8.50 38.15 -6.31
N ASN E 75 -7.38 37.73 -5.74
CA ASN E 75 -7.17 37.62 -4.29
C ASN E 75 -8.15 36.72 -3.52
N GLU E 76 -8.87 35.82 -4.20
CA GLU E 76 -9.77 34.87 -3.53
C GLU E 76 -8.99 33.81 -2.77
N THR E 77 -9.68 33.16 -1.85
CA THR E 77 -9.13 32.07 -1.08
C THR E 77 -10.12 30.91 -1.04
N TRP E 78 -9.62 29.75 -0.62
CA TRP E 78 -10.45 28.55 -0.58
C TRP E 78 -9.80 27.45 0.27
N ASP E 79 -10.63 26.57 0.79
CA ASP E 79 -10.21 25.24 1.22
C ASP E 79 -10.32 24.30 0.02
N LEU E 80 -11.42 24.41 -0.74
CA LEU E 80 -11.60 23.58 -1.91
C LEU E 80 -12.08 24.42 -3.08
N PHE E 81 -11.24 24.49 -4.11
CA PHE E 81 -11.59 25.12 -5.38
C PHE E 81 -12.22 24.06 -6.26
N VAL E 82 -13.37 24.39 -6.82
CA VAL E 82 -14.13 23.44 -7.64
C VAL E 82 -14.08 23.88 -9.09
N GLU E 83 -13.42 23.09 -9.94
CA GLU E 83 -13.40 23.36 -11.38
C GLU E 83 -14.53 22.63 -12.08
N ARG E 84 -15.21 23.35 -12.96
CA ARG E 84 -16.38 22.86 -13.67
C ARG E 84 -16.01 22.45 -15.09
N SER E 85 -16.71 21.44 -15.62
CA SER E 85 -16.45 20.99 -17.01
C SER E 85 -16.79 22.07 -18.05
N LYS E 86 -17.68 23.00 -17.72
CA LYS E 86 -18.01 24.13 -18.60
C LYS E 86 -16.94 25.25 -18.65
N ALA E 87 -15.89 25.20 -17.83
CA ALA E 87 -14.89 26.26 -17.84
C ALA E 87 -14.23 26.41 -19.21
N PHE E 88 -13.87 27.65 -19.56
CA PHE E 88 -13.21 27.95 -20.82
C PHE E 88 -12.21 29.09 -20.65
N SER E 89 -11.18 29.10 -21.51
CA SER E 89 -10.20 30.18 -21.57
C SER E 89 -10.67 31.21 -22.59
N ASN E 90 -10.39 32.48 -22.34
CA ASN E 90 -10.80 33.55 -23.27
C ASN E 90 -9.81 34.72 -23.31
N CYS E 91 -8.53 34.38 -23.33
CA CYS E 91 -7.48 35.37 -23.37
C CYS E 91 -6.49 34.88 -24.44
N TYR E 92 -5.22 35.32 -24.37
CA TYR E 92 -4.21 34.89 -25.34
C TYR E 92 -4.02 33.38 -25.20
N PRO E 93 -3.84 32.68 -26.32
CA PRO E 93 -3.67 31.24 -26.21
C PRO E 93 -2.31 30.89 -25.59
N TYR E 94 -2.30 29.88 -24.73
CA TYR E 94 -1.16 29.58 -23.91
C TYR E 94 -1.08 28.12 -23.57
N ASP E 95 0.10 27.66 -23.20
CA ASP E 95 0.28 26.37 -22.54
C ASP E 95 1.11 26.55 -21.28
N VAL E 96 1.01 25.56 -20.39
CA VAL E 96 1.85 25.48 -19.21
C VAL E 96 2.55 24.13 -19.25
N PRO E 97 3.85 24.11 -19.58
CA PRO E 97 4.59 22.86 -19.34
C PRO E 97 4.49 22.51 -17.85
N ASP E 98 4.13 21.28 -17.56
CA ASP E 98 3.86 20.89 -16.17
C ASP E 98 2.68 21.69 -15.58
N TYR E 99 1.65 21.86 -16.40
CA TYR E 99 0.36 22.40 -15.96
C TYR E 99 -0.09 21.80 -14.62
N ALA E 100 -0.04 20.48 -14.53
CA ALA E 100 -0.54 19.76 -13.37
C ALA E 100 0.16 20.19 -12.09
N SER E 101 1.48 20.39 -12.14
CA SER E 101 2.24 20.85 -10.97
C SER E 101 1.87 22.26 -10.56
N LEU E 102 1.75 23.17 -11.51
CA LEU E 102 1.42 24.57 -11.16
C LEU E 102 0.03 24.62 -10.54
N ARG E 103 -0.91 23.90 -11.16
CA ARG E 103 -2.26 23.80 -10.64
C ARG E 103 -2.27 23.21 -9.22
N SER E 104 -1.45 22.18 -9.01
CA SER E 104 -1.39 21.55 -7.71
C SER E 104 -0.84 22.51 -6.64
N LEU E 105 0.28 23.17 -6.92
CA LEU E 105 0.91 23.97 -5.90
C LEU E 105 0.04 25.18 -5.55
N VAL E 106 -0.62 25.77 -6.55
CA VAL E 106 -1.52 26.88 -6.29
C VAL E 106 -2.74 26.39 -5.51
N ALA E 107 -3.32 25.27 -5.93
CA ALA E 107 -4.48 24.71 -5.24
C ALA E 107 -4.20 24.47 -3.75
N SER E 108 -3.02 23.96 -3.49
CA SER E 108 -2.55 23.64 -2.16
C SER E 108 -2.25 24.89 -1.31
N SER E 109 -1.79 25.94 -1.97
CA SER E 109 -1.54 27.20 -1.30
C SER E 109 -2.84 27.83 -0.78
N GLY E 110 -3.94 27.69 -1.52
CA GLY E 110 -5.26 28.07 -1.05
C GLY E 110 -5.59 29.55 -1.20
N THR E 111 -4.78 30.28 -1.95
CA THR E 111 -4.96 31.70 -2.16
C THR E 111 -4.41 32.18 -3.50
N LEU E 112 -5.03 33.25 -4.01
CA LEU E 112 -4.52 34.00 -5.17
C LEU E 112 -4.05 35.44 -4.81
N GLU E 113 -3.85 35.70 -3.54
CA GLU E 113 -3.33 36.98 -3.09
C GLU E 113 -2.11 37.43 -3.85
N PHE E 114 -2.20 38.58 -4.53
CA PHE E 114 -1.15 39.11 -5.38
C PHE E 114 -0.61 40.44 -4.84
N ILE E 115 0.71 40.55 -4.75
CA ILE E 115 1.40 41.75 -4.27
C ILE E 115 2.21 42.27 -5.45
N THR E 116 1.89 43.47 -5.90
CA THR E 116 2.58 44.13 -7.01
C THR E 116 3.97 44.59 -6.55
N GLU E 117 4.95 44.42 -7.43
CA GLU E 117 6.34 44.83 -7.17
C GLU E 117 6.82 45.75 -8.28
N GLY E 118 7.58 46.78 -7.93
CA GLY E 118 7.98 47.79 -8.91
C GLY E 118 9.18 47.40 -9.74
N PHE E 119 9.01 46.43 -10.64
CA PHE E 119 10.06 46.04 -11.60
C PHE E 119 10.32 47.18 -12.58
N THR E 120 11.59 47.42 -12.88
CA THR E 120 12.00 48.47 -13.81
C THR E 120 12.47 47.86 -15.14
N TRP E 121 11.67 48.02 -16.18
CA TRP E 121 11.96 47.48 -17.50
C TRP E 121 12.40 48.65 -18.38
N THR E 122 13.70 48.95 -18.35
CA THR E 122 14.25 50.08 -19.07
C THR E 122 14.36 49.80 -20.55
N GLY E 123 13.76 50.69 -21.36
CA GLY E 123 13.94 50.69 -22.81
C GLY E 123 13.05 49.72 -23.55
N VAL E 124 11.92 49.34 -22.96
CA VAL E 124 10.89 48.55 -23.64
C VAL E 124 9.52 49.16 -23.41
N THR E 125 8.57 48.76 -24.25
CA THR E 125 7.18 49.15 -24.14
C THR E 125 6.49 48.12 -23.27
N GLN E 126 5.66 48.59 -22.35
CA GLN E 126 4.96 47.72 -21.40
C GLN E 126 3.50 47.63 -21.76
N ASN E 127 2.82 46.71 -21.06
CA ASN E 127 1.36 46.57 -21.10
C ASN E 127 0.82 46.22 -22.49
N GLY E 128 1.56 45.41 -23.24
CA GLY E 128 1.08 44.90 -24.51
C GLY E 128 -0.20 44.11 -24.31
N GLY E 129 -1.09 44.19 -25.29
CA GLY E 129 -2.34 43.40 -25.28
C GLY E 129 -2.68 42.85 -26.64
N SER E 130 -3.83 42.18 -26.69
CA SER E 130 -4.30 41.53 -27.91
C SER E 130 -5.80 41.49 -27.94
N ASN E 131 -6.35 41.44 -29.16
CA ASN E 131 -7.79 41.27 -29.34
C ASN E 131 -8.25 39.86 -29.01
N ALA E 132 -7.32 38.92 -28.84
CA ALA E 132 -7.61 37.61 -28.26
C ALA E 132 -8.06 37.67 -26.80
N CYS E 133 -7.75 38.77 -26.13
CA CYS E 133 -7.98 38.92 -24.69
C CYS E 133 -8.56 40.32 -24.40
N LYS E 134 -9.79 40.56 -24.85
CA LYS E 134 -10.41 41.90 -24.77
C LYS E 134 -10.70 42.33 -23.33
N ARG E 135 -10.51 43.62 -23.11
CA ARG E 135 -10.78 44.26 -21.83
C ARG E 135 -11.44 45.57 -22.13
N GLY E 136 -12.73 45.68 -21.87
CA GLY E 136 -13.43 46.94 -22.18
C GLY E 136 -13.56 47.01 -23.68
N PRO E 137 -13.42 48.22 -24.28
CA PRO E 137 -13.53 48.34 -25.74
C PRO E 137 -12.29 47.84 -26.52
N GLY E 138 -11.12 47.87 -25.89
CA GLY E 138 -9.89 47.56 -26.59
C GLY E 138 -9.35 46.18 -26.30
N SER E 139 -8.13 46.02 -26.78
CA SER E 139 -7.34 44.83 -26.55
C SER E 139 -6.88 44.82 -25.11
N GLY E 140 -6.53 43.64 -24.63
CA GLY E 140 -6.08 43.48 -23.24
C GLY E 140 -5.20 42.27 -23.08
N PHE E 141 -5.02 41.85 -21.84
CA PHE E 141 -4.07 40.79 -21.51
C PHE E 141 -4.36 40.24 -20.13
N PHE E 142 -3.69 39.15 -19.80
CA PHE E 142 -3.72 38.57 -18.44
C PHE E 142 -3.39 39.66 -17.44
N SER E 143 -4.21 39.85 -16.41
CA SER E 143 -3.99 40.93 -15.43
C SER E 143 -2.64 40.88 -14.73
N ARG E 144 -2.10 39.70 -14.50
CA ARG E 144 -0.85 39.53 -13.70
C ARG E 144 0.45 39.43 -14.51
N LEU E 145 0.32 39.58 -15.83
CA LEU E 145 1.45 39.52 -16.71
C LEU E 145 1.56 40.81 -17.51
N ASN E 146 2.80 41.09 -17.91
CA ASN E 146 3.16 42.34 -18.55
C ASN E 146 3.91 42.03 -19.83
N TRP E 147 3.22 42.16 -20.96
CA TRP E 147 3.80 41.85 -22.27
C TRP E 147 4.71 42.99 -22.68
N LEU E 148 6.00 42.71 -22.76
CA LEU E 148 7.01 43.69 -23.14
C LEU E 148 7.39 43.52 -24.60
N THR E 149 7.46 44.64 -25.32
CA THR E 149 7.94 44.70 -26.70
C THR E 149 8.92 45.87 -26.85
N LYS E 150 9.49 46.03 -28.03
CA LYS E 150 10.45 47.10 -28.28
C LYS E 150 9.92 48.50 -28.01
N SER E 151 10.84 49.39 -27.67
CA SER E 151 10.62 50.82 -27.59
C SER E 151 11.48 51.45 -28.69
N GLY E 152 10.86 52.26 -29.53
CA GLY E 152 11.52 52.77 -30.74
C GLY E 152 11.89 51.62 -31.66
N SER E 153 13.20 51.39 -31.83
CA SER E 153 13.71 50.32 -32.70
C SER E 153 14.69 49.38 -31.99
N THR E 154 14.61 49.32 -30.66
CA THR E 154 15.55 48.54 -29.84
C THR E 154 14.80 47.80 -28.73
N TYR E 155 15.32 46.62 -28.38
CA TYR E 155 14.92 45.85 -27.21
C TYR E 155 16.24 45.50 -26.52
N PRO E 156 16.59 46.23 -25.44
CA PRO E 156 17.89 45.97 -24.80
C PRO E 156 17.86 44.70 -23.94
N VAL E 157 19.02 44.33 -23.39
CA VAL E 157 19.09 43.25 -22.40
C VAL E 157 18.37 43.73 -21.14
N LEU E 158 17.26 43.10 -20.82
CA LEU E 158 16.57 43.35 -19.57
C LEU E 158 17.24 42.56 -18.49
N ASN E 159 17.52 43.23 -17.38
CA ASN E 159 18.26 42.64 -16.28
C ASN E 159 17.73 43.25 -14.98
N VAL E 160 16.88 42.51 -14.26
CA VAL E 160 16.29 43.02 -13.01
C VAL E 160 16.38 42.03 -11.88
N THR E 161 16.31 42.56 -10.66
CA THR E 161 16.41 41.77 -9.42
C THR E 161 15.29 42.14 -8.49
N MET E 162 14.84 41.18 -7.71
CA MET E 162 13.81 41.42 -6.69
C MET E 162 14.10 40.46 -5.52
N PRO E 163 14.65 40.97 -4.42
CA PRO E 163 14.97 40.10 -3.30
C PRO E 163 13.75 39.84 -2.44
N ASN E 164 13.73 38.69 -1.77
CA ASN E 164 12.67 38.34 -0.84
C ASN E 164 13.14 38.55 0.58
N ASN E 165 12.80 39.72 1.15
CA ASN E 165 13.08 40.00 2.55
C ASN E 165 11.86 39.85 3.43
N ASP E 166 10.84 39.16 2.93
CA ASP E 166 9.71 38.76 3.76
C ASP E 166 10.01 37.41 4.43
N ASN E 167 9.09 36.97 5.30
CA ASN E 167 9.22 35.66 5.96
C ASN E 167 8.28 34.58 5.38
N PHE E 168 7.84 34.78 4.14
CA PHE E 168 6.99 33.82 3.45
C PHE E 168 7.57 33.59 2.07
N ASP E 169 7.11 32.53 1.40
CA ASP E 169 7.56 32.25 0.03
C ASP E 169 6.81 33.09 -0.98
N LYS E 170 7.52 33.51 -2.02
CA LYS E 170 6.94 34.22 -3.12
C LYS E 170 6.84 33.30 -4.31
N LEU E 171 5.67 33.30 -4.97
CA LEU E 171 5.46 32.61 -6.22
C LEU E 171 5.37 33.60 -7.36
N TYR E 172 6.33 33.54 -8.27
CA TYR E 172 6.32 34.37 -9.45
C TYR E 172 5.83 33.57 -10.67
N ILE E 173 4.85 34.12 -11.38
CA ILE E 173 4.35 33.57 -12.62
C ILE E 173 4.84 34.44 -13.76
N TRP E 174 5.42 33.83 -14.77
CA TRP E 174 6.00 34.55 -15.90
C TRP E 174 5.83 33.70 -17.14
N GLY E 175 6.26 34.21 -18.27
CA GLY E 175 6.06 33.50 -19.52
C GLY E 175 7.00 33.90 -20.62
N VAL E 176 6.85 33.18 -21.73
CA VAL E 176 7.64 33.37 -22.91
C VAL E 176 6.71 33.33 -24.12
N HIS E 177 6.86 34.32 -24.99
CA HIS E 177 6.05 34.44 -26.19
C HIS E 177 6.71 33.68 -27.37
N HIS E 178 5.93 32.81 -28.01
CA HIS E 178 6.34 32.07 -29.16
C HIS E 178 5.66 32.67 -30.39
N PRO E 179 6.40 33.48 -31.19
CA PRO E 179 5.80 34.03 -32.40
C PRO E 179 5.63 33.01 -33.51
N SER E 180 4.71 33.28 -34.43
CA SER E 180 4.46 32.40 -35.59
C SER E 180 5.47 32.60 -36.72
N THR E 181 5.99 33.80 -36.90
CA THR E 181 6.94 34.11 -38.02
C THR E 181 8.17 34.86 -37.54
N ASN E 182 9.25 34.78 -38.31
CA ASN E 182 10.47 35.58 -38.04
C ASN E 182 10.20 37.06 -38.13
N GLN E 183 9.31 37.43 -39.05
CA GLN E 183 8.87 38.81 -39.23
C GLN E 183 8.28 39.33 -37.92
N GLU E 184 7.38 38.55 -37.32
CA GLU E 184 6.76 38.89 -36.03
C GLU E 184 7.80 39.00 -34.88
N GLN E 185 8.68 38.02 -34.78
CA GLN E 185 9.78 38.02 -33.80
C GLN E 185 10.58 39.32 -33.84
N THR E 186 11.12 39.65 -35.02
CA THR E 186 11.98 40.85 -35.15
C THR E 186 11.18 42.14 -35.01
N SER E 187 9.96 42.13 -35.50
CA SER E 187 9.06 43.27 -35.39
C SER E 187 8.71 43.67 -33.94
N LEU E 188 8.52 42.66 -33.08
CA LEU E 188 8.22 42.87 -31.66
C LEU E 188 9.44 42.98 -30.78
N TYR E 189 10.50 42.22 -31.05
CA TYR E 189 11.63 42.12 -30.13
C TYR E 189 13.02 42.44 -30.73
N VAL E 190 13.06 42.88 -31.99
CA VAL E 190 14.29 43.24 -32.70
C VAL E 190 15.22 42.05 -32.96
N GLN E 191 15.77 41.47 -31.91
CA GLN E 191 16.65 40.31 -32.01
C GLN E 191 15.92 39.12 -32.68
N ALA E 192 16.65 38.36 -33.48
CA ALA E 192 16.09 37.26 -34.30
C ALA E 192 15.75 36.03 -33.44
N SER E 193 16.45 35.87 -32.33
CA SER E 193 16.15 34.84 -31.35
C SER E 193 16.16 35.45 -29.95
N GLY E 194 15.03 35.31 -29.25
CA GLY E 194 14.94 35.77 -27.86
C GLY E 194 15.51 34.74 -26.90
N ARG E 195 15.35 35.04 -25.63
CA ARG E 195 15.78 34.17 -24.55
C ARG E 195 15.29 34.74 -23.22
N VAL E 196 14.83 33.85 -22.35
CA VAL E 196 14.41 34.24 -21.01
C VAL E 196 15.10 33.34 -19.99
N THR E 197 15.84 33.98 -19.08
CA THR E 197 16.53 33.28 -18.00
C THR E 197 16.04 33.86 -16.68
N VAL E 198 15.39 33.02 -15.88
CA VAL E 198 14.86 33.40 -14.57
C VAL E 198 15.51 32.51 -13.53
N SER E 199 16.13 33.13 -12.52
CA SER E 199 17.00 32.39 -11.59
C SER E 199 16.84 32.85 -10.15
N THR E 200 17.22 31.95 -9.24
CA THR E 200 17.46 32.27 -7.83
C THR E 200 18.91 31.88 -7.53
N ARG E 201 19.33 31.95 -6.26
CA ARG E 201 20.71 31.65 -5.93
C ARG E 201 21.19 30.26 -6.37
N ARG E 202 20.31 29.26 -6.21
CA ARG E 202 20.69 27.86 -6.39
C ARG E 202 20.12 27.22 -7.66
N SER E 203 19.04 27.78 -8.23
CA SER E 203 18.38 27.21 -9.39
C SER E 203 18.16 28.21 -10.51
N GLN E 204 17.90 27.72 -11.71
CA GLN E 204 17.66 28.57 -12.87
C GLN E 204 16.79 27.87 -13.92
N GLN E 205 16.06 28.67 -14.70
CA GLN E 205 15.33 28.20 -15.87
C GLN E 205 15.72 29.07 -17.05
N THR E 206 16.10 28.47 -18.16
CA THR E 206 16.37 29.23 -19.40
C THR E 206 15.48 28.68 -20.50
N ILE E 207 14.71 29.55 -21.14
CA ILE E 207 13.77 29.14 -22.17
C ILE E 207 14.13 29.89 -23.43
N ILE E 208 14.27 29.15 -24.52
CA ILE E 208 14.44 29.72 -25.85
C ILE E 208 13.06 29.70 -26.48
N PRO E 209 12.60 30.83 -27.04
CA PRO E 209 11.34 30.77 -27.78
C PRO E 209 11.47 29.97 -29.07
N ASN E 210 10.33 29.68 -29.66
CA ASN E 210 10.20 28.82 -30.82
C ASN E 210 9.29 29.48 -31.86
N ILE E 211 9.83 29.78 -33.02
CA ILE E 211 9.08 30.45 -34.05
C ILE E 211 8.39 29.40 -34.93
N GLY E 212 7.12 29.62 -35.26
CA GLY E 212 6.36 28.70 -36.12
C GLY E 212 4.86 28.79 -35.95
N SER E 213 4.12 28.46 -37.01
CA SER E 213 2.65 28.53 -36.93
C SER E 213 2.11 27.39 -36.09
N ARG E 214 1.17 27.73 -35.20
CA ARG E 214 0.30 26.78 -34.56
C ARG E 214 -1.12 26.99 -35.14
N PRO E 215 -2.09 26.12 -34.78
CA PRO E 215 -3.44 26.43 -35.21
C PRO E 215 -3.96 27.73 -34.58
N TRP E 216 -4.89 28.35 -35.29
CA TRP E 216 -5.61 29.52 -34.83
C TRP E 216 -6.45 29.20 -33.61
N VAL E 217 -6.14 29.90 -32.52
CA VAL E 217 -7.00 29.89 -31.35
C VAL E 217 -7.26 31.32 -30.96
N ARG E 218 -8.54 31.70 -30.93
CA ARG E 218 -8.97 33.04 -30.51
C ARG E 218 -8.12 34.11 -31.21
N LEU E 219 -8.07 34.04 -32.55
CA LEU E 219 -7.43 35.07 -33.40
C LEU E 219 -5.88 35.06 -33.49
N SER E 220 -5.24 34.00 -33.01
CA SER E 220 -3.78 33.97 -32.98
C SER E 220 -3.20 32.60 -33.27
N SER E 221 -2.16 32.59 -34.09
CA SER E 221 -1.31 31.44 -34.35
C SER E 221 -0.16 31.37 -33.36
N SER E 222 0.07 32.45 -32.61
CA SER E 222 1.17 32.49 -31.68
C SER E 222 0.72 31.95 -30.34
N ARG E 223 1.67 31.77 -29.43
CA ARG E 223 1.41 31.17 -28.12
C ARG E 223 2.26 31.80 -27.04
N ILE E 224 1.80 31.68 -25.80
CA ILE E 224 2.61 32.01 -24.64
C ILE E 224 2.78 30.74 -23.82
N SER E 225 3.98 30.50 -23.32
CA SER E 225 4.22 29.36 -22.41
C SER E 225 4.43 29.94 -21.03
N ILE E 226 3.74 29.38 -20.05
CA ILE E 226 3.80 29.85 -18.68
C ILE E 226 4.74 29.03 -17.82
N TYR E 227 5.55 29.73 -17.03
CA TYR E 227 6.47 29.14 -16.05
C TYR E 227 6.30 29.80 -14.71
N TRP E 228 6.87 29.16 -13.69
CA TRP E 228 6.84 29.65 -12.34
C TRP E 228 8.17 29.46 -11.63
N THR E 229 8.40 30.32 -10.65
CA THR E 229 9.60 30.30 -9.83
C THR E 229 9.20 30.68 -8.43
N ILE E 230 9.52 29.84 -7.46
CA ILE E 230 9.34 30.16 -6.06
C ILE E 230 10.63 30.70 -5.46
N VAL E 231 10.53 31.81 -4.73
CA VAL E 231 11.66 32.43 -4.08
C VAL E 231 11.44 32.36 -2.57
N LYS E 232 12.37 31.74 -1.87
CA LYS E 232 12.24 31.56 -0.42
C LYS E 232 12.79 32.78 0.32
N PRO E 233 12.42 32.95 1.62
CA PRO E 233 12.99 34.03 2.43
C PRO E 233 14.49 34.00 2.42
N GLY E 234 15.09 35.16 2.15
CA GLY E 234 16.54 35.32 2.07
C GLY E 234 17.13 35.07 0.71
N ASP E 235 16.33 34.58 -0.25
CA ASP E 235 16.81 34.30 -1.60
C ASP E 235 16.47 35.52 -2.47
N VAL E 236 16.81 35.48 -3.76
CA VAL E 236 16.55 36.62 -4.65
C VAL E 236 16.14 36.12 -6.06
N LEU E 237 15.24 36.84 -6.71
CA LEU E 237 14.86 36.57 -8.09
C LEU E 237 15.71 37.45 -9.01
N VAL E 238 16.24 36.87 -10.08
CA VAL E 238 16.80 37.66 -11.20
C VAL E 238 16.11 37.25 -12.48
N ILE E 239 15.79 38.22 -13.32
CA ILE E 239 15.21 37.95 -14.63
C ILE E 239 16.11 38.62 -15.66
N ASN E 240 16.60 37.83 -16.60
CA ASN E 240 17.45 38.29 -17.68
C ASN E 240 16.86 37.90 -19.04
N SER E 241 16.64 38.87 -19.91
CA SER E 241 16.06 38.56 -21.22
C SER E 241 16.46 39.57 -22.28
N ASN E 242 16.72 39.08 -23.49
CA ASN E 242 16.92 39.94 -24.66
C ASN E 242 15.76 39.81 -25.67
N GLY E 243 14.59 39.40 -25.19
CA GLY E 243 13.42 39.28 -26.05
C GLY E 243 12.49 38.18 -25.61
N ASN E 244 11.20 38.39 -25.91
CA ASN E 244 10.11 37.40 -25.74
C ASN E 244 9.64 37.18 -24.29
N LEU E 245 10.13 38.00 -23.35
CA LEU E 245 9.73 37.91 -21.97
C LEU E 245 8.28 38.39 -21.83
N ILE E 246 7.48 37.57 -21.16
CA ILE E 246 6.22 37.96 -20.59
C ILE E 246 6.44 38.09 -19.09
N ALA E 247 6.59 39.33 -18.63
CA ALA E 247 7.09 39.61 -17.28
C ALA E 247 6.04 39.50 -16.20
N PRO E 248 6.46 39.16 -14.97
CA PRO E 248 5.54 39.20 -13.83
C PRO E 248 5.33 40.63 -13.38
N ARG E 249 4.15 40.92 -12.84
CA ARG E 249 3.88 42.24 -12.25
C ARG E 249 4.12 42.26 -10.72
N GLY E 250 4.57 41.13 -10.18
CA GLY E 250 4.58 40.90 -8.76
C GLY E 250 4.62 39.42 -8.48
N TYR E 251 4.23 39.06 -7.25
CA TYR E 251 4.26 37.69 -6.79
C TYR E 251 2.96 37.35 -6.11
N PHE E 252 2.68 36.05 -6.08
CA PHE E 252 1.58 35.51 -5.30
C PHE E 252 2.12 35.05 -3.97
N LYS E 253 1.36 35.33 -2.91
CA LYS E 253 1.79 34.97 -1.58
C LYS E 253 1.38 33.52 -1.36
N MET E 254 2.28 32.71 -0.83
CA MET E 254 2.05 31.27 -0.65
C MET E 254 1.71 30.95 0.79
N ARG E 255 0.77 30.04 0.98
CA ARG E 255 0.47 29.47 2.30
C ARG E 255 0.62 27.97 2.23
N THR E 256 0.64 27.34 3.39
CA THR E 256 0.51 25.91 3.46
C THR E 256 -0.68 25.69 4.35
N GLY E 257 -1.34 24.57 4.18
CA GLY E 257 -2.56 24.28 4.91
C GLY E 257 -3.33 23.16 4.22
N LYS E 258 -4.64 23.21 4.37
CA LYS E 258 -5.54 22.15 3.99
C LYS E 258 -6.22 22.33 2.62
N SER E 259 -5.74 23.29 1.83
CA SER E 259 -6.45 23.65 0.61
C SER E 259 -6.19 22.62 -0.50
N SER E 260 -7.18 22.46 -1.37
CA SER E 260 -7.06 21.58 -2.54
C SER E 260 -7.99 22.03 -3.66
N ILE E 261 -8.15 21.16 -4.65
CA ILE E 261 -8.94 21.44 -5.83
C ILE E 261 -9.62 20.14 -6.22
N MET E 262 -10.81 20.26 -6.80
CA MET E 262 -11.59 19.11 -7.23
C MET E 262 -12.35 19.44 -8.52
N ARG E 263 -12.42 18.47 -9.43
CA ARG E 263 -13.24 18.55 -10.62
C ARG E 263 -14.61 17.97 -10.32
N SER E 264 -15.65 18.78 -10.50
CA SER E 264 -17.02 18.35 -10.19
C SER E 264 -18.03 19.28 -10.81
N ASP E 265 -19.15 18.70 -11.24
CA ASP E 265 -20.27 19.49 -11.69
C ASP E 265 -21.43 19.49 -10.68
N ALA E 266 -21.20 19.01 -9.47
CA ALA E 266 -22.23 19.00 -8.44
C ALA E 266 -22.55 20.43 -8.00
N PRO E 267 -23.83 20.76 -7.87
CA PRO E 267 -24.12 22.11 -7.35
C PRO E 267 -23.73 22.25 -5.85
N ILE E 268 -23.36 23.45 -5.44
CA ILE E 268 -23.11 23.78 -4.05
C ILE E 268 -24.44 24.11 -3.35
N ASP E 269 -24.61 23.63 -2.13
CA ASP E 269 -25.85 23.78 -1.36
C ASP E 269 -25.52 24.23 0.05
N THR E 270 -26.51 24.77 0.77
CA THR E 270 -26.30 25.19 2.18
C THR E 270 -26.61 24.02 3.11
N CYS E 271 -25.54 23.39 3.59
CA CYS E 271 -25.63 22.24 4.50
C CYS E 271 -24.24 22.04 5.14
N ILE E 272 -24.12 21.03 5.99
CA ILE E 272 -22.88 20.74 6.68
C ILE E 272 -22.46 19.32 6.39
N SER E 273 -21.29 19.17 5.78
CA SER E 273 -20.70 17.85 5.56
C SER E 273 -19.19 17.92 5.54
N GLU E 274 -18.55 17.13 6.41
CA GLU E 274 -17.10 17.07 6.48
C GLU E 274 -16.50 16.53 5.19
N CYS E 275 -17.15 15.54 4.58
CA CYS E 275 -16.61 14.81 3.43
C CYS E 275 -17.24 15.25 2.12
N ILE E 276 -16.39 15.51 1.13
CA ILE E 276 -16.81 15.97 -0.19
C ILE E 276 -16.24 15.03 -1.25
N THR E 277 -17.07 14.65 -2.22
CA THR E 277 -16.65 13.89 -3.37
C THR E 277 -17.12 14.64 -4.59
N PRO E 278 -16.59 14.30 -5.78
CA PRO E 278 -17.13 14.90 -7.02
C PRO E 278 -18.62 14.65 -7.26
N ASN E 279 -19.14 13.55 -6.70
CA ASN E 279 -20.56 13.21 -6.78
C ASN E 279 -21.41 14.06 -5.85
N GLY E 280 -20.76 14.75 -4.91
CA GLY E 280 -21.42 15.51 -3.87
C GLY E 280 -20.87 15.11 -2.52
N SER E 281 -21.40 15.73 -1.48
CA SER E 281 -21.00 15.43 -0.12
C SER E 281 -21.53 14.07 0.27
N ILE E 282 -20.82 13.39 1.17
CA ILE E 282 -21.29 12.13 1.73
C ILE E 282 -21.14 12.15 3.24
N PRO E 283 -22.02 11.42 3.95
CA PRO E 283 -21.80 11.29 5.38
C PRO E 283 -20.52 10.50 5.69
N ASN E 284 -19.98 10.71 6.89
CA ASN E 284 -18.76 10.00 7.35
C ASN E 284 -18.96 9.18 8.64
N ASP E 285 -20.18 8.72 8.89
CA ASP E 285 -20.40 7.83 10.06
C ASP E 285 -19.87 6.43 9.80
N LYS E 286 -19.83 6.02 8.53
CA LYS E 286 -19.30 4.71 8.15
C LYS E 286 -17.79 4.73 7.84
N PRO E 287 -17.08 3.63 8.10
CA PRO E 287 -15.63 3.61 7.91
C PRO E 287 -15.18 3.46 6.46
N PHE E 288 -16.05 2.93 5.60
CA PHE E 288 -15.74 2.73 4.18
C PHE E 288 -16.78 3.41 3.27
N GLN E 289 -16.39 3.60 2.01
CA GLN E 289 -17.29 4.19 1.02
C GLN E 289 -16.91 3.75 -0.38
N ASN E 290 -17.92 3.71 -1.23
CA ASN E 290 -17.86 3.23 -2.61
C ASN E 290 -18.31 4.31 -3.60
N VAL E 291 -18.34 5.56 -3.16
CA VAL E 291 -18.88 6.62 -3.98
C VAL E 291 -17.82 7.09 -4.97
N ASN E 292 -16.65 7.43 -4.46
CA ASN E 292 -15.58 7.93 -5.31
C ASN E 292 -14.27 7.88 -4.58
N LYS E 293 -13.24 7.49 -5.32
CA LYS E 293 -11.89 7.44 -4.77
C LYS E 293 -11.32 8.83 -4.59
N ILE E 294 -11.88 9.80 -5.30
CA ILE E 294 -11.55 11.21 -5.07
C ILE E 294 -12.40 11.69 -3.91
N THR E 295 -11.75 12.09 -2.83
CA THR E 295 -12.41 12.71 -1.71
C THR E 295 -11.58 13.90 -1.16
N TYR E 296 -12.27 14.75 -0.39
CA TYR E 296 -11.67 15.83 0.37
C TYR E 296 -12.35 15.86 1.73
N GLY E 297 -11.54 15.97 2.79
CA GLY E 297 -12.05 16.08 4.15
C GLY E 297 -11.99 14.80 4.95
N ALA E 298 -12.69 14.81 6.08
CA ALA E 298 -12.78 13.65 6.93
C ALA E 298 -13.77 12.65 6.31
N CYS E 299 -13.22 11.65 5.62
CA CYS E 299 -13.99 10.78 4.77
C CYS E 299 -13.79 9.31 5.13
N PRO E 300 -14.82 8.48 4.89
CA PRO E 300 -14.58 7.04 4.87
C PRO E 300 -13.55 6.69 3.80
N LYS E 301 -12.85 5.59 4.00
CA LYS E 301 -11.86 5.10 3.07
C LYS E 301 -12.55 4.43 1.87
N TYR E 302 -12.11 4.76 0.66
CA TYR E 302 -12.66 4.16 -0.53
C TYR E 302 -12.29 2.69 -0.66
N VAL E 303 -13.31 1.86 -0.92
CA VAL E 303 -13.20 0.41 -1.18
C VAL E 303 -14.05 0.03 -2.39
N LYS E 304 -13.79 -1.15 -2.94
CA LYS E 304 -14.49 -1.62 -4.15
C LYS E 304 -15.86 -2.22 -3.87
N GLN E 305 -16.09 -2.72 -2.67
CA GLN E 305 -17.36 -3.35 -2.35
C GLN E 305 -18.43 -2.28 -2.23
N ASN E 306 -19.62 -2.52 -2.78
CA ASN E 306 -20.75 -1.58 -2.56
C ASN E 306 -21.53 -1.83 -1.28
N THR E 307 -21.33 -2.99 -0.67
CA THR E 307 -21.90 -3.28 0.65
C THR E 307 -20.99 -4.21 1.47
N LEU E 308 -20.86 -3.89 2.75
CA LEU E 308 -20.25 -4.80 3.73
C LEU E 308 -21.00 -4.71 5.04
N LYS E 309 -21.54 -5.84 5.50
CA LYS E 309 -22.38 -5.91 6.69
C LYS E 309 -21.62 -6.39 7.90
N LEU E 310 -21.65 -5.58 8.96
CA LEU E 310 -21.17 -5.97 10.27
C LEU E 310 -22.34 -6.53 11.07
N ALA E 311 -22.23 -7.79 11.45
CA ALA E 311 -23.28 -8.45 12.24
C ALA E 311 -23.34 -7.74 13.58
N THR E 312 -24.57 -7.39 13.97
CA THR E 312 -24.86 -6.78 15.27
C THR E 312 -25.81 -7.65 16.08
N GLY E 313 -25.88 -8.93 15.72
CA GLY E 313 -26.68 -9.88 16.48
C GLY E 313 -26.26 -11.31 16.25
N MET E 314 -26.86 -12.21 17.02
CA MET E 314 -26.58 -13.63 16.94
C MET E 314 -27.07 -14.25 15.64
N ARG E 315 -26.68 -15.50 15.41
CA ARG E 315 -27.21 -16.32 14.33
C ARG E 315 -28.74 -16.43 14.47
N ASN E 316 -29.47 -16.23 13.37
CA ASN E 316 -30.93 -16.24 13.39
C ASN E 316 -31.42 -17.61 12.97
N VAL E 317 -32.10 -18.30 13.90
CA VAL E 317 -32.66 -19.64 13.66
C VAL E 317 -34.17 -19.52 13.87
N PRO E 318 -34.93 -19.26 12.79
CA PRO E 318 -36.35 -19.03 13.01
C PRO E 318 -37.14 -20.28 13.34
N GLU E 319 -36.93 -21.40 12.63
CA GLU E 319 -37.53 -22.71 12.96
C GLU E 319 -36.73 -23.87 12.32
N GLY F 1 -21.85 -22.26 15.61
CA GLY F 1 -20.75 -21.60 16.39
C GLY F 1 -19.93 -22.56 17.24
N LEU F 2 -18.87 -22.04 17.82
CA LEU F 2 -17.90 -22.85 18.56
C LEU F 2 -18.46 -23.54 19.79
N PHE F 3 -19.52 -23.02 20.38
CA PHE F 3 -20.08 -23.59 21.61
C PHE F 3 -21.24 -24.56 21.42
N GLY F 4 -21.86 -24.52 20.24
CA GLY F 4 -22.86 -25.51 19.88
C GLY F 4 -24.22 -25.32 20.51
N ALA F 5 -24.51 -24.14 21.06
CA ALA F 5 -25.83 -23.89 21.62
C ALA F 5 -26.74 -23.37 20.53
N ILE F 6 -26.46 -22.17 20.04
CA ILE F 6 -27.30 -21.53 19.04
C ILE F 6 -27.08 -22.25 17.71
N ALA F 7 -28.17 -22.67 17.08
CA ALA F 7 -28.12 -23.54 15.91
C ALA F 7 -27.42 -24.88 16.20
N GLY F 8 -27.49 -25.31 17.47
CA GLY F 8 -26.83 -26.53 17.90
C GLY F 8 -27.81 -27.35 18.71
N PHE F 9 -27.54 -27.51 20.00
CA PHE F 9 -28.42 -28.30 20.88
C PHE F 9 -29.73 -27.57 21.20
N ILE F 10 -29.76 -26.26 21.00
CA ILE F 10 -31.00 -25.48 21.02
C ILE F 10 -31.51 -25.41 19.59
N GLU F 11 -32.63 -26.10 19.35
CA GLU F 11 -33.17 -26.33 18.01
C GLU F 11 -33.40 -25.06 17.22
N ASN F 12 -33.97 -24.06 17.89
CA ASN F 12 -34.22 -22.79 17.23
C ASN F 12 -34.48 -21.66 18.21
N GLY F 13 -34.56 -20.45 17.65
CA GLY F 13 -34.91 -19.26 18.39
C GLY F 13 -36.40 -19.11 18.64
N TRP F 14 -36.72 -18.08 19.41
CA TRP F 14 -38.08 -17.74 19.78
C TRP F 14 -38.39 -16.38 19.18
N GLU F 15 -39.19 -16.37 18.12
CA GLU F 15 -39.72 -15.11 17.56
C GLU F 15 -40.54 -14.33 18.60
N GLY F 16 -41.22 -15.07 19.48
CA GLY F 16 -42.03 -14.50 20.55
C GLY F 16 -41.29 -13.70 21.60
N MET F 17 -40.01 -13.96 21.81
CA MET F 17 -39.25 -13.22 22.82
C MET F 17 -38.76 -11.87 22.29
N ILE F 18 -39.54 -10.83 22.57
CA ILE F 18 -39.29 -9.48 22.05
C ILE F 18 -38.67 -8.53 23.09
N ASP F 19 -38.51 -9.00 24.34
CA ASP F 19 -38.00 -8.16 25.44
C ASP F 19 -36.57 -8.51 25.86
N GLY F 20 -35.87 -9.33 25.06
CA GLY F 20 -34.51 -9.75 25.38
C GLY F 20 -33.95 -10.69 24.34
N TRP F 21 -32.65 -10.99 24.46
CA TRP F 21 -31.92 -11.83 23.51
C TRP F 21 -31.86 -13.29 23.95
N TYR F 22 -31.75 -13.50 25.26
CA TYR F 22 -31.74 -14.84 25.84
C TYR F 22 -32.79 -14.89 26.94
N GLY F 23 -33.30 -16.07 27.23
CA GLY F 23 -34.24 -16.21 28.33
C GLY F 23 -34.84 -17.58 28.56
N PHE F 24 -35.90 -17.59 29.38
CA PHE F 24 -36.45 -18.80 29.95
C PHE F 24 -37.89 -19.05 29.46
N ARG F 25 -38.20 -20.31 29.17
CA ARG F 25 -39.58 -20.79 29.05
C ARG F 25 -39.79 -21.94 30.02
N HIS F 26 -40.90 -21.91 30.75
CA HIS F 26 -41.22 -22.93 31.75
C HIS F 26 -42.60 -23.55 31.55
N GLN F 27 -42.74 -24.76 32.06
CA GLN F 27 -44.04 -25.38 32.31
C GLN F 27 -44.00 -25.95 33.74
N ASN F 28 -45.00 -25.56 34.54
CA ASN F 28 -45.18 -26.09 35.89
C ASN F 28 -46.67 -26.35 36.15
N SER F 29 -47.02 -26.69 37.39
CA SER F 29 -48.42 -26.89 37.79
C SER F 29 -49.35 -25.72 37.43
N GLU F 30 -48.86 -24.49 37.61
CA GLU F 30 -49.66 -23.27 37.38
C GLU F 30 -49.83 -22.83 35.91
N GLY F 31 -49.11 -23.46 34.97
CA GLY F 31 -49.23 -23.16 33.53
C GLY F 31 -47.89 -22.95 32.87
N THR F 32 -47.87 -22.16 31.78
CA THR F 32 -46.64 -21.82 31.06
C THR F 32 -46.38 -20.32 31.02
N GLY F 33 -45.11 -19.96 30.81
CA GLY F 33 -44.69 -18.56 30.77
C GLY F 33 -43.31 -18.33 30.20
N GLN F 34 -43.01 -17.06 29.91
CA GLN F 34 -41.76 -16.66 29.27
C GLN F 34 -41.16 -15.43 29.95
N ALA F 35 -39.84 -15.43 30.13
CA ALA F 35 -39.14 -14.24 30.64
C ALA F 35 -37.70 -14.15 30.13
N ALA F 36 -37.31 -12.93 29.78
CA ALA F 36 -35.96 -12.64 29.30
C ALA F 36 -34.96 -12.59 30.44
N ASP F 37 -33.74 -13.07 30.19
CA ASP F 37 -32.60 -12.87 31.11
C ASP F 37 -31.89 -11.59 30.70
N LEU F 38 -31.79 -10.63 31.62
CA LEU F 38 -31.20 -9.32 31.34
C LEU F 38 -29.68 -9.34 31.29
N LYS F 39 -29.03 -10.09 32.19
CA LYS F 39 -27.57 -10.09 32.29
C LYS F 39 -26.89 -10.62 31.03
N SER F 40 -27.35 -11.76 30.54
CA SER F 40 -26.76 -12.36 29.34
C SER F 40 -27.09 -11.52 28.11
N THR F 41 -28.33 -11.04 28.03
CA THR F 41 -28.74 -10.13 26.96
C THR F 41 -27.81 -8.93 26.90
N GLN F 42 -27.56 -8.32 28.05
CA GLN F 42 -26.76 -7.09 28.13
C GLN F 42 -25.26 -7.34 27.85
N ALA F 43 -24.74 -8.48 28.33
CA ALA F 43 -23.36 -8.90 28.03
C ALA F 43 -23.08 -9.00 26.53
N ALA F 44 -24.02 -9.57 25.78
CA ALA F 44 -23.90 -9.70 24.33
C ALA F 44 -23.95 -8.33 23.70
N ILE F 45 -24.98 -7.56 24.03
CA ILE F 45 -25.19 -6.22 23.47
C ILE F 45 -23.99 -5.31 23.77
N ASP F 46 -23.49 -5.32 25.00
CA ASP F 46 -22.33 -4.50 25.37
C ASP F 46 -21.08 -4.83 24.58
N GLN F 47 -20.84 -6.12 24.37
CA GLN F 47 -19.69 -6.56 23.58
C GLN F 47 -19.86 -6.19 22.11
N ILE F 48 -21.08 -6.26 21.60
CA ILE F 48 -21.36 -5.89 20.21
C ILE F 48 -21.29 -4.38 20.02
N ASN F 49 -21.82 -3.62 20.97
CA ASN F 49 -21.65 -2.16 20.96
C ASN F 49 -20.19 -1.77 20.98
N GLY F 50 -19.41 -2.47 21.79
CA GLY F 50 -17.97 -2.26 21.89
C GLY F 50 -17.27 -2.38 20.55
N LYS F 51 -17.47 -3.50 19.85
CA LYS F 51 -16.87 -3.69 18.53
C LYS F 51 -17.41 -2.75 17.43
N LEU F 52 -18.70 -2.46 17.48
CA LEU F 52 -19.30 -1.44 16.62
C LEU F 52 -18.60 -0.08 16.76
N ASN F 53 -18.44 0.40 17.99
CA ASN F 53 -17.77 1.70 18.21
C ASN F 53 -16.28 1.69 17.83
N ARG F 54 -15.61 0.56 18.00
CA ARG F 54 -14.23 0.40 17.52
C ARG F 54 -14.15 0.48 16.00
N VAL F 55 -15.05 -0.22 15.32
CA VAL F 55 -15.09 -0.24 13.85
C VAL F 55 -15.45 1.11 13.22
N ILE F 56 -16.44 1.81 13.77
CA ILE F 56 -16.88 3.09 13.19
C ILE F 56 -16.14 4.33 13.74
N GLU F 57 -14.92 4.10 14.23
CA GLU F 57 -14.09 5.11 14.82
C GLU F 57 -13.48 5.92 13.67
N LYS F 58 -13.85 7.19 13.59
CA LYS F 58 -13.40 8.05 12.51
C LYS F 58 -11.89 8.25 12.67
N THR F 59 -11.12 7.86 11.64
CA THR F 59 -9.65 7.87 11.71
C THR F 59 -8.90 8.40 10.47
N ASN F 60 -9.60 9.08 9.57
CA ASN F 60 -9.00 9.43 8.29
C ASN F 60 -9.48 10.81 7.79
N GLU F 61 -8.60 11.82 7.83
CA GLU F 61 -8.87 13.10 7.30
C GLU F 61 -7.73 13.44 6.34
N LYS F 62 -8.06 13.62 5.06
CA LYS F 62 -7.10 13.85 3.99
C LYS F 62 -7.53 15.06 3.18
N PHE F 63 -6.58 15.88 2.78
CA PHE F 63 -6.85 17.11 2.04
C PHE F 63 -6.28 17.01 0.63
N HIS F 64 -5.21 17.76 0.30
CA HIS F 64 -4.62 17.65 -1.02
C HIS F 64 -3.88 16.32 -1.18
N GLN F 65 -4.17 15.64 -2.28
CA GLN F 65 -3.67 14.29 -2.53
C GLN F 65 -3.12 14.27 -3.96
N ILE F 66 -3.18 13.15 -4.63
CA ILE F 66 -2.82 13.03 -6.05
C ILE F 66 -4.08 13.01 -6.89
N GLU F 67 -3.92 13.39 -8.15
CA GLU F 67 -5.00 13.27 -9.13
C GLU F 67 -5.22 11.80 -9.43
N LYS F 68 -6.49 11.46 -9.68
CA LYS F 68 -6.94 10.08 -9.86
C LYS F 68 -7.71 9.81 -11.13
N GLU F 69 -8.07 10.88 -11.84
CA GLU F 69 -8.68 10.81 -13.17
C GLU F 69 -7.89 11.74 -14.06
N PHE F 70 -7.81 11.41 -15.34
CA PHE F 70 -6.90 12.08 -16.28
C PHE F 70 -7.58 12.26 -17.62
N SER F 71 -7.46 13.43 -18.21
CA SER F 71 -8.14 13.71 -19.46
C SER F 71 -7.26 13.39 -20.71
N GLU F 72 -5.97 13.24 -20.50
CA GLU F 72 -4.96 13.04 -21.54
C GLU F 72 -4.15 11.78 -21.25
N VAL F 73 -3.73 11.11 -22.30
CA VAL F 73 -2.74 10.04 -22.24
C VAL F 73 -1.37 10.68 -22.00
N GLU F 74 -0.64 10.16 -21.01
CA GLU F 74 0.70 10.69 -20.71
C GLU F 74 1.82 9.65 -20.62
N GLY F 75 1.49 8.41 -20.27
CA GLY F 75 2.51 7.38 -20.10
C GLY F 75 2.98 7.20 -18.66
N ARG F 76 4.30 7.17 -18.50
CA ARG F 76 4.98 6.66 -17.31
C ARG F 76 4.49 7.26 -15.96
N ILE F 77 4.48 8.58 -15.86
CA ILE F 77 4.08 9.24 -14.62
C ILE F 77 2.62 8.91 -14.27
N GLN F 78 1.75 8.97 -15.26
CA GLN F 78 0.34 8.64 -15.05
C GLN F 78 0.15 7.15 -14.72
N ASP F 79 0.91 6.27 -15.37
CA ASP F 79 0.85 4.84 -15.04
C ASP F 79 1.11 4.62 -13.56
N LEU F 80 2.10 5.32 -13.02
CA LEU F 80 2.48 5.20 -11.63
C LEU F 80 1.42 5.76 -10.67
N GLU F 81 0.93 6.97 -10.98
CA GLU F 81 -0.17 7.57 -10.23
C GLU F 81 -1.38 6.62 -10.14
N LYS F 82 -1.79 6.07 -11.26
CA LYS F 82 -2.92 5.11 -11.27
C LYS F 82 -2.63 3.85 -10.47
N TYR F 83 -1.44 3.31 -10.66
CA TYR F 83 -1.02 2.08 -10.00
C TYR F 83 -0.93 2.27 -8.50
N VAL F 84 -0.40 3.41 -8.07
CA VAL F 84 -0.40 3.74 -6.64
C VAL F 84 -1.81 3.69 -6.06
N GLU F 85 -2.77 4.35 -6.72
CA GLU F 85 -4.14 4.41 -6.22
C GLU F 85 -4.82 3.05 -6.27
N ASP F 86 -4.62 2.34 -7.37
CA ASP F 86 -5.20 1.02 -7.52
C ASP F 86 -4.64 0.06 -6.46
N THR F 87 -3.36 0.16 -6.17
CA THR F 87 -2.72 -0.66 -5.11
C THR F 87 -3.34 -0.38 -3.74
N LYS F 88 -3.51 0.90 -3.44
CA LYS F 88 -4.07 1.35 -2.18
C LYS F 88 -5.48 0.83 -2.00
N ILE F 89 -6.30 1.04 -3.02
CA ILE F 89 -7.71 0.65 -2.98
C ILE F 89 -7.85 -0.84 -2.78
N ASP F 90 -7.02 -1.63 -3.46
CA ASP F 90 -7.09 -3.08 -3.31
C ASP F 90 -6.75 -3.49 -1.90
N LEU F 91 -5.71 -2.90 -1.32
CA LEU F 91 -5.31 -3.21 0.05
C LEU F 91 -6.40 -2.81 1.06
N TRP F 92 -6.97 -1.63 0.88
CA TRP F 92 -8.07 -1.23 1.75
C TRP F 92 -9.31 -2.11 1.57
N SER F 93 -9.65 -2.43 0.32
CA SER F 93 -10.77 -3.36 0.05
C SER F 93 -10.54 -4.71 0.74
N TYR F 94 -9.33 -5.23 0.71
CA TYR F 94 -8.98 -6.47 1.42
C TYR F 94 -9.14 -6.33 2.93
N ASN F 95 -8.59 -5.26 3.51
CA ASN F 95 -8.75 -5.04 4.94
C ASN F 95 -10.21 -5.04 5.33
N ALA F 96 -11.03 -4.38 4.54
CA ALA F 96 -12.45 -4.28 4.82
C ALA F 96 -13.11 -5.66 4.80
N GLU F 97 -12.82 -6.45 3.78
CA GLU F 97 -13.36 -7.81 3.66
C GLU F 97 -12.94 -8.69 4.84
N LEU F 98 -11.66 -8.69 5.17
CA LEU F 98 -11.15 -9.46 6.31
C LEU F 98 -11.76 -9.00 7.63
N LEU F 99 -11.86 -7.68 7.81
CA LEU F 99 -12.39 -7.13 9.05
C LEU F 99 -13.78 -7.67 9.33
N VAL F 100 -14.65 -7.62 8.34
CA VAL F 100 -16.05 -8.01 8.54
C VAL F 100 -16.10 -9.52 8.79
N ALA F 101 -15.31 -10.29 8.03
CA ALA F 101 -15.25 -11.73 8.19
C ALA F 101 -14.88 -12.13 9.61
N LEU F 102 -13.79 -11.56 10.13
CA LEU F 102 -13.32 -11.87 11.48
C LEU F 102 -14.32 -11.41 12.52
N GLU F 103 -14.77 -10.16 12.38
CA GLU F 103 -15.75 -9.58 13.31
C GLU F 103 -17.01 -10.47 13.37
N ASN F 104 -17.52 -10.87 12.22
CA ASN F 104 -18.80 -11.60 12.16
C ASN F 104 -18.68 -13.04 12.65
N GLN F 105 -17.59 -13.72 12.32
CA GLN F 105 -17.31 -15.02 12.91
C GLN F 105 -17.32 -14.93 14.43
N HIS F 106 -16.57 -13.95 14.97
CA HIS F 106 -16.47 -13.74 16.38
C HIS F 106 -17.82 -13.35 17.04
N THR F 107 -18.61 -12.51 16.35
CA THR F 107 -19.92 -12.12 16.86
C THR F 107 -20.83 -13.32 17.04
N ILE F 108 -20.84 -14.21 16.04
CA ILE F 108 -21.61 -15.45 16.12
C ILE F 108 -21.09 -16.31 17.26
N ASP F 109 -19.77 -16.48 17.37
CA ASP F 109 -19.20 -17.30 18.43
C ASP F 109 -19.46 -16.73 19.83
N LEU F 110 -19.49 -15.42 19.98
CA LEU F 110 -19.65 -14.84 21.31
C LEU F 110 -21.11 -14.84 21.75
N THR F 111 -22.03 -14.71 20.79
CA THR F 111 -23.45 -14.84 21.09
C THR F 111 -23.79 -16.28 21.45
N ASP F 112 -23.24 -17.22 20.70
CA ASP F 112 -23.32 -18.65 21.00
C ASP F 112 -22.76 -18.91 22.41
N SER F 113 -21.60 -18.35 22.71
CA SER F 113 -20.98 -18.44 24.03
C SER F 113 -21.87 -17.92 25.16
N GLU F 114 -22.49 -16.77 24.97
CA GLU F 114 -23.36 -16.20 26.02
C GLU F 114 -24.57 -17.07 26.31
N MET F 115 -25.15 -17.66 25.26
CA MET F 115 -26.23 -18.66 25.43
C MET F 115 -25.74 -19.79 26.32
N ASN F 116 -24.60 -20.35 25.96
CA ASN F 116 -23.97 -21.44 26.70
C ASN F 116 -23.66 -21.06 28.15
N LYS F 117 -23.17 -19.84 28.37
CA LYS F 117 -22.87 -19.36 29.73
C LYS F 117 -24.10 -19.32 30.62
N LEU F 118 -25.24 -18.87 30.07
CA LEU F 118 -26.51 -18.85 30.80
C LEU F 118 -26.96 -20.26 31.15
N PHE F 119 -26.86 -21.16 30.17
CA PHE F 119 -27.21 -22.56 30.37
C PHE F 119 -26.39 -23.26 31.46
N GLU F 120 -25.08 -23.08 31.45
CA GLU F 120 -24.20 -23.68 32.46
C GLU F 120 -24.44 -23.08 33.86
N LYS F 121 -24.74 -21.79 33.91
CA LYS F 121 -25.04 -21.09 35.16
C LYS F 121 -26.32 -21.64 35.80
N THR F 122 -27.34 -21.86 34.96
CA THR F 122 -28.61 -22.39 35.39
C THR F 122 -28.41 -23.82 35.91
N GLY F 123 -27.77 -24.66 35.11
CA GLY F 123 -27.41 -26.04 35.52
C GLY F 123 -26.74 -26.11 36.88
N ARG F 124 -25.84 -25.16 37.15
CA ARG F 124 -25.13 -25.07 38.43
C ARG F 124 -26.00 -24.63 39.60
N GLN F 125 -26.95 -23.72 39.36
CA GLN F 125 -27.95 -23.35 40.37
C GLN F 125 -28.73 -24.57 40.88
N LEU F 126 -29.22 -25.35 39.92
CA LEU F 126 -30.11 -26.47 40.19
C LEU F 126 -29.43 -27.68 40.83
N ARG F 127 -28.10 -27.70 40.88
CA ARG F 127 -27.34 -28.74 41.57
C ARG F 127 -27.90 -30.12 41.22
N GLU F 128 -28.42 -30.87 42.18
CA GLU F 128 -28.91 -32.23 41.95
C GLU F 128 -30.44 -32.30 41.83
N ASN F 129 -31.10 -31.15 41.78
CA ASN F 129 -32.57 -31.12 41.73
C ASN F 129 -33.13 -31.10 40.31
N ALA F 130 -32.28 -31.25 39.29
CA ALA F 130 -32.74 -31.26 37.88
C ALA F 130 -31.77 -31.99 36.97
N GLU F 131 -32.21 -32.29 35.76
CA GLU F 131 -31.38 -32.97 34.75
C GLU F 131 -31.51 -32.31 33.38
N ASP F 132 -30.37 -32.26 32.68
CA ASP F 132 -30.28 -31.74 31.32
C ASP F 132 -30.92 -32.73 30.32
N MET F 133 -32.08 -32.37 29.75
CA MET F 133 -32.73 -33.19 28.72
C MET F 133 -31.91 -33.26 27.41
N GLY F 134 -31.03 -32.27 27.18
CA GLY F 134 -30.13 -32.26 26.02
C GLY F 134 -30.54 -31.35 24.86
N ASN F 135 -31.63 -30.61 25.07
CA ASN F 135 -32.23 -29.73 24.06
C ASN F 135 -32.39 -28.30 24.60
N GLY F 136 -31.57 -27.96 25.60
CA GLY F 136 -31.69 -26.68 26.27
C GLY F 136 -32.69 -26.65 27.42
N CYS F 137 -33.35 -27.77 27.70
CA CYS F 137 -34.37 -27.83 28.75
C CYS F 137 -33.95 -28.69 29.92
N PHE F 138 -34.11 -28.15 31.13
CA PHE F 138 -33.95 -28.90 32.36
C PHE F 138 -35.29 -29.48 32.78
N LYS F 139 -35.33 -30.78 33.06
CA LYS F 139 -36.45 -31.34 33.79
C LYS F 139 -36.14 -31.17 35.28
N ILE F 140 -36.96 -30.39 35.96
CA ILE F 140 -36.85 -30.20 37.41
C ILE F 140 -37.74 -31.25 38.06
N TYR F 141 -37.19 -31.92 39.07
CA TYR F 141 -37.82 -33.08 39.70
C TYR F 141 -38.52 -32.70 41.02
N HIS F 142 -39.24 -31.58 41.03
CA HIS F 142 -40.02 -31.16 42.18
C HIS F 142 -41.07 -30.11 41.81
N LYS F 143 -42.01 -29.89 42.74
CA LYS F 143 -43.02 -28.84 42.60
C LYS F 143 -42.30 -27.48 42.56
N CYS F 144 -42.42 -26.78 41.44
CA CYS F 144 -41.82 -25.47 41.27
C CYS F 144 -42.87 -24.48 40.80
N ASP F 145 -43.61 -23.95 41.79
CA ASP F 145 -44.57 -22.87 41.60
C ASP F 145 -43.90 -21.61 41.03
N ASN F 146 -44.71 -20.65 40.59
CA ASN F 146 -44.19 -19.43 39.95
C ASN F 146 -43.15 -18.67 40.81
N ALA F 147 -43.33 -18.72 42.12
CA ALA F 147 -42.35 -18.19 43.08
C ALA F 147 -40.98 -18.87 42.94
N CYS F 148 -41.01 -20.20 42.78
CA CYS F 148 -39.83 -21.03 42.62
C CYS F 148 -39.15 -20.78 41.27
N ILE F 149 -39.94 -20.68 40.19
CA ILE F 149 -39.40 -20.40 38.87
C ILE F 149 -38.71 -19.04 38.86
N GLU F 150 -39.42 -18.01 39.30
CA GLU F 150 -38.85 -16.66 39.40
C GLU F 150 -37.61 -16.63 40.31
N SER F 151 -37.52 -17.51 41.32
CA SER F 151 -36.31 -17.64 42.16
C SER F 151 -35.09 -18.12 41.37
N ILE F 152 -35.32 -19.03 40.42
CA ILE F 152 -34.27 -19.52 39.53
C ILE F 152 -33.84 -18.40 38.59
N ARG F 153 -34.82 -17.70 38.03
CA ARG F 153 -34.55 -16.63 37.06
C ARG F 153 -33.84 -15.43 37.69
N ASN F 154 -34.25 -15.01 38.89
CA ASN F 154 -33.61 -13.86 39.57
C ASN F 154 -32.49 -14.26 40.58
N GLY F 155 -32.04 -15.51 40.51
CA GLY F 155 -30.82 -15.95 41.18
C GLY F 155 -30.89 -16.27 42.66
N THR F 156 -32.09 -16.40 43.23
CA THR F 156 -32.27 -16.63 44.69
C THR F 156 -32.66 -18.06 45.06
N TYR F 157 -32.87 -18.93 44.06
CA TYR F 157 -33.23 -20.34 44.28
C TYR F 157 -32.24 -21.06 45.19
N ASP F 158 -32.70 -21.47 46.38
CA ASP F 158 -31.90 -22.31 47.30
C ASP F 158 -32.23 -23.74 46.95
N HIS F 159 -31.21 -24.50 46.52
CA HIS F 159 -31.41 -25.90 46.15
C HIS F 159 -31.60 -26.83 47.36
N ASP F 160 -31.07 -26.46 48.52
CA ASP F 160 -31.21 -27.31 49.74
C ASP F 160 -32.69 -27.48 50.16
N VAL F 161 -33.49 -26.44 49.97
CA VAL F 161 -34.94 -26.46 50.24
C VAL F 161 -35.65 -27.64 49.56
N TYR F 162 -35.35 -27.86 48.29
CA TYR F 162 -36.04 -28.87 47.46
C TYR F 162 -35.22 -30.16 47.24
N ARG F 163 -34.03 -30.28 47.84
CA ARG F 163 -33.11 -31.38 47.54
C ARG F 163 -33.69 -32.77 47.86
N ASP F 164 -34.14 -32.97 49.10
CA ASP F 164 -34.77 -34.24 49.51
C ASP F 164 -35.94 -34.62 48.59
N GLU F 165 -36.85 -33.67 48.40
CA GLU F 165 -37.99 -33.84 47.50
C GLU F 165 -37.55 -34.29 46.11
N ALA F 166 -36.49 -33.65 45.59
CA ALA F 166 -36.03 -33.89 44.23
C ALA F 166 -35.22 -35.17 44.05
N LEU F 167 -34.26 -35.38 44.96
CA LEU F 167 -33.45 -36.60 44.96
C LEU F 167 -34.31 -37.87 44.97
N ASN F 168 -35.39 -37.85 45.74
CA ASN F 168 -36.34 -38.96 45.82
C ASN F 168 -37.03 -39.21 44.46
N ASN F 169 -37.61 -38.16 43.88
CA ASN F 169 -38.27 -38.23 42.57
C ASN F 169 -37.33 -38.70 41.44
N ARG F 170 -36.04 -38.37 41.54
CA ARG F 170 -35.05 -38.78 40.54
C ARG F 170 -34.70 -40.26 40.65
N PHE F 171 -34.57 -40.74 41.89
CA PHE F 171 -34.16 -42.10 42.21
C PHE F 171 -35.26 -42.90 42.92
C1 NAG G . 34.73 12.91 -34.04
C2 NAG G . 34.96 12.56 -35.51
C3 NAG G . 34.22 11.24 -35.86
C4 NAG G . 34.74 10.13 -34.97
C5 NAG G . 34.59 10.56 -33.51
C6 NAG G . 35.10 9.53 -32.52
C7 NAG G . 35.33 14.65 -36.77
C8 NAG G . 34.72 15.63 -37.75
N2 NAG G . 34.55 13.61 -36.43
O3 NAG G . 34.38 10.88 -37.24
O4 NAG G . 33.98 8.92 -35.18
O5 NAG G . 35.24 11.81 -33.26
O6 NAG G . 36.37 8.99 -32.91
O7 NAG G . 36.46 14.82 -36.33
C1 NAG G . 34.57 7.96 -36.09
C2 NAG G . 34.01 6.60 -35.75
C3 NAG G . 34.53 5.52 -36.70
C4 NAG G . 34.30 5.88 -38.17
C5 NAG G . 34.80 7.31 -38.44
C6 NAG G . 34.39 7.76 -39.83
C7 NAG G . 33.46 6.18 -33.37
C8 NAG G . 34.03 5.76 -32.05
N2 NAG G . 34.34 6.22 -34.38
O3 NAG G . 33.87 4.31 -36.35
O4 NAG G . 34.98 4.96 -39.07
O5 NAG G . 34.29 8.25 -37.47
O6 NAG G . 34.76 9.12 -40.05
O7 NAG G . 32.28 6.48 -33.47
C1 BMA G . 34.23 3.79 -39.52
C2 BMA G . 34.43 3.63 -41.06
C3 BMA G . 34.19 2.19 -41.56
C4 BMA G . 34.84 1.17 -40.63
C5 BMA G . 34.24 1.32 -39.23
C6 BMA G . 34.75 0.29 -38.23
O2 BMA G . 35.73 4.05 -41.48
O3 BMA G . 34.68 2.07 -42.91
O4 BMA G . 34.66 -0.16 -41.14
O5 BMA G . 34.57 2.63 -38.73
O6 BMA G . 33.70 -0.09 -37.32
C1 NAG H . 12.29 12.84 15.44
C2 NAG H . 11.30 13.21 16.56
C3 NAG H . 9.99 13.75 15.96
C4 NAG H . 10.27 14.96 15.08
C5 NAG H . 11.33 14.57 14.04
C6 NAG H . 11.76 15.78 13.21
C7 NAG H . 11.73 11.73 18.49
C8 NAG H . 11.23 10.55 19.27
N2 NAG H . 10.98 12.08 17.43
O3 NAG H . 9.08 14.06 17.02
O4 NAG H . 9.04 15.45 14.47
O5 NAG H . 12.50 14.03 14.67
O6 NAG H . 12.94 15.45 12.46
O7 NAG H . 12.77 12.30 18.80
C1 NAG H . 8.85 16.89 14.50
C2 NAG H . 7.94 17.32 13.35
C3 NAG H . 7.53 18.77 13.60
C4 NAG H . 6.56 18.80 14.76
C5 NAG H . 7.05 17.93 15.94
C6 NAG H . 6.04 16.81 16.24
C7 NAG H . 8.37 16.12 11.21
C8 NAG H . 9.17 16.14 9.94
N2 NAG H . 8.60 17.14 12.06
O3 NAG H . 6.90 19.41 12.48
O4 NAG H . 6.31 20.16 15.16
O5 NAG H . 8.38 17.38 15.78
O6 NAG H . 6.41 16.08 17.41
O7 NAG H . 7.56 15.22 11.43
C1 NAG I . 39.62 39.72 -17.96
C2 NAG I . 40.12 38.82 -16.79
C3 NAG I . 39.39 39.15 -15.46
C4 NAG I . 39.12 40.65 -15.25
C5 NAG I . 38.42 41.20 -16.49
C6 NAG I . 37.96 42.66 -16.45
C7 NAG I . 40.49 36.75 -18.17
C8 NAG I . 40.17 35.27 -18.26
N2 NAG I . 39.98 37.38 -17.10
O1 NAG I . 40.61 39.79 -19.01
O3 NAG I . 40.20 38.68 -14.38
O4 NAG I . 38.49 41.11 -14.01
O5 NAG I . 39.34 41.06 -17.57
O6 NAG I . 39.09 43.53 -16.47
O7 NAG I . 41.18 37.28 -19.03
C1 GAL I . 37.69 40.52 -13.01
C2 GAL I . 36.58 41.58 -12.87
C3 GAL I . 35.85 41.33 -11.56
C4 GAL I . 35.47 39.85 -11.43
C5 GAL I . 36.62 38.91 -11.81
C6 GAL I . 36.22 37.45 -11.74
O2 GAL I . 37.09 42.93 -12.88
O3 GAL I . 34.66 42.13 -11.45
O4 GAL I . 34.27 39.56 -12.17
O5 GAL I . 37.15 39.18 -13.11
O6 GAL I . 37.29 36.67 -12.28
C1 SIA I . 37.60 34.80 -11.67
C2 SIA I . 38.08 35.63 -12.87
C3 SIA I . 39.57 35.44 -13.23
C4 SIA I . 39.83 34.02 -13.80
C5 SIA I . 38.94 33.72 -15.01
C6 SIA I . 37.46 34.02 -14.65
C7 SIA I . 36.40 33.92 -15.77
C8 SIA I . 35.00 34.22 -15.21
C9 SIA I . 33.89 33.74 -16.16
C10 SIA I . 39.31 31.89 -16.60
C11 SIA I . 39.49 30.41 -16.76
N5 SIA I . 39.15 32.33 -15.36
O1A SIA I . 36.45 34.24 -11.68
O1B SIA I . 38.35 34.70 -10.68
O4 SIA I . 41.21 33.82 -14.12
O6 SIA I . 37.33 35.34 -14.06
O7 SIA I . 36.74 34.80 -16.87
O8 SIA I . 34.74 33.63 -13.93
O9 SIA I . 32.60 33.88 -15.53
O10 SIA I . 39.27 32.60 -17.58
C1 NAG J . -5.00 -33.96 1.94
C2 NAG J . -5.10 -35.49 2.11
C3 NAG J . -4.97 -36.19 0.76
C4 NAG J . -5.98 -35.64 -0.24
C5 NAG J . -5.79 -34.12 -0.33
C6 NAG J . -6.74 -33.48 -1.35
C7 NAG J . -4.29 -36.58 4.21
C8 NAG J . -3.06 -37.05 4.93
N2 NAG J . -4.07 -36.03 3.00
O3 NAG J . -5.16 -37.61 0.88
O4 NAG J . -5.70 -36.29 -1.49
O5 NAG J . -5.97 -33.53 0.97
O6 NAG J . -7.92 -33.03 -0.68
O7 NAG J . -5.41 -36.68 4.71
C1 NAG J . -6.81 -37.04 -2.04
C2 NAG J . -6.49 -37.22 -3.53
C3 NAG J . -7.43 -38.20 -4.23
C4 NAG J . -7.70 -39.47 -3.38
C5 NAG J . -8.15 -39.04 -1.98
C6 NAG J . -8.61 -40.19 -1.07
C7 NAG J . -5.47 -35.11 -4.35
C8 NAG J . -5.75 -33.76 -4.95
N2 NAG J . -6.54 -35.88 -4.13
O3 NAG J . -6.83 -38.53 -5.49
O4 NAG J . -8.67 -40.31 -4.01
O5 NAG J . -7.07 -38.29 -1.39
O6 NAG J . -7.58 -41.18 -0.92
O7 NAG J . -4.32 -35.44 -4.11
C1 NAG K . 0.06 27.61 -41.87
C2 NAG K . -0.41 29.05 -42.12
C3 NAG K . -1.62 29.44 -41.26
C4 NAG K . -2.69 28.37 -41.31
C5 NAG K . -2.07 27.02 -40.94
C6 NAG K . -3.11 25.90 -40.98
C7 NAG K . 1.54 30.47 -42.69
C8 NAG K . 2.57 31.40 -42.10
N2 NAG K . 0.68 29.98 -41.80
O3 NAG K . -2.17 30.68 -41.69
O4 NAG K . -3.72 28.63 -40.36
O5 NAG K . -1.02 26.68 -41.82
O6 NAG K . -3.87 25.93 -42.21
O7 NAG K . 1.52 30.22 -43.88
C1 NAG K . -4.90 29.20 -40.91
C2 NAG K . -6.03 28.95 -39.92
C3 NAG K . -7.30 29.71 -40.27
C4 NAG K . -7.01 31.19 -40.55
C5 NAG K . -5.90 31.25 -41.61
C6 NAG K . -5.51 32.65 -42.04
C7 NAG K . -6.00 26.75 -38.83
C8 NAG K . -6.37 25.30 -38.92
N2 NAG K . -6.32 27.53 -39.86
O3 NAG K . -8.25 29.57 -39.21
O4 NAG K . -8.20 31.81 -41.05
O5 NAG K . -4.73 30.59 -41.12
O6 NAG K . -4.73 33.28 -41.01
O7 NAG K . -5.41 27.19 -37.86
C1 BMA K . -9.08 32.47 -40.09
C2 BMA K . -9.28 33.93 -40.51
C3 BMA K . -10.75 34.39 -40.61
C4 BMA K . -11.68 33.79 -39.54
C5 BMA K . -11.25 32.38 -39.07
C6 BMA K . -12.46 31.47 -38.90
O2 BMA K . -8.66 34.17 -41.77
O3 BMA K . -11.32 34.05 -41.89
O4 BMA K . -11.74 34.69 -38.43
O5 BMA K . -10.34 31.79 -39.99
O6 BMA K . -12.04 30.23 -38.33
C1 NAG L . 11.36 -16.27 -12.38
C2 NAG L . 12.13 -17.16 -11.41
C3 NAG L . 12.94 -16.28 -10.47
C4 NAG L . 13.79 -15.32 -11.32
C5 NAG L . 12.91 -14.49 -12.26
C6 NAG L . 13.67 -13.48 -13.11
C7 NAG L . 10.90 -19.28 -11.05
C8 NAG L . 10.00 -20.05 -10.12
N2 NAG L . 11.27 -18.05 -10.64
O3 NAG L . 13.76 -17.08 -9.60
O4 NAG L . 14.50 -14.44 -10.47
O5 NAG L . 12.22 -15.39 -13.12
O6 NAG L . 14.95 -14.01 -13.50
O7 NAG L . 11.24 -19.76 -12.12
C1 NAG L . 15.90 -14.75 -10.40
C2 NAG L . 16.59 -13.52 -9.84
C3 NAG L . 18.09 -13.78 -9.88
C4 NAG L . 18.38 -14.93 -8.91
C5 NAG L . 17.53 -16.17 -9.23
C6 NAG L . 17.51 -17.08 -8.01
C7 NAG L . 15.26 -11.44 -10.15
C8 NAG L . 15.06 -10.23 -11.02
N2 NAG L . 16.22 -12.29 -10.55
O3 NAG L . 18.80 -12.60 -9.50
O4 NAG L . 19.78 -15.25 -8.93
O5 NAG L . 16.17 -15.88 -9.57
O6 NAG L . 17.00 -18.37 -8.35
O7 NAG L . 14.57 -11.61 -9.15
C1 NAG M . 22.19 42.48 -13.60
C2 NAG M . 23.60 43.00 -13.53
C3 NAG M . 24.26 42.48 -12.27
C4 NAG M . 23.44 42.83 -11.03
C5 NAG M . 21.94 42.54 -11.17
C6 NAG M . 21.09 43.27 -10.10
C7 NAG M . 24.90 43.39 -15.59
C8 NAG M . 25.58 42.71 -16.74
N2 NAG M . 24.32 42.56 -14.71
O3 NAG M . 25.57 43.05 -12.14
O4 NAG M . 23.92 42.03 -9.95
O5 NAG M . 21.45 42.93 -12.45
O6 NAG M . 21.12 44.69 -10.23
O7 NAG M . 24.89 44.61 -15.49
C1 NAG M . 24.66 42.79 -8.99
C2 NAG M . 24.69 42.01 -7.68
C3 NAG M . 25.51 42.76 -6.65
C4 NAG M . 26.92 43.03 -7.17
C5 NAG M . 26.85 43.75 -8.53
C6 NAG M . 28.24 43.93 -9.15
C7 NAG M . 22.60 40.70 -7.41
C8 NAG M . 21.31 40.63 -6.66
N2 NAG M . 23.38 41.75 -7.11
O3 NAG M . 25.52 41.99 -5.43
O4 NAG M . 27.63 43.86 -6.23
O5 NAG M . 26.00 43.05 -9.45
O6 NAG M . 28.87 42.67 -9.46
O7 NAG M . 22.91 39.85 -8.24
C1 BMA M . 28.41 43.13 -5.25
C2 BMA M . 29.61 43.99 -4.92
C3 BMA M . 30.52 43.32 -3.89
C4 BMA M . 29.73 42.84 -2.68
C5 BMA M . 28.49 42.06 -3.11
C6 BMA M . 27.62 41.70 -1.91
O2 BMA M . 29.16 45.25 -4.41
O3 BMA M . 31.55 44.23 -3.48
O4 BMA M . 30.58 42.02 -1.87
O5 BMA M . 27.71 42.83 -4.03
O6 BMA M . 26.48 40.99 -2.39
C1 MAN M . 32.80 43.97 -4.14
C2 MAN M . 33.91 44.83 -3.54
C3 MAN M . 33.68 46.30 -3.88
C4 MAN M . 33.53 46.51 -5.39
C5 MAN M . 32.52 45.52 -6.00
C6 MAN M . 32.54 45.55 -7.53
O2 MAN M . 35.17 44.39 -4.04
O3 MAN M . 34.78 47.08 -3.40
O4 MAN M . 33.06 47.83 -5.65
O5 MAN M . 32.76 44.17 -5.56
O6 MAN M . 31.23 45.72 -8.08
C1 MAN M . 25.48 40.81 -1.35
C2 MAN M . 24.37 39.92 -1.92
C3 MAN M . 23.48 40.65 -2.93
C4 MAN M . 23.09 42.06 -2.45
C5 MAN M . 24.30 42.82 -1.89
C6 MAN M . 24.01 44.24 -1.36
O2 MAN M . 23.59 39.43 -0.82
O3 MAN M . 22.33 39.87 -3.25
O4 MAN M . 22.53 42.79 -3.55
O5 MAN M . 24.93 42.04 -0.86
O6 MAN M . 22.65 44.43 -0.95
C1 NAG N . -19.80 8.91 -8.63
C2 NAG N . -20.72 7.73 -9.00
C3 NAG N . -19.95 6.70 -9.83
C4 NAG N . -19.26 7.35 -11.03
C5 NAG N . -18.35 8.45 -10.46
C6 NAG N . -17.50 9.19 -11.49
C7 NAG N . -22.39 7.46 -7.16
C8 NAG N . -22.84 6.60 -6.01
N2 NAG N . -21.31 7.04 -7.84
O3 NAG N . -20.85 5.67 -10.27
O4 NAG N . -18.56 6.29 -11.76
O5 NAG N . -19.13 9.44 -9.77
O6 NAG N . -18.26 10.11 -12.29
O7 NAG N . -22.97 8.50 -7.42
C1 NAG N . -18.98 6.01 -13.13
C2 NAG N . -17.73 5.59 -13.90
C3 NAG N . -18.11 4.94 -15.23
C4 NAG N . -18.80 3.61 -14.98
C5 NAG N . -19.81 3.69 -13.80
C6 NAG N . -19.36 2.73 -12.69
C7 NAG N . -15.67 6.92 -13.53
C8 NAG N . -14.94 8.17 -13.95
N2 NAG N . -16.85 6.73 -14.16
O3 NAG N . -16.92 4.72 -16.00
O4 NAG N . -19.47 3.14 -16.17
O5 NAG N . -20.04 5.03 -13.28
O6 NAG N . -20.38 2.62 -11.68
O7 NAG N . -15.24 6.16 -12.69
C1 NAG O . 5.72 -7.86 32.35
C2 NAG O . 6.85 -8.56 33.11
C3 NAG O . 8.22 -7.86 33.02
C4 NAG O . 8.51 -7.22 31.67
C5 NAG O . 7.29 -6.44 31.18
C6 NAG O . 7.50 -5.77 29.81
C7 NAG O . 5.87 -9.71 35.04
C8 NAG O . 5.42 -9.54 36.47
N2 NAG O . 6.38 -8.62 34.48
O3 NAG O . 9.27 -8.81 33.28
O4 NAG O . 9.66 -6.36 31.79
O5 NAG O . 6.19 -7.36 31.09
O6 NAG O . 6.38 -4.93 29.47
O7 NAG O . 5.77 -10.78 34.46
C1 NAG P . 41.37 7.05 -6.15
C2 NAG P . 42.83 7.49 -6.04
C3 NAG P . 43.46 7.31 -7.43
C4 NAG P . 43.34 5.84 -7.89
C5 NAG P . 41.92 5.29 -7.75
C6 NAG P . 41.87 3.74 -7.88
C7 NAG P . 43.01 9.18 -4.23
C8 NAG P . 43.10 10.65 -3.94
N2 NAG P . 42.93 8.85 -5.53
O3 NAG P . 44.84 7.73 -7.42
O4 NAG P . 43.73 5.72 -9.26
O5 NAG P . 41.35 5.65 -6.50
O6 NAG P . 40.58 3.23 -7.49
O7 NAG P . 43.02 8.38 -3.29
C1 NAG Q . -4.10 -1.38 -42.03
C2 NAG Q . -3.89 -1.85 -43.47
C3 NAG Q . -4.39 -0.74 -44.39
C4 NAG Q . -5.86 -0.36 -44.12
C5 NAG Q . -6.31 -0.46 -42.65
C6 NAG Q . -7.78 -0.92 -42.55
C7 NAG Q . -1.92 -3.39 -43.55
C8 NAG Q . -0.49 -3.49 -43.97
N2 NAG Q . -2.50 -2.20 -43.77
O3 NAG Q . -4.25 -1.15 -45.75
O4 NAG Q . -6.06 0.99 -44.55
O5 NAG Q . -5.53 -1.35 -41.84
O6 NAG Q . -8.14 -1.25 -41.20
O7 NAG Q . -2.48 -4.35 -43.03
C1 SIA R . 23.08 6.59 -46.69
C2 SIA R . 23.58 7.74 -47.54
C3 SIA R . 22.94 7.80 -48.94
C4 SIA R . 21.46 8.22 -48.88
C5 SIA R . 21.28 9.54 -48.14
C6 SIA R . 21.95 9.43 -46.77
C7 SIA R . 21.90 10.70 -45.90
C8 SIA R . 22.65 10.50 -44.58
C9 SIA R . 22.37 11.65 -43.62
C10 SIA R . 19.25 10.97 -48.15
C11 SIA R . 17.78 11.02 -47.83
N5 SIA R . 19.85 9.80 -47.96
O1A SIA R . 22.92 5.47 -47.24
O1B SIA R . 22.85 6.76 -45.47
O2 SIA R . 25.00 7.56 -47.68
O4 SIA R . 20.89 8.26 -50.20
O6 SIA R . 23.33 9.00 -46.88
O7 SIA R . 22.45 11.82 -46.60
O8 SIA R . 22.28 9.25 -43.96
O9 SIA R . 23.05 11.40 -42.38
O10 SIA R . 19.82 11.97 -48.53
C1 NAG S . -29.65 -3.07 14.33
C2 NAG S . -30.76 -2.47 15.16
C3 NAG S . -30.66 -0.95 15.08
C4 NAG S . -29.38 -0.48 15.74
C5 NAG S . -28.11 -1.26 15.29
C6 NAG S . -27.09 -1.42 16.45
C7 NAG S . -32.88 -3.73 15.29
C8 NAG S . -34.14 -4.05 14.53
N2 NAG S . -32.05 -2.91 14.65
O3 NAG S . -31.80 -0.36 15.71
O4 NAG S . -29.22 0.93 15.46
O5 NAG S . -28.34 -2.56 14.68
O6 NAG S . -27.55 -2.22 17.56
O7 NAG S . -32.66 -4.19 16.40
C1 SIA T . -3.56 41.53 -31.58
C2 SIA T . -2.61 42.37 -32.43
C3 SIA T . -2.53 43.86 -32.03
C4 SIA T . -1.74 44.07 -30.73
C5 SIA T . -0.37 43.40 -30.77
C6 SIA T . -0.57 41.94 -31.15
C7 SIA T . 0.72 41.12 -31.31
C8 SIA T . 0.43 39.74 -31.93
C9 SIA T . 1.68 38.87 -31.88
C10 SIA T . 1.53 43.67 -29.22
C11 SIA T . 1.92 43.72 -27.77
N5 SIA T . 0.24 43.47 -29.45
O1A SIA T . -4.66 41.98 -31.22
O1B SIA T . -3.24 40.36 -31.26
O2 SIA T . -3.03 42.25 -33.80
O4 SIA T . -1.60 45.47 -30.40
O6 SIA T . -1.29 41.85 -32.38
O7 SIA T . 1.68 41.80 -32.12
O8 SIA T . -0.67 39.08 -31.27
O9 SIA T . 1.31 37.48 -31.95
O10 SIA T . 2.38 43.81 -30.10
#